data_5KOE
#
_entry.id   5KOE
#
_cell.length_a   81.748
_cell.length_b   80.150
_cell.length_c   157.616
_cell.angle_alpha   90.00
_cell.angle_beta   91.91
_cell.angle_gamma   90.00
#
_symmetry.space_group_name_H-M   'P 1 21 1'
#
loop_
_entity.id
_entity.type
_entity.pdbx_description
1 polymer 'Galactoside 2-alpha-L-fucosyltransferase'
2 branched alpha-D-xylopyranose-(1-6)-beta-D-glucopyranose-(1-4)-[alpha-D-xylopyranose-(1-6)]beta-D-glucopyranose-(1-4)-[beta-D-galactopyranose-(1-2)-alpha-D-xylopyranose-(1-6)]beta-D-glucopyranose-(1-4)-beta-D-glucopyranose
3 non-polymer '2-(N-MORPHOLINO)-ETHANESULFONIC ACID'
4 non-polymer 'CHLORIDE ION'
5 non-polymer 'POTASSIUM ION'
6 non-polymer 1,2-ETHANEDIOL
7 non-polymer GLYCEROL
8 water water
#
_entity_poly.entity_id   1
_entity_poly.type   'polypeptide(L)'
_entity_poly.pdbx_seq_one_letter_code
;GGVFPNVTNINSDKLLGGLLASGFDEDSCLSRYQSVHYRKPSPYKPSSYLISKLRNYEKLHKRCGPGTESYKKALKQLDQ
EHIDGDGECKYVVWISFSGLGNRILSLASVFLYALLTDRVLLVDRGKDMDDLFCEPFLGMSWLLPLDFPMTDQFDGLNQE
SSRCYGYMVKNQVIDTEGTLSHLYLHLVHDYGDHDKMFFCEGDQTFIGKVPWLIVKTDNYFVPSLWLIPGFDDELNKLFP
QKATVFHHLGRYLFHPTNQVWGLVTRYYEAYLSHADEKIGIQVRVFDEDPGPFQHVMDQISSCTQKEKLLPEVDTLVERS
RHVNTPKHKAVLVTSLNAGYAENLKSMYWEYPTSTGEIIGVHQPSQEGYQQTEKKMHNGKALAEMYLLSLTDNLVTSAWS
TFGYVAQGLGGLKPWILYRPENRTTPDPSCGRAMSMEPCFHSPPFYDCKAKTGIDTGTLVPHVRHCEDISWGLKLV
;
_entity_poly.pdbx_strand_id   A,B,C,D
#
loop_
_chem_comp.id
_chem_comp.type
_chem_comp.name
_chem_comp.formula
BGC D-saccharide, beta linking beta-D-glucopyranose 'C6 H12 O6'
CL non-polymer 'CHLORIDE ION' 'Cl -1'
EDO non-polymer 1,2-ETHANEDIOL 'C2 H6 O2'
GAL D-saccharide, beta linking beta-D-galactopyranose 'C6 H12 O6'
GOL non-polymer GLYCEROL 'C3 H8 O3'
K non-polymer 'POTASSIUM ION' 'K 1'
MES non-polymer '2-(N-MORPHOLINO)-ETHANESULFONIC ACID' 'C6 H13 N O4 S'
XYS D-saccharide, alpha linking alpha-D-xylopyranose 'C5 H10 O5'
#
# COMPACT_ATOMS: atom_id res chain seq x y z
N ASP A 13 -27.40 19.62 46.43
CA ASP A 13 -26.63 20.30 45.35
C ASP A 13 -25.78 19.38 44.50
N LYS A 14 -26.34 18.95 43.40
CA LYS A 14 -25.68 17.97 42.53
C LYS A 14 -24.43 18.52 41.86
N LEU A 15 -24.28 19.84 41.78
CA LEU A 15 -23.09 20.42 41.17
C LEU A 15 -21.93 20.64 42.15
N LEU A 16 -22.08 20.16 43.41
CA LEU A 16 -21.00 20.23 44.41
C LEU A 16 -20.51 21.62 44.65
N GLY A 17 -21.45 22.53 44.79
CA GLY A 17 -21.10 23.93 45.14
C GLY A 17 -20.62 24.75 43.95
N GLY A 18 -20.82 24.27 42.72
CA GLY A 18 -20.30 24.89 41.52
C GLY A 18 -19.06 24.26 40.94
N LEU A 19 -18.54 23.20 41.52
CA LEU A 19 -17.40 22.54 41.04
C LEU A 19 -17.72 21.92 39.66
N LEU A 20 -18.89 21.31 39.58
CA LEU A 20 -19.34 20.62 38.38
C LEU A 20 -20.21 21.53 37.50
N ALA A 21 -20.13 21.34 36.20
CA ALA A 21 -20.93 22.07 35.25
C ALA A 21 -22.25 21.36 35.10
N SER A 22 -23.30 22.12 34.82
CA SER A 22 -24.58 21.57 34.45
C SER A 22 -24.60 21.24 32.97
N GLY A 23 -25.55 20.44 32.61
CA GLY A 23 -25.75 20.14 31.18
C GLY A 23 -25.29 18.76 30.69
N PHE A 24 -24.68 17.96 31.59
CA PHE A 24 -24.28 16.65 31.17
C PHE A 24 -25.56 15.77 31.04
N ASP A 25 -25.53 14.81 30.15
CA ASP A 25 -26.62 13.79 30.11
C ASP A 25 -26.61 12.92 31.36
N GLU A 26 -27.76 12.85 32.02
N GLU A 26 -27.73 12.87 32.11
CA GLU A 26 -27.89 12.23 33.33
CA GLU A 26 -27.75 12.14 33.40
C GLU A 26 -27.67 10.71 33.30
C GLU A 26 -27.48 10.65 33.17
N ASP A 27 -28.27 10.04 32.31
CA ASP A 27 -28.26 8.60 32.22
C ASP A 27 -26.99 7.97 31.76
N SER A 28 -26.21 8.69 30.94
CA SER A 28 -25.02 8.10 30.40
C SER A 28 -23.86 8.04 31.49
N CYS A 29 -24.04 8.81 32.56
CA CYS A 29 -23.14 8.79 33.71
C CYS A 29 -23.93 9.11 34.96
N LEU A 30 -24.57 8.09 35.49
CA LEU A 30 -25.41 8.28 36.66
C LEU A 30 -24.67 8.76 37.87
N SER A 31 -23.45 8.32 38.07
CA SER A 31 -22.71 8.70 39.28
C SER A 31 -22.57 10.23 39.38
N ARG A 32 -22.44 10.88 38.21
CA ARG A 32 -21.99 12.29 38.15
C ARG A 32 -22.78 13.17 39.07
N TYR A 33 -24.07 13.12 38.85
CA TYR A 33 -24.98 13.91 39.64
C TYR A 33 -25.75 13.13 40.72
N GLN A 34 -25.64 11.80 40.76
N GLN A 34 -25.64 11.81 40.75
CA GLN A 34 -26.29 10.99 41.81
CA GLN A 34 -26.33 11.03 41.79
C GLN A 34 -25.42 10.77 43.02
C GLN A 34 -25.43 10.70 42.98
N SER A 35 -24.13 10.98 42.90
CA SER A 35 -23.22 10.93 44.02
C SER A 35 -23.80 11.66 45.28
N VAL A 36 -24.56 12.71 45.09
CA VAL A 36 -25.23 13.43 46.22
C VAL A 36 -26.26 12.70 47.08
N HIS A 37 -26.92 11.67 46.55
CA HIS A 37 -27.85 10.86 47.32
C HIS A 37 -27.16 9.91 48.31
N TYR A 38 -25.82 9.80 48.20
CA TYR A 38 -25.02 8.85 48.94
C TYR A 38 -23.95 9.46 49.85
N ARG A 39 -23.66 10.73 49.65
CA ARG A 39 -22.56 11.47 50.34
C ARG A 39 -23.04 12.56 51.15
N LYS A 40 -22.48 12.77 52.35
CA LYS A 40 -22.75 14.05 53.00
C LYS A 40 -22.14 15.25 52.15
N PRO A 41 -22.79 16.42 52.23
CA PRO A 41 -22.19 17.57 51.50
C PRO A 41 -20.75 17.92 52.02
N SER A 42 -19.81 18.17 51.12
CA SER A 42 -18.49 18.39 51.61
C SER A 42 -18.46 19.72 52.38
N PRO A 43 -17.79 19.80 53.53
CA PRO A 43 -17.59 21.13 54.09
C PRO A 43 -16.61 22.04 53.37
N TYR A 44 -15.93 21.60 52.35
CA TYR A 44 -14.90 22.41 51.75
C TYR A 44 -15.53 22.99 50.50
N LYS A 45 -15.70 24.31 50.45
CA LYS A 45 -16.23 24.91 49.20
C LYS A 45 -15.20 25.30 48.18
N PRO A 46 -15.31 24.86 46.91
CA PRO A 46 -14.32 25.28 45.93
C PRO A 46 -14.32 26.80 45.79
N SER A 47 -13.16 27.39 45.71
CA SER A 47 -13.09 28.85 45.65
C SER A 47 -13.71 29.37 44.39
N SER A 48 -14.18 30.58 44.42
CA SER A 48 -14.75 31.14 43.20
C SER A 48 -13.71 31.19 42.04
N TYR A 49 -12.41 31.39 42.37
CA TYR A 49 -11.41 31.42 41.37
C TYR A 49 -11.13 30.05 40.78
N LEU A 50 -11.18 28.98 41.60
CA LEU A 50 -11.08 27.59 41.03
C LEU A 50 -12.34 27.30 40.11
N ILE A 51 -13.51 27.75 40.53
CA ILE A 51 -14.68 27.54 39.73
C ILE A 51 -14.53 28.23 38.34
N SER A 52 -14.01 29.47 38.30
CA SER A 52 -13.76 30.17 37.07
C SER A 52 -12.72 29.44 36.27
N LYS A 53 -11.67 28.98 36.97
CA LYS A 53 -10.59 28.31 36.30
C LYS A 53 -11.10 27.06 35.58
N LEU A 54 -11.99 26.33 36.20
CA LEU A 54 -12.52 25.08 35.54
C LEU A 54 -13.46 25.41 34.39
N ARG A 55 -14.33 26.37 34.59
CA ARG A 55 -15.24 26.79 33.50
C ARG A 55 -14.44 27.33 32.35
N ASN A 56 -13.36 28.06 32.58
CA ASN A 56 -12.47 28.48 31.50
C ASN A 56 -11.63 27.34 30.88
N TYR A 57 -11.24 26.34 31.68
CA TYR A 57 -10.61 25.14 31.17
C TYR A 57 -11.50 24.49 30.12
N GLU A 58 -12.76 24.33 30.47
CA GLU A 58 -13.77 23.69 29.58
C GLU A 58 -13.87 24.39 28.20
N LYS A 59 -13.79 25.69 28.20
CA LYS A 59 -13.78 26.54 27.02
C LYS A 59 -12.57 26.20 26.19
N LEU A 60 -11.38 26.09 26.83
CA LEU A 60 -10.18 25.81 26.13
C LEU A 60 -10.19 24.40 25.53
N HIS A 61 -10.69 23.47 26.30
CA HIS A 61 -10.77 22.12 25.89
C HIS A 61 -11.70 21.96 24.74
N LYS A 62 -12.83 22.63 24.79
CA LYS A 62 -13.72 22.60 23.68
C LYS A 62 -13.13 23.19 22.37
N ARG A 63 -12.35 24.27 22.43
CA ARG A 63 -11.64 24.85 21.29
C ARG A 63 -10.47 23.97 20.75
N CYS A 64 -9.72 23.30 21.64
CA CYS A 64 -8.41 22.70 21.34
C CYS A 64 -8.39 21.20 21.47
N GLY A 65 -9.48 20.60 21.92
CA GLY A 65 -9.52 19.21 22.21
C GLY A 65 -9.54 18.23 21.00
N PRO A 66 -9.46 16.93 21.31
CA PRO A 66 -9.39 15.81 20.34
C PRO A 66 -10.38 15.97 19.27
N GLY A 67 -9.92 15.91 18.04
CA GLY A 67 -10.80 15.83 16.95
C GLY A 67 -11.17 17.22 16.41
N THR A 68 -10.86 18.31 17.12
CA THR A 68 -11.16 19.67 16.61
C THR A 68 -10.20 20.04 15.48
N GLU A 69 -10.63 21.03 14.75
CA GLU A 69 -9.81 21.68 13.69
C GLU A 69 -8.47 22.17 14.30
N SER A 70 -8.53 22.79 15.48
CA SER A 70 -7.27 23.17 16.19
C SER A 70 -6.34 22.05 16.51
N TYR A 71 -6.84 20.96 17.06
CA TYR A 71 -6.01 19.81 17.40
C TYR A 71 -5.33 19.25 16.14
N LYS A 72 -6.11 19.21 15.08
CA LYS A 72 -5.58 18.65 13.84
C LYS A 72 -4.45 19.53 13.29
N LYS A 73 -4.62 20.84 13.36
CA LYS A 73 -3.54 21.75 12.97
C LYS A 73 -2.32 21.56 13.92
N ALA A 74 -2.54 21.41 15.24
CA ALA A 74 -1.38 21.28 16.16
C ALA A 74 -0.65 20.01 15.91
N LEU A 75 -1.35 18.97 15.48
CA LEU A 75 -0.65 17.71 15.24
C LEU A 75 0.50 17.84 14.22
N LYS A 76 0.30 18.64 13.17
CA LYS A 76 1.41 18.98 12.22
C LYS A 76 2.74 19.57 12.84
N GLN A 77 2.72 20.09 14.04
CA GLN A 77 3.97 20.54 14.66
C GLN A 77 4.88 19.40 14.94
N LEU A 78 4.27 18.24 15.19
CA LEU A 78 5.02 17.05 15.44
C LEU A 78 5.79 16.62 14.15
N ASP A 79 5.38 17.16 12.99
CA ASP A 79 6.10 16.98 11.72
C ASP A 79 6.63 18.35 11.12
N GLN A 80 7.61 19.01 11.80
CA GLN A 80 8.06 20.37 11.43
C GLN A 80 9.60 20.48 11.34
N ASP A 84 8.48 24.29 13.60
CA ASP A 84 7.56 25.06 14.44
C ASP A 84 7.05 26.30 13.66
N GLY A 85 5.79 26.70 13.78
CA GLY A 85 4.75 26.11 14.62
C GLY A 85 3.88 27.23 15.17
N ASP A 86 4.38 27.89 16.22
CA ASP A 86 3.80 29.12 16.82
C ASP A 86 2.24 29.17 16.89
N GLY A 87 1.65 28.15 17.51
CA GLY A 87 0.22 27.86 17.34
C GLY A 87 -0.72 28.41 18.39
N GLU A 88 -1.92 27.87 18.43
CA GLU A 88 -3.00 28.46 19.15
C GLU A 88 -3.36 27.69 20.44
N CYS A 89 -2.74 26.53 20.60
CA CYS A 89 -3.26 25.50 21.48
C CYS A 89 -1.96 24.80 21.91
N LYS A 90 -1.82 24.55 23.19
N LYS A 90 -1.87 24.53 23.20
CA LYS A 90 -0.74 23.69 23.64
CA LYS A 90 -0.75 23.77 23.74
C LYS A 90 -1.31 22.62 24.54
C LYS A 90 -1.32 22.61 24.57
N TYR A 91 -0.53 21.57 24.73
CA TYR A 91 -1.00 20.31 25.27
C TYR A 91 -0.07 19.71 26.29
N VAL A 92 -0.63 18.93 27.16
CA VAL A 92 0.04 17.99 27.95
C VAL A 92 -0.68 16.64 27.92
N VAL A 93 0.08 15.59 27.55
CA VAL A 93 -0.48 14.25 27.43
C VAL A 93 -0.01 13.39 28.63
N TRP A 94 -0.99 12.87 29.36
CA TRP A 94 -0.77 11.94 30.40
C TRP A 94 -0.67 10.53 29.88
N ILE A 95 0.40 9.87 30.19
CA ILE A 95 0.61 8.46 29.80
C ILE A 95 0.05 7.54 30.86
N SER A 96 -0.77 6.55 30.49
CA SER A 96 -1.34 5.59 31.47
C SER A 96 -0.29 4.59 31.98
N PHE A 97 0.18 4.79 33.22
CA PHE A 97 1.35 4.10 33.74
C PHE A 97 1.08 3.70 35.16
N SER A 98 1.43 2.47 35.53
CA SER A 98 1.37 1.98 36.88
C SER A 98 -0.04 1.61 37.32
N GLY A 99 -0.21 1.32 38.63
CA GLY A 99 -1.48 0.84 39.20
C GLY A 99 -2.55 1.93 39.22
N LEU A 100 -3.78 1.50 39.44
CA LEU A 100 -4.93 2.41 39.37
C LEU A 100 -4.84 3.55 40.37
N GLY A 101 -4.46 3.31 41.62
CA GLY A 101 -4.40 4.41 42.52
C GLY A 101 -3.32 5.40 42.14
N ASN A 102 -2.16 4.95 41.66
CA ASN A 102 -1.09 5.85 41.19
C ASN A 102 -1.64 6.66 40.01
N ARG A 103 -2.37 6.01 39.11
CA ARG A 103 -2.90 6.67 37.97
C ARG A 103 -3.85 7.75 38.29
N ILE A 104 -4.77 7.51 39.15
CA ILE A 104 -5.69 8.50 39.50
C ILE A 104 -5.00 9.76 40.10
N LEU A 105 -4.07 9.51 41.00
CA LEU A 105 -3.38 10.65 41.63
C LEU A 105 -2.49 11.43 40.65
N SER A 106 -1.79 10.68 39.81
CA SER A 106 -0.89 11.28 38.83
C SER A 106 -1.62 12.05 37.76
N LEU A 107 -2.79 11.56 37.35
CA LEU A 107 -3.57 12.21 36.43
C LEU A 107 -4.12 13.52 37.00
N ALA A 108 -4.52 13.48 38.28
CA ALA A 108 -4.97 14.70 38.90
C ALA A 108 -3.87 15.78 39.01
N SER A 109 -2.65 15.32 39.23
CA SER A 109 -1.52 16.14 39.23
C SER A 109 -1.24 16.77 37.88
N VAL A 110 -1.26 15.96 36.82
CA VAL A 110 -1.05 16.48 35.45
C VAL A 110 -2.15 17.49 35.07
N PHE A 111 -3.39 17.26 35.50
CA PHE A 111 -4.49 18.17 35.27
C PHE A 111 -4.19 19.51 35.97
N LEU A 112 -3.77 19.51 37.21
CA LEU A 112 -3.38 20.76 37.86
C LEU A 112 -2.31 21.45 37.03
N TYR A 113 -1.30 20.71 36.61
CA TYR A 113 -0.21 21.28 35.81
C TYR A 113 -0.74 21.96 34.55
N ALA A 114 -1.74 21.33 33.87
CA ALA A 114 -2.43 21.89 32.69
C ALA A 114 -3.05 23.23 33.04
N LEU A 115 -3.78 23.22 34.16
CA LEU A 115 -4.37 24.44 34.60
C LEU A 115 -3.36 25.58 34.80
N LEU A 116 -2.22 25.27 35.45
CA LEU A 116 -1.27 26.28 35.77
C LEU A 116 -0.58 26.80 34.51
N THR A 117 -0.56 26.02 33.39
CA THR A 117 0.23 26.35 32.21
C THR A 117 -0.60 26.60 30.96
N ASP A 118 -1.92 26.74 31.10
CA ASP A 118 -2.80 27.00 29.99
C ASP A 118 -2.75 25.94 28.85
N ARG A 119 -2.56 24.69 29.25
CA ARG A 119 -2.55 23.59 28.39
C ARG A 119 -3.88 22.83 28.44
N VAL A 120 -4.10 22.13 27.37
CA VAL A 120 -5.12 21.10 27.25
C VAL A 120 -4.64 19.79 27.70
N LEU A 121 -5.38 19.13 28.55
CA LEU A 121 -5.02 17.76 29.01
C LEU A 121 -5.62 16.70 28.05
N LEU A 122 -4.77 15.78 27.58
CA LEU A 122 -5.20 14.59 26.87
C LEU A 122 -4.75 13.37 27.70
N VAL A 123 -5.65 12.43 27.76
CA VAL A 123 -5.48 11.23 28.55
C VAL A 123 -5.26 10.05 27.70
N ASP A 124 -4.12 9.41 27.89
CA ASP A 124 -3.90 8.06 27.36
C ASP A 124 -4.86 7.06 28.03
N ARG A 125 -5.70 6.41 27.25
CA ARG A 125 -6.78 5.69 27.87
C ARG A 125 -6.25 4.36 28.38
N GLY A 126 -5.08 3.95 27.88
CA GLY A 126 -4.51 2.73 28.32
C GLY A 126 -5.43 1.53 28.13
N LYS A 127 -5.49 0.62 29.11
CA LYS A 127 -6.37 -0.58 28.98
C LYS A 127 -7.75 -0.38 29.51
N ASP A 128 -7.94 0.61 30.36
CA ASP A 128 -9.24 0.67 31.08
C ASP A 128 -9.80 2.03 31.41
N MET A 129 -9.10 3.14 31.12
CA MET A 129 -9.55 4.42 31.59
C MET A 129 -10.93 4.76 31.12
N ASP A 130 -11.24 4.48 29.88
CA ASP A 130 -12.60 4.74 29.41
C ASP A 130 -13.65 3.76 29.92
N ASP A 131 -13.23 2.58 30.31
CA ASP A 131 -14.12 1.66 30.98
C ASP A 131 -14.48 1.95 32.44
N LEU A 132 -13.61 2.66 33.11
CA LEU A 132 -13.81 3.07 34.50
C LEU A 132 -14.43 4.42 34.69
N PHE A 133 -14.09 5.40 33.80
CA PHE A 133 -14.48 6.79 34.05
C PHE A 133 -15.31 7.45 32.97
N CYS A 134 -16.24 8.27 33.42
CA CYS A 134 -16.98 9.08 32.52
C CYS A 134 -16.16 10.25 31.94
N GLU A 135 -16.72 10.94 30.95
CA GLU A 135 -16.04 12.15 30.46
C GLU A 135 -16.21 13.31 31.46
N PRO A 136 -15.14 14.01 31.85
CA PRO A 136 -15.28 15.14 32.79
C PRO A 136 -15.45 16.52 32.26
N PHE A 137 -15.20 16.69 30.97
CA PHE A 137 -15.29 17.97 30.35
C PHE A 137 -16.46 18.15 29.48
N LEU A 138 -17.32 19.09 29.81
CA LEU A 138 -18.62 19.06 29.13
C LEU A 138 -18.41 19.39 27.67
N GLY A 139 -18.94 18.58 26.78
CA GLY A 139 -18.83 18.89 25.38
C GLY A 139 -17.85 18.12 24.52
N MET A 140 -16.72 17.70 25.11
N MET A 140 -17.02 17.33 25.18
CA MET A 140 -15.55 17.35 24.32
CA MET A 140 -15.75 16.96 24.63
C MET A 140 -14.70 16.33 25.11
C MET A 140 -15.35 15.59 25.15
N SER A 141 -14.28 15.23 24.49
N SER A 141 -14.26 15.06 24.60
CA SER A 141 -13.71 14.10 25.27
CA SER A 141 -13.65 13.91 25.22
C SER A 141 -12.30 14.45 25.77
C SER A 141 -12.33 14.41 25.77
N TRP A 142 -11.88 13.79 26.84
CA TRP A 142 -10.55 14.01 27.33
C TRP A 142 -9.60 12.99 26.84
N LEU A 143 -10.05 11.99 26.07
CA LEU A 143 -9.17 10.91 25.68
C LEU A 143 -8.28 11.31 24.53
N LEU A 144 -7.01 10.95 24.64
CA LEU A 144 -6.10 11.00 23.55
C LEU A 144 -6.58 10.09 22.44
N PRO A 145 -6.67 10.63 21.26
CA PRO A 145 -7.02 9.75 20.14
C PRO A 145 -6.11 8.56 19.95
N LEU A 146 -6.71 7.43 19.58
CA LEU A 146 -6.01 6.21 19.44
C LEU A 146 -5.05 6.23 18.27
N ASP A 147 -5.21 7.15 17.34
CA ASP A 147 -4.21 7.22 16.27
C ASP A 147 -3.16 8.30 16.47
N PHE A 148 -3.05 8.83 17.69
CA PHE A 148 -1.98 9.83 17.94
C PHE A 148 -0.66 9.15 17.55
N PRO A 149 0.16 9.81 16.77
CA PRO A 149 1.31 9.08 16.18
C PRO A 149 2.37 8.58 17.13
N MET A 150 2.57 9.28 18.24
CA MET A 150 3.56 8.86 19.24
C MET A 150 3.15 7.83 20.24
N THR A 151 1.90 7.37 20.15
CA THR A 151 1.45 6.45 21.11
C THR A 151 2.28 5.19 21.32
N ASP A 152 2.77 4.62 20.26
CA ASP A 152 3.40 3.31 20.52
C ASP A 152 4.88 3.48 20.94
N GLN A 153 5.35 4.72 20.99
CA GLN A 153 6.58 5.10 21.72
C GLN A 153 6.43 5.25 23.20
N PHE A 154 5.17 5.34 23.71
CA PHE A 154 5.01 5.70 25.11
C PHE A 154 5.73 4.77 26.09
N ASP A 155 5.66 3.46 25.88
CA ASP A 155 6.31 2.56 26.91
C ASP A 155 7.77 2.65 26.88
N GLY A 156 8.36 2.97 25.74
CA GLY A 156 9.83 3.02 25.57
C GLY A 156 10.42 4.41 25.95
N LEU A 157 9.59 5.43 26.22
CA LEU A 157 10.12 6.70 26.61
C LEU A 157 10.78 6.61 27.99
N ASN A 158 12.03 7.09 28.07
CA ASN A 158 12.78 6.95 29.33
C ASN A 158 13.84 8.06 29.39
N GLN A 159 14.66 7.99 30.42
CA GLN A 159 15.59 9.03 30.66
C GLN A 159 16.64 9.21 29.54
N GLU A 160 16.84 8.17 28.70
CA GLU A 160 17.76 8.33 27.61
C GLU A 160 17.15 8.65 26.27
N SER A 161 15.85 8.95 26.27
CA SER A 161 15.14 9.26 25.04
C SER A 161 15.65 10.65 24.63
N SER A 162 15.89 10.88 23.35
CA SER A 162 16.35 12.19 22.85
C SER A 162 15.59 13.37 23.31
N ARG A 163 14.27 13.27 23.37
N ARG A 163 14.28 13.25 23.38
CA ARG A 163 13.47 14.41 23.80
CA ARG A 163 13.47 14.40 23.80
C ARG A 163 13.04 14.38 25.25
C ARG A 163 13.04 14.38 25.25
N CYS A 164 13.65 13.51 26.04
CA CYS A 164 13.47 13.58 27.50
C CYS A 164 14.11 14.89 27.98
N TYR A 165 13.37 15.67 28.81
CA TYR A 165 13.84 16.95 29.27
C TYR A 165 15.16 16.77 29.96
N GLY A 166 15.22 15.77 30.82
CA GLY A 166 16.46 15.53 31.61
C GLY A 166 17.68 15.18 30.70
N TYR A 167 17.45 14.43 29.64
CA TYR A 167 18.50 14.12 28.71
C TYR A 167 19.00 15.38 27.99
N MET A 168 18.07 16.30 27.65
CA MET A 168 18.46 17.50 26.95
C MET A 168 19.21 18.43 27.92
N VAL A 169 18.88 18.35 29.19
CA VAL A 169 19.54 19.20 30.17
C VAL A 169 21.01 18.73 30.34
N LYS A 170 21.16 17.44 30.58
CA LYS A 170 22.49 16.92 30.98
C LYS A 170 23.44 16.94 29.79
N ASN A 171 22.91 16.87 28.57
CA ASN A 171 23.69 16.94 27.41
C ASN A 171 23.88 18.32 26.77
N GLN A 172 23.23 19.34 27.35
CA GLN A 172 23.18 20.70 26.85
C GLN A 172 22.75 20.72 25.41
N VAL A 173 21.65 20.03 25.13
CA VAL A 173 21.18 19.99 23.77
C VAL A 173 20.69 21.40 23.37
N ILE A 174 21.10 21.80 22.17
CA ILE A 174 20.66 23.05 21.51
C ILE A 174 19.80 22.77 20.24
N ASP A 175 18.68 23.49 20.08
CA ASP A 175 17.91 23.49 18.78
C ASP A 175 17.80 24.92 18.26
N LEU A 180 11.78 23.04 18.54
CA LEU A 180 11.33 22.18 19.64
C LEU A 180 9.79 21.97 19.73
N SER A 181 9.34 20.90 19.10
CA SER A 181 7.92 20.66 19.01
C SER A 181 7.30 19.91 20.24
N HIS A 182 8.11 19.05 20.85
CA HIS A 182 7.64 18.28 21.95
C HIS A 182 8.77 17.91 22.94
N LEU A 183 8.37 17.60 24.14
CA LEU A 183 9.30 17.17 25.20
C LEU A 183 8.61 16.05 25.93
N TYR A 184 9.39 15.08 26.38
CA TYR A 184 9.04 14.03 27.30
C TYR A 184 9.54 14.39 28.71
N LEU A 185 8.66 14.41 29.71
N LEU A 185 8.63 14.44 29.67
CA LEU A 185 9.00 14.70 31.14
CA LEU A 185 8.94 14.63 31.09
C LEU A 185 8.89 13.37 31.94
C LEU A 185 8.93 13.24 31.71
N HIS A 186 10.07 12.84 32.28
CA HIS A 186 10.19 11.59 33.02
C HIS A 186 10.03 11.94 34.49
N LEU A 187 8.88 11.66 35.01
CA LEU A 187 8.58 12.03 36.38
C LEU A 187 8.32 10.74 37.19
N VAL A 188 8.75 9.59 36.70
CA VAL A 188 8.57 8.38 37.37
C VAL A 188 9.50 8.41 38.67
N HIS A 189 9.17 7.56 39.66
CA HIS A 189 9.83 7.59 40.96
C HIS A 189 11.38 7.43 40.85
N ASP A 190 11.89 6.82 39.73
CA ASP A 190 13.31 6.59 39.55
C ASP A 190 14.07 7.70 38.87
N TYR A 191 13.46 8.87 38.82
CA TYR A 191 14.02 9.99 38.06
C TYR A 191 15.23 10.53 38.77
N GLY A 192 16.04 11.33 38.06
CA GLY A 192 17.24 11.87 38.67
C GLY A 192 17.28 13.36 38.66
N ASP A 193 18.48 13.87 38.97
CA ASP A 193 18.68 15.34 39.17
C ASP A 193 18.17 16.15 38.03
N HIS A 194 18.43 15.68 36.83
CA HIS A 194 18.14 16.42 35.62
C HIS A 194 16.64 16.41 35.36
N ASP A 195 16.04 15.27 35.54
CA ASP A 195 14.59 15.17 35.39
C ASP A 195 13.85 16.09 36.41
N LYS A 196 14.44 16.14 37.58
CA LYS A 196 13.88 16.94 38.71
C LYS A 196 13.91 18.49 38.51
N MET A 197 14.68 18.91 37.51
CA MET A 197 14.73 20.29 37.17
C MET A 197 13.36 20.76 36.63
N PHE A 198 12.44 19.83 36.25
CA PHE A 198 11.03 20.18 36.02
C PHE A 198 10.48 21.09 37.16
N PHE A 199 10.95 20.90 38.39
CA PHE A 199 10.42 21.58 39.53
C PHE A 199 11.07 22.92 39.82
N CYS A 200 11.76 23.46 38.83
CA CYS A 200 12.40 24.74 38.95
C CYS A 200 11.77 25.80 37.99
N GLU A 201 11.68 27.05 38.48
CA GLU A 201 11.10 28.15 37.66
C GLU A 201 11.74 28.34 36.28
N GLY A 202 13.07 28.46 36.15
CA GLY A 202 13.69 28.74 34.86
C GLY A 202 13.37 27.62 33.88
N ASP A 203 13.39 26.35 34.37
CA ASP A 203 13.03 25.20 33.51
C ASP A 203 11.61 25.29 33.08
N GLN A 204 10.72 25.70 34.00
CA GLN A 204 9.32 25.87 33.56
C GLN A 204 9.16 26.96 32.50
N THR A 205 9.98 27.98 32.54
CA THR A 205 9.90 29.02 31.45
C THR A 205 10.25 28.41 30.10
N PHE A 206 11.33 27.62 30.06
CA PHE A 206 11.72 26.94 28.82
C PHE A 206 10.60 26.01 28.33
N ILE A 207 10.10 25.12 29.22
CA ILE A 207 9.11 24.11 28.93
C ILE A 207 7.79 24.79 28.48
N GLY A 208 7.52 25.99 28.95
CA GLY A 208 6.33 26.75 28.60
C GLY A 208 6.11 27.08 27.15
N LYS A 209 7.21 27.19 26.43
CA LYS A 209 7.29 27.43 25.03
C LYS A 209 7.02 26.20 24.14
N VAL A 210 7.12 24.99 24.65
CA VAL A 210 7.01 23.77 23.83
C VAL A 210 5.50 23.42 23.71
N PRO A 211 4.97 23.26 22.49
CA PRO A 211 3.55 23.05 22.40
C PRO A 211 3.06 21.70 22.92
N TRP A 212 3.90 20.65 22.84
CA TRP A 212 3.42 19.34 23.24
C TRP A 212 4.30 18.78 24.38
N LEU A 213 3.71 18.49 25.54
CA LEU A 213 4.43 17.82 26.57
C LEU A 213 3.83 16.42 26.73
N ILE A 214 4.67 15.46 27.05
N ILE A 214 4.68 15.42 26.94
CA ILE A 214 4.27 14.08 27.26
CA ILE A 214 4.24 14.04 27.25
C ILE A 214 4.86 13.70 28.63
C ILE A 214 4.84 13.62 28.59
N VAL A 215 4.00 13.35 29.57
CA VAL A 215 4.40 13.05 30.94
C VAL A 215 4.12 11.63 31.34
N LYS A 216 5.11 11.04 31.95
CA LYS A 216 4.90 9.78 32.61
C LYS A 216 5.30 9.88 34.08
N THR A 217 4.41 9.50 34.98
CA THR A 217 4.66 9.55 36.40
C THR A 217 3.77 8.56 37.14
N ASP A 218 4.26 8.07 38.25
CA ASP A 218 3.49 7.29 39.15
C ASP A 218 3.37 8.03 40.53
N ASN A 219 3.63 9.35 40.59
CA ASN A 219 3.50 10.07 41.86
C ASN A 219 2.42 11.17 41.84
N TYR A 220 2.01 11.51 43.03
CA TYR A 220 1.19 12.68 43.23
C TYR A 220 2.18 13.86 43.43
N PHE A 221 2.47 14.64 42.41
CA PHE A 221 3.59 15.64 42.49
C PHE A 221 3.10 17.03 42.78
N VAL A 222 1.81 17.17 43.02
CA VAL A 222 1.19 18.45 43.46
C VAL A 222 2.01 19.27 44.46
N PRO A 223 2.43 18.67 45.56
CA PRO A 223 2.93 19.58 46.54
C PRO A 223 4.18 20.35 46.09
N SER A 224 5.07 19.77 45.25
CA SER A 224 6.28 20.49 44.85
C SER A 224 5.93 21.61 43.82
N LEU A 225 4.76 21.57 43.21
CA LEU A 225 4.31 22.73 42.40
C LEU A 225 4.16 24.01 43.26
N TRP A 226 3.83 23.83 44.51
CA TRP A 226 3.64 24.93 45.41
C TRP A 226 4.92 25.69 45.70
N LEU A 227 6.04 25.03 45.52
CA LEU A 227 7.35 25.65 45.76
C LEU A 227 8.00 26.23 44.44
N ILE A 228 7.28 26.27 43.34
CA ILE A 228 7.72 26.97 42.15
C ILE A 228 7.17 28.42 42.11
N PRO A 229 8.09 29.38 42.05
CA PRO A 229 7.62 30.77 41.90
C PRO A 229 6.74 30.98 40.72
N GLY A 230 5.70 31.77 40.91
CA GLY A 230 4.63 31.96 39.89
C GLY A 230 3.45 30.99 40.07
N PHE A 231 3.79 29.67 40.02
CA PHE A 231 2.77 28.65 40.35
C PHE A 231 2.27 28.98 41.78
N ASP A 232 3.16 29.29 42.71
CA ASP A 232 2.70 29.47 44.10
C ASP A 232 1.58 30.51 44.30
N ASP A 233 1.75 31.69 43.67
CA ASP A 233 0.72 32.71 43.68
C ASP A 233 -0.60 32.18 43.09
N GLU A 234 -0.54 31.53 41.91
CA GLU A 234 -1.79 31.05 41.30
C GLU A 234 -2.50 29.96 42.21
N LEU A 235 -1.72 29.05 42.76
CA LEU A 235 -2.22 27.99 43.62
C LEU A 235 -2.87 28.52 44.85
N ASN A 236 -2.25 29.55 45.43
CA ASN A 236 -2.90 30.15 46.57
C ASN A 236 -4.26 30.86 46.31
N LYS A 237 -4.40 31.40 45.11
N LYS A 237 -4.42 31.39 45.11
CA LYS A 237 -5.65 32.01 44.70
CA LYS A 237 -5.70 32.02 44.68
C LYS A 237 -6.72 30.89 44.49
C LYS A 237 -6.74 30.90 44.47
N LEU A 238 -6.31 29.82 43.84
CA LEU A 238 -7.19 28.70 43.53
C LEU A 238 -7.61 27.88 44.75
N PHE A 239 -6.62 27.59 45.62
CA PHE A 239 -6.83 26.76 46.81
C PHE A 239 -6.27 27.47 48.08
N PRO A 240 -7.00 28.43 48.58
CA PRO A 240 -6.42 29.18 49.70
C PRO A 240 -6.30 28.36 51.02
N GLN A 241 -7.11 27.34 51.18
CA GLN A 241 -6.98 26.45 52.35
C GLN A 241 -5.89 25.36 52.20
N LYS A 242 -5.24 25.36 51.06
CA LYS A 242 -4.07 24.50 50.76
C LYS A 242 -4.41 23.04 50.59
N ALA A 243 -5.04 22.41 51.53
CA ALA A 243 -5.16 20.93 51.44
C ALA A 243 -6.44 20.42 50.82
N THR A 244 -6.89 21.11 49.79
CA THR A 244 -8.13 20.82 49.08
C THR A 244 -7.88 20.49 47.67
N VAL A 245 -6.64 20.31 47.24
CA VAL A 245 -6.34 20.22 45.78
C VAL A 245 -6.91 18.95 45.20
N PHE A 246 -6.58 17.81 45.83
CA PHE A 246 -7.10 16.54 45.31
C PHE A 246 -8.60 16.43 45.58
N HIS A 247 -9.07 16.88 46.73
CA HIS A 247 -10.51 16.80 47.01
C HIS A 247 -11.30 17.44 45.87
N HIS A 248 -10.84 18.62 45.43
CA HIS A 248 -11.61 19.34 44.39
C HIS A 248 -11.31 18.77 43.04
N LEU A 249 -10.05 18.50 42.73
CA LEU A 249 -9.75 18.16 41.35
C LEU A 249 -10.17 16.66 41.08
N GLY A 250 -10.16 15.82 42.14
CA GLY A 250 -10.51 14.43 42.09
C GLY A 250 -11.98 14.28 41.94
N ARG A 251 -12.78 15.08 42.68
CA ARG A 251 -14.18 15.05 42.49
C ARG A 251 -14.65 15.55 41.11
N TYR A 252 -13.92 16.51 40.62
CA TYR A 252 -14.18 17.10 39.30
C TYR A 252 -13.92 16.10 38.20
N LEU A 253 -12.73 15.48 38.26
CA LEU A 253 -12.26 14.70 37.14
C LEU A 253 -12.90 13.28 37.05
N PHE A 254 -13.14 12.64 38.23
CA PHE A 254 -13.34 11.23 38.20
C PHE A 254 -14.78 10.87 38.59
N HIS A 255 -15.54 10.39 37.69
CA HIS A 255 -16.91 9.91 37.93
C HIS A 255 -16.96 8.52 37.39
N PRO A 256 -17.24 7.58 38.21
CA PRO A 256 -17.33 6.19 37.67
C PRO A 256 -18.40 5.90 36.71
N THR A 257 -18.05 5.04 35.76
CA THR A 257 -19.05 4.55 34.80
C THR A 257 -20.19 3.81 35.41
N ASN A 258 -21.31 3.77 34.68
CA ASN A 258 -22.52 3.14 35.20
C ASN A 258 -22.29 1.71 35.72
N GLN A 259 -21.42 0.90 35.12
N GLN A 259 -21.39 0.97 35.08
CA GLN A 259 -21.26 -0.46 35.70
CA GLN A 259 -21.08 -0.38 35.49
C GLN A 259 -20.43 -0.45 36.97
C GLN A 259 -20.44 -0.41 36.88
N VAL A 260 -19.52 0.50 37.10
CA VAL A 260 -18.82 0.66 38.37
C VAL A 260 -19.75 1.20 39.46
N TRP A 261 -20.55 2.21 39.10
CA TRP A 261 -21.46 2.81 39.98
C TRP A 261 -22.58 1.90 40.44
N GLY A 262 -22.94 0.90 39.65
CA GLY A 262 -23.88 -0.12 40.07
C GLY A 262 -23.31 -0.93 41.17
N LEU A 263 -22.01 -1.26 41.08
CA LEU A 263 -21.37 -2.01 42.13
C LEU A 263 -21.39 -1.23 43.45
N VAL A 264 -21.17 0.09 43.35
CA VAL A 264 -21.21 1.01 44.47
C VAL A 264 -22.59 1.08 45.10
N THR A 265 -23.56 1.40 44.31
CA THR A 265 -24.90 1.68 44.89
C THR A 265 -25.47 0.38 45.43
N ARG A 266 -25.37 -0.74 44.72
CA ARG A 266 -25.91 -1.97 45.20
C ARG A 266 -25.26 -2.38 46.52
N TYR A 267 -23.95 -2.19 46.64
CA TYR A 267 -23.30 -2.62 47.86
C TYR A 267 -23.75 -1.76 49.06
N TYR A 268 -23.73 -0.47 48.80
CA TYR A 268 -24.04 0.49 49.79
C TYR A 268 -25.48 0.28 50.32
N GLU A 269 -26.45 0.18 49.41
CA GLU A 269 -27.83 -0.01 49.78
C GLU A 269 -28.06 -1.31 50.47
N ALA A 270 -27.41 -2.40 50.04
CA ALA A 270 -27.62 -3.66 50.77
C ALA A 270 -27.01 -3.80 52.10
N TYR A 271 -25.81 -3.29 52.30
CA TYR A 271 -25.03 -3.61 53.44
C TYR A 271 -24.72 -2.42 54.41
N LEU A 272 -24.69 -1.20 53.90
CA LEU A 272 -24.16 -0.10 54.62
C LEU A 272 -25.07 1.03 55.03
N SER A 273 -26.23 1.01 54.38
N SER A 273 -26.05 1.36 54.22
CA SER A 273 -27.18 2.06 54.34
CA SER A 273 -26.81 2.61 54.38
C SER A 273 -28.02 2.12 55.60
C SER A 273 -27.63 2.71 55.66
N HIS A 274 -28.14 1.03 56.34
N HIS A 274 -28.07 1.55 56.10
CA HIS A 274 -28.94 1.12 57.53
CA HIS A 274 -28.89 1.44 57.26
C HIS A 274 -28.21 1.60 58.75
C HIS A 274 -28.20 1.84 58.60
N ALA A 275 -26.88 1.67 58.72
CA ALA A 275 -26.10 1.93 59.92
C ALA A 275 -26.13 3.38 60.30
N ASP A 276 -26.07 3.66 61.61
CA ASP A 276 -25.94 5.01 62.10
C ASP A 276 -24.60 5.61 61.79
N GLU A 277 -23.56 4.81 61.70
CA GLU A 277 -22.24 5.32 61.39
C GLU A 277 -21.50 4.21 60.60
N LYS A 278 -20.73 4.65 59.63
CA LYS A 278 -20.00 3.74 58.77
C LYS A 278 -18.50 3.95 58.97
N ILE A 279 -17.76 2.86 59.20
CA ILE A 279 -16.31 2.96 59.36
C ILE A 279 -15.71 2.20 58.21
N GLY A 280 -14.80 2.84 57.52
CA GLY A 280 -14.04 2.18 56.49
C GLY A 280 -12.69 1.77 57.00
N ILE A 281 -12.21 0.61 56.60
CA ILE A 281 -10.88 0.15 56.92
C ILE A 281 -10.22 -0.31 55.64
N GLN A 282 -9.23 0.44 55.16
CA GLN A 282 -8.55 0.12 53.86
C GLN A 282 -7.25 -0.59 54.24
N VAL A 283 -7.21 -1.90 54.04
CA VAL A 283 -6.02 -2.68 54.38
C VAL A 283 -5.14 -2.97 53.18
N ARG A 284 -3.91 -2.56 53.21
CA ARG A 284 -2.97 -2.96 52.19
C ARG A 284 -1.73 -3.41 52.97
N VAL A 285 -1.19 -4.61 52.65
CA VAL A 285 -0.06 -5.11 53.37
C VAL A 285 1.09 -5.30 52.38
N PHE A 286 2.13 -4.49 52.50
CA PHE A 286 3.21 -4.57 51.51
C PHE A 286 4.15 -5.68 51.96
N ASP A 287 3.88 -6.89 51.51
CA ASP A 287 4.67 -8.06 51.89
C ASP A 287 4.63 -9.10 50.81
N GLU A 288 5.78 -9.71 50.60
CA GLU A 288 5.97 -10.91 49.77
C GLU A 288 5.04 -12.11 50.06
N ASP A 289 4.98 -12.55 51.31
CA ASP A 289 4.12 -13.70 51.68
C ASP A 289 2.65 -13.33 51.63
N PRO A 290 1.78 -14.32 51.34
CA PRO A 290 0.41 -13.96 51.00
C PRO A 290 -0.37 -13.37 52.18
N GLY A 291 -0.09 -13.80 53.41
CA GLY A 291 -0.91 -13.45 54.58
C GLY A 291 -1.88 -14.57 55.00
N PRO A 292 -2.70 -14.32 56.04
CA PRO A 292 -2.88 -13.00 56.67
C PRO A 292 -2.13 -12.91 57.98
N PHE A 293 -1.74 -11.69 58.36
CA PHE A 293 -0.77 -11.53 59.40
C PHE A 293 -1.42 -11.12 60.73
N GLN A 294 -1.12 -11.85 61.78
CA GLN A 294 -1.64 -11.52 63.14
C GLN A 294 -1.29 -10.11 63.61
N HIS A 295 -0.08 -9.66 63.30
CA HIS A 295 0.38 -8.37 63.75
C HIS A 295 -0.43 -7.23 63.12
N VAL A 296 -1.01 -7.51 61.93
CA VAL A 296 -1.83 -6.56 61.22
C VAL A 296 -3.24 -6.60 61.79
N MET A 297 -3.79 -7.77 62.04
CA MET A 297 -5.06 -7.89 62.77
C MET A 297 -5.06 -7.13 64.09
N ASP A 298 -3.96 -7.33 64.79
CA ASP A 298 -3.80 -6.67 66.08
C ASP A 298 -3.70 -5.14 65.94
N GLN A 299 -3.03 -4.72 64.86
CA GLN A 299 -2.90 -3.30 64.61
C GLN A 299 -4.27 -2.64 64.39
N ILE A 300 -5.11 -3.35 63.61
CA ILE A 300 -6.43 -2.88 63.23
C ILE A 300 -7.31 -2.76 64.48
N SER A 301 -7.31 -3.77 65.32
N SER A 301 -7.17 -3.73 65.37
CA SER A 301 -8.22 -3.76 66.48
CA SER A 301 -7.91 -3.68 66.63
C SER A 301 -7.82 -2.63 67.49
C SER A 301 -7.23 -2.71 67.60
N SER A 302 -6.55 -2.56 67.77
N SER A 302 -5.91 -2.55 67.57
CA SER A 302 -5.95 -1.51 68.60
CA SER A 302 -5.34 -1.58 68.45
C SER A 302 -6.19 -0.10 68.01
C SER A 302 -5.87 -0.17 68.04
N CYS A 303 -5.85 0.08 66.72
CA CYS A 303 -6.16 1.38 66.15
C CYS A 303 -7.61 1.77 66.39
N THR A 304 -8.53 0.91 65.92
CA THR A 304 -9.94 1.30 65.88
C THR A 304 -10.41 1.48 67.31
N GLN A 305 -9.92 0.66 68.23
CA GLN A 305 -10.41 0.74 69.61
C GLN A 305 -9.74 1.95 70.38
N LYS A 306 -8.45 2.18 70.21
CA LYS A 306 -7.92 3.37 70.95
C LYS A 306 -8.50 4.67 70.38
N GLU A 307 -8.84 4.73 69.08
CA GLU A 307 -9.47 5.96 68.57
C GLU A 307 -10.97 6.06 68.71
N LYS A 308 -11.56 5.10 69.43
CA LYS A 308 -12.99 5.03 69.64
C LYS A 308 -13.80 4.99 68.36
N LEU A 309 -13.24 4.42 67.30
CA LEU A 309 -13.99 4.22 66.10
C LEU A 309 -14.79 2.94 66.24
N LEU A 310 -14.25 1.95 66.94
CA LEU A 310 -14.99 0.73 67.16
C LEU A 310 -14.85 0.42 68.63
N PRO A 311 -15.84 -0.22 69.21
CA PRO A 311 -15.83 -0.55 70.65
C PRO A 311 -15.07 -1.85 70.97
N GLU A 312 -14.58 -1.87 72.20
CA GLU A 312 -13.93 -3.01 72.74
C GLU A 312 -15.00 -4.11 72.92
N VAL A 313 -14.56 -5.34 73.01
CA VAL A 313 -15.46 -6.42 73.37
C VAL A 313 -15.00 -6.93 74.70
N ASP A 314 -15.87 -7.66 75.37
CA ASP A 314 -15.49 -8.18 76.70
C ASP A 314 -16.18 -9.45 76.99
N THR A 315 -15.67 -10.11 78.00
CA THR A 315 -16.11 -11.43 78.39
C THR A 315 -16.76 -11.37 79.77
N LEU A 316 -17.12 -10.19 80.29
CA LEU A 316 -17.84 -10.13 81.59
C LEU A 316 -19.19 -10.83 81.49
N VAL A 317 -19.65 -11.42 82.60
CA VAL A 317 -20.97 -12.03 82.69
C VAL A 317 -22.04 -10.97 83.00
N GLU A 318 -21.77 -10.15 84.02
CA GLU A 318 -22.65 -9.03 84.43
C GLU A 318 -23.19 -8.17 83.26
N ASN A 324 -28.77 4.80 77.04
CA ASN A 324 -28.61 3.38 76.69
C ASN A 324 -29.57 2.94 75.53
N THR A 325 -29.43 3.57 74.37
CA THR A 325 -30.04 3.04 73.12
C THR A 325 -29.00 2.82 71.97
N PRO A 326 -29.05 1.62 71.30
CA PRO A 326 -27.81 1.13 70.68
C PRO A 326 -27.61 1.68 69.28
N LYS A 327 -26.48 2.36 69.08
N LYS A 327 -26.46 2.29 69.03
CA LYS A 327 -26.03 2.76 67.73
CA LYS A 327 -26.14 2.74 67.68
C LYS A 327 -25.74 1.49 66.97
C LYS A 327 -25.56 1.57 66.86
N HIS A 328 -25.88 1.55 65.65
N HIS A 328 -26.04 1.44 65.63
CA HIS A 328 -25.47 0.47 64.79
CA HIS A 328 -25.54 0.41 64.72
C HIS A 328 -24.34 1.02 63.93
C HIS A 328 -24.36 1.02 63.95
N LYS A 329 -23.21 0.34 63.95
CA LYS A 329 -22.08 0.68 63.11
C LYS A 329 -21.83 -0.36 62.09
N ALA A 330 -21.58 0.03 60.87
CA ALA A 330 -21.18 -0.89 59.78
C ALA A 330 -19.71 -0.63 59.40
N VAL A 331 -18.91 -1.67 59.40
CA VAL A 331 -17.53 -1.58 59.10
C VAL A 331 -17.34 -2.14 57.71
N LEU A 332 -16.81 -1.33 56.80
CA LEU A 332 -16.46 -1.77 55.44
C LEU A 332 -14.97 -2.00 55.45
N VAL A 333 -14.55 -3.24 55.23
CA VAL A 333 -13.13 -3.58 55.14
C VAL A 333 -12.77 -3.91 53.69
N THR A 334 -11.80 -3.23 53.12
CA THR A 334 -11.31 -3.65 51.85
C THR A 334 -9.91 -4.20 52.01
N SER A 335 -9.61 -5.29 51.33
CA SER A 335 -8.34 -5.95 51.41
C SER A 335 -8.27 -6.99 50.31
N LEU A 336 -7.08 -7.21 49.78
CA LEU A 336 -6.76 -8.43 48.93
C LEU A 336 -7.00 -9.77 49.66
N ASN A 337 -6.60 -9.89 50.93
CA ASN A 337 -6.84 -11.15 51.66
C ASN A 337 -8.06 -10.97 52.56
N ALA A 338 -8.97 -11.97 52.60
CA ALA A 338 -10.24 -11.83 53.32
C ALA A 338 -10.07 -12.01 54.84
N GLY A 339 -8.89 -12.47 55.27
CA GLY A 339 -8.70 -12.76 56.72
C GLY A 339 -8.86 -11.64 57.70
N TYR A 340 -8.63 -10.39 57.26
CA TYR A 340 -8.72 -9.23 58.11
C TYR A 340 -10.21 -8.95 58.45
N ALA A 341 -11.05 -8.91 57.46
CA ALA A 341 -12.47 -8.76 57.68
C ALA A 341 -13.04 -9.93 58.45
N GLU A 342 -12.57 -11.15 58.16
CA GLU A 342 -13.09 -12.32 58.88
C GLU A 342 -12.75 -12.27 60.35
N ASN A 343 -11.51 -11.86 60.65
CA ASN A 343 -11.07 -11.76 62.02
C ASN A 343 -11.94 -10.79 62.77
N LEU A 344 -12.17 -9.60 62.25
CA LEU A 344 -13.06 -8.61 62.88
C LEU A 344 -14.51 -9.00 62.98
N LYS A 345 -14.99 -9.58 61.89
CA LYS A 345 -16.33 -10.07 61.88
C LYS A 345 -16.59 -11.14 63.00
N SER A 346 -15.71 -12.06 63.10
CA SER A 346 -15.77 -13.06 64.09
C SER A 346 -15.61 -12.59 65.52
N MET A 347 -14.77 -11.56 65.74
CA MET A 347 -14.63 -10.97 67.02
C MET A 347 -15.99 -10.38 67.50
N TYR A 348 -16.65 -9.61 66.66
CA TYR A 348 -17.90 -8.93 67.04
C TYR A 348 -19.10 -9.90 67.01
N TRP A 349 -18.95 -11.06 66.39
CA TRP A 349 -19.96 -12.13 66.54
C TRP A 349 -19.83 -12.86 67.88
N GLU A 350 -18.59 -13.12 68.25
CA GLU A 350 -18.36 -14.06 69.37
C GLU A 350 -18.39 -13.41 70.73
N TYR A 351 -18.22 -12.10 70.78
CA TYR A 351 -18.27 -11.33 72.06
C TYR A 351 -19.19 -10.10 72.06
N PRO A 352 -19.83 -9.81 73.20
CA PRO A 352 -20.62 -8.59 73.24
C PRO A 352 -19.65 -7.31 73.24
N THR A 353 -20.19 -6.17 72.81
CA THR A 353 -19.46 -4.94 72.90
C THR A 353 -19.54 -4.42 74.32
N SER A 354 -18.46 -3.77 74.73
CA SER A 354 -18.44 -3.12 76.00
C SER A 354 -19.45 -1.95 76.04
N THR A 355 -19.73 -1.36 74.90
CA THR A 355 -20.64 -0.20 74.83
C THR A 355 -22.12 -0.61 74.61
N GLY A 356 -22.41 -1.87 74.20
CA GLY A 356 -23.75 -2.16 73.69
C GLY A 356 -24.01 -1.77 72.22
N GLU A 357 -23.08 -1.11 71.55
CA GLU A 357 -23.21 -0.92 70.11
C GLU A 357 -23.31 -2.20 69.34
N ILE A 358 -24.08 -2.12 68.25
CA ILE A 358 -24.27 -3.18 67.31
C ILE A 358 -23.25 -3.03 66.14
N ILE A 359 -22.34 -3.99 65.96
CA ILE A 359 -21.30 -3.85 64.94
C ILE A 359 -21.54 -4.94 63.86
N GLY A 360 -21.65 -4.55 62.62
CA GLY A 360 -21.67 -5.44 61.41
C GLY A 360 -20.41 -5.17 60.64
N VAL A 361 -19.70 -6.21 60.24
CA VAL A 361 -18.49 -6.18 59.49
C VAL A 361 -18.71 -6.75 58.10
N HIS A 362 -18.31 -5.97 57.07
CA HIS A 362 -18.67 -6.25 55.69
C HIS A 362 -17.44 -6.11 54.78
N GLN A 363 -17.29 -7.04 53.88
CA GLN A 363 -16.31 -6.96 52.86
C GLN A 363 -16.82 -7.40 51.49
N PRO A 364 -16.43 -6.69 50.45
CA PRO A 364 -17.04 -7.03 49.15
C PRO A 364 -16.62 -8.37 48.62
N SER A 365 -17.41 -8.96 47.78
CA SER A 365 -17.02 -10.26 47.19
C SER A 365 -15.55 -10.31 46.69
N GLN A 366 -14.85 -11.37 47.03
CA GLN A 366 -13.50 -11.57 46.50
C GLN A 366 -13.58 -12.31 45.10
N GLU A 367 -14.37 -13.38 45.04
CA GLU A 367 -14.47 -14.17 43.83
C GLU A 367 -15.56 -13.54 42.95
N GLY A 368 -15.30 -13.43 41.67
CA GLY A 368 -16.33 -12.94 40.78
C GLY A 368 -17.34 -14.04 40.56
N TYR A 369 -18.50 -13.65 40.09
CA TYR A 369 -19.59 -14.57 39.91
C TYR A 369 -19.39 -15.28 38.56
N MET A 376 -12.59 -5.20 34.37
CA MET A 376 -13.45 -5.02 35.55
C MET A 376 -12.91 -5.69 36.89
N HIS A 377 -11.60 -6.16 36.84
CA HIS A 377 -10.67 -6.34 38.03
C HIS A 377 -10.61 -4.95 38.61
N ASN A 378 -10.30 -3.99 37.66
CA ASN A 378 -10.25 -2.60 38.04
C ASN A 378 -11.59 -2.07 38.32
N GLY A 379 -12.63 -2.65 37.74
CA GLY A 379 -14.05 -2.28 38.04
C GLY A 379 -14.37 -2.36 39.55
N LYS A 380 -14.11 -3.54 40.11
CA LYS A 380 -14.30 -3.76 41.52
C LYS A 380 -13.35 -2.96 42.39
N ALA A 381 -12.08 -2.85 41.98
CA ALA A 381 -11.15 -1.99 42.72
C ALA A 381 -11.56 -0.54 42.80
N LEU A 382 -12.00 0.02 41.68
CA LEU A 382 -12.54 1.37 41.72
C LEU A 382 -13.80 1.44 42.61
N ALA A 383 -14.73 0.46 42.46
CA ALA A 383 -15.94 0.44 43.33
C ALA A 383 -15.62 0.46 44.81
N GLU A 384 -14.57 -0.26 45.17
CA GLU A 384 -14.15 -0.27 46.53
C GLU A 384 -13.58 1.02 47.02
N MET A 385 -12.78 1.72 46.21
CA MET A 385 -12.27 3.00 46.59
C MET A 385 -13.45 3.93 46.84
N TYR A 386 -14.46 3.88 45.94
CA TYR A 386 -15.63 4.74 46.09
C TYR A 386 -16.46 4.40 47.35
N LEU A 387 -16.61 3.11 47.63
CA LEU A 387 -17.35 2.65 48.84
C LEU A 387 -16.66 3.16 50.15
N LEU A 388 -15.34 3.06 50.19
CA LEU A 388 -14.57 3.64 51.30
C LEU A 388 -14.81 5.16 51.48
N SER A 389 -14.89 5.86 50.34
CA SER A 389 -15.13 7.28 50.31
C SER A 389 -16.51 7.64 50.79
N LEU A 390 -17.42 6.67 50.87
CA LEU A 390 -18.78 6.91 51.36
C LEU A 390 -18.85 6.66 52.87
N THR A 391 -17.78 6.23 53.51
CA THR A 391 -17.82 6.04 54.91
C THR A 391 -17.69 7.36 55.72
N ASP A 392 -17.99 7.31 57.04
CA ASP A 392 -17.96 8.45 57.91
C ASP A 392 -16.57 8.73 58.49
N ASN A 393 -15.89 7.66 58.89
CA ASN A 393 -14.54 7.71 59.44
C ASN A 393 -13.74 6.63 58.72
N LEU A 394 -12.52 6.95 58.29
CA LEU A 394 -11.75 6.04 57.44
C LEU A 394 -10.39 5.77 58.03
N VAL A 395 -10.03 4.50 58.04
CA VAL A 395 -8.69 4.03 58.47
C VAL A 395 -8.00 3.60 57.18
N THR A 396 -6.78 4.07 56.95
CA THR A 396 -6.03 3.75 55.70
C THR A 396 -4.73 3.07 56.07
N SER A 397 -4.07 2.48 55.08
CA SER A 397 -2.81 1.85 55.25
C SER A 397 -1.65 2.79 54.73
N ALA A 398 -0.64 2.88 55.55
CA ALA A 398 0.54 3.66 55.18
C ALA A 398 1.10 3.28 53.82
N TRP A 399 1.45 4.36 53.08
CA TRP A 399 1.97 4.27 51.73
C TRP A 399 0.93 3.94 50.63
N SER A 400 -0.30 3.64 50.97
CA SER A 400 -1.28 3.16 49.96
C SER A 400 -1.94 4.25 49.18
N THR A 401 -1.65 4.34 47.90
CA THR A 401 -2.29 5.37 47.06
C THR A 401 -3.75 5.04 46.88
N PHE A 402 -4.11 3.78 46.98
CA PHE A 402 -5.50 3.40 47.07
C PHE A 402 -6.25 4.10 48.21
N GLY A 403 -5.67 4.09 49.40
CA GLY A 403 -6.22 4.82 50.51
C GLY A 403 -6.29 6.33 50.26
N TYR A 404 -5.22 6.91 49.68
CA TYR A 404 -5.24 8.36 49.35
C TYR A 404 -6.40 8.73 48.43
N VAL A 405 -6.69 7.91 47.41
CA VAL A 405 -7.77 8.22 46.53
C VAL A 405 -9.09 8.24 47.31
N ALA A 406 -9.34 7.22 48.11
CA ALA A 406 -10.56 7.13 48.85
C ALA A 406 -10.81 8.27 49.82
N GLN A 407 -9.75 8.70 50.51
CA GLN A 407 -9.86 9.72 51.47
C GLN A 407 -10.15 11.08 50.76
N GLY A 408 -9.49 11.28 49.64
CA GLY A 408 -9.64 12.45 48.84
C GLY A 408 -11.02 12.66 48.25
N LEU A 409 -11.57 11.59 47.68
CA LEU A 409 -12.91 11.69 47.13
C LEU A 409 -13.97 11.86 48.22
N GLY A 410 -13.68 11.37 49.40
CA GLY A 410 -14.65 11.44 50.44
C GLY A 410 -14.50 12.62 51.34
N GLY A 411 -13.47 13.41 51.14
CA GLY A 411 -13.16 14.48 52.08
C GLY A 411 -12.87 13.99 53.47
N LEU A 412 -12.21 12.84 53.60
CA LEU A 412 -11.96 12.17 54.89
C LEU A 412 -10.53 12.48 55.30
N LYS A 413 -10.30 12.89 56.51
CA LYS A 413 -8.98 12.92 57.07
C LYS A 413 -8.84 11.62 57.82
N PRO A 414 -8.06 10.71 57.26
CA PRO A 414 -8.02 9.39 57.84
C PRO A 414 -7.19 9.17 59.08
N TRP A 415 -7.38 8.02 59.69
CA TRP A 415 -6.43 7.53 60.68
C TRP A 415 -5.57 6.57 59.88
N ILE A 416 -4.28 6.76 59.96
CA ILE A 416 -3.35 5.97 59.19
C ILE A 416 -2.71 4.84 60.00
N LEU A 417 -2.84 3.60 59.53
CA LEU A 417 -2.14 2.43 60.12
C LEU A 417 -0.68 2.50 59.71
N TYR A 418 0.19 2.81 60.64
CA TYR A 418 1.60 2.95 60.27
C TYR A 418 2.20 1.66 59.69
N ARG A 419 3.18 1.81 58.82
CA ARG A 419 3.80 0.70 58.17
C ARG A 419 4.58 -0.18 59.13
N PRO A 420 4.21 -1.44 59.27
CA PRO A 420 5.00 -2.30 60.14
C PRO A 420 6.43 -2.65 59.60
N GLU A 421 7.37 -2.78 60.50
CA GLU A 421 8.67 -3.36 60.17
C GLU A 421 8.74 -4.69 60.94
N ASN A 422 9.28 -5.73 60.29
CA ASN A 422 9.56 -7.06 60.91
C ASN A 422 8.37 -7.66 61.62
N ARG A 423 7.20 -7.55 61.02
CA ARG A 423 6.01 -8.27 61.53
C ARG A 423 5.71 -8.06 63.00
N THR A 424 5.88 -6.83 63.39
CA THR A 424 5.63 -6.35 64.71
C THR A 424 4.60 -5.21 64.58
N THR A 425 3.52 -5.36 65.31
CA THR A 425 2.56 -4.32 65.46
C THR A 425 3.25 -3.01 65.85
N PRO A 426 3.07 -1.96 65.05
CA PRO A 426 3.63 -0.67 65.43
C PRO A 426 2.93 -0.17 66.71
N ASP A 427 3.69 0.58 67.50
CA ASP A 427 3.17 1.26 68.69
C ASP A 427 3.66 2.71 68.78
N PRO A 428 2.80 3.71 68.60
CA PRO A 428 1.35 3.56 68.43
C PRO A 428 0.91 2.83 67.12
N SER A 429 -0.24 2.18 67.12
CA SER A 429 -0.72 1.45 65.94
C SER A 429 -1.06 2.39 64.76
N CYS A 430 -1.66 3.52 65.10
CA CYS A 430 -2.10 4.48 64.10
C CYS A 430 -2.06 5.88 64.66
N GLY A 431 -2.19 6.84 63.73
CA GLY A 431 -2.40 8.22 64.08
C GLY A 431 -3.25 8.95 63.07
N ARG A 432 -3.95 10.01 63.54
CA ARG A 432 -4.74 10.84 62.62
C ARG A 432 -3.81 11.50 61.57
N ALA A 433 -4.27 11.57 60.37
CA ALA A 433 -3.49 12.27 59.40
C ALA A 433 -3.57 13.78 59.65
N MET A 434 -2.64 14.53 59.10
CA MET A 434 -2.67 15.99 59.22
C MET A 434 -3.76 16.62 58.33
N SER A 435 -3.99 15.97 57.20
CA SER A 435 -5.00 16.48 56.28
C SER A 435 -5.50 15.38 55.44
N MET A 436 -6.53 15.64 54.59
CA MET A 436 -7.01 14.63 53.66
C MET A 436 -6.15 14.45 52.43
N GLU A 437 -5.14 15.29 52.25
CA GLU A 437 -4.37 15.25 51.03
C GLU A 437 -3.59 13.91 50.86
N PRO A 438 -3.42 13.51 49.58
CA PRO A 438 -2.40 12.52 49.33
C PRO A 438 -0.96 13.01 49.54
N CYS A 439 -0.07 11.97 49.53
CA CYS A 439 1.36 12.21 49.73
C CYS A 439 2.14 12.02 48.43
N PHE A 440 3.07 12.95 48.14
CA PHE A 440 4.08 12.83 47.15
C PHE A 440 5.24 12.01 47.65
N HIS A 441 5.35 10.78 47.16
CA HIS A 441 6.31 9.82 47.66
C HIS A 441 7.76 10.08 47.31
N SER A 442 8.02 10.62 46.13
CA SER A 442 9.41 10.81 45.65
C SER A 442 9.70 12.26 45.20
N PRO A 443 9.64 13.25 46.14
CA PRO A 443 9.87 14.66 45.78
C PRO A 443 11.31 15.03 45.55
N PRO A 444 11.58 16.08 44.79
CA PRO A 444 12.92 16.63 44.72
C PRO A 444 13.26 17.34 46.08
N PHE A 445 14.56 17.37 46.30
CA PHE A 445 15.15 18.02 47.45
C PHE A 445 16.19 19.00 46.96
N TYR A 446 15.83 19.98 46.14
CA TYR A 446 16.78 20.83 45.50
C TYR A 446 16.31 22.29 45.63
N ASP A 447 17.23 23.15 46.07
CA ASP A 447 16.98 24.59 46.02
C ASP A 447 17.44 25.12 44.67
N CYS A 448 16.49 25.45 43.81
CA CYS A 448 16.78 25.93 42.43
C CYS A 448 17.57 27.23 42.40
N LYS A 449 17.38 28.09 43.39
CA LYS A 449 18.07 29.39 43.41
C LYS A 449 19.54 29.30 43.88
N ALA A 450 19.77 28.55 44.96
CA ALA A 450 21.14 28.35 45.44
C ALA A 450 21.81 27.18 44.72
N LYS A 451 21.08 26.39 43.96
CA LYS A 451 21.66 25.19 43.29
C LYS A 451 22.33 24.19 44.22
N THR A 452 21.60 23.73 45.22
CA THR A 452 22.18 22.71 46.19
C THR A 452 20.96 22.01 46.85
N GLY A 453 21.22 20.94 47.62
CA GLY A 453 20.18 20.17 48.20
C GLY A 453 19.58 20.97 49.31
N ILE A 454 18.29 20.77 49.56
CA ILE A 454 17.63 21.37 50.72
C ILE A 454 16.45 20.47 51.13
N ASP A 455 16.03 20.58 52.36
CA ASP A 455 14.83 19.85 52.83
C ASP A 455 13.62 20.65 52.44
N THR A 456 12.89 20.16 51.42
CA THR A 456 11.76 20.93 50.87
C THR A 456 10.48 20.79 51.74
N GLY A 457 10.56 19.97 52.78
CA GLY A 457 9.50 19.89 53.81
C GLY A 457 9.62 20.87 54.98
N THR A 458 10.64 21.74 54.95
CA THR A 458 10.80 22.77 55.98
C THR A 458 10.91 24.17 55.38
N LEU A 459 10.38 24.40 54.21
CA LEU A 459 10.44 25.69 53.51
C LEU A 459 9.24 26.61 53.83
N VAL A 460 8.03 26.10 53.68
CA VAL A 460 6.78 26.81 53.88
C VAL A 460 5.86 25.93 54.76
N PRO A 461 5.04 26.52 55.62
CA PRO A 461 4.39 25.78 56.68
C PRO A 461 3.31 24.85 56.13
N HIS A 462 2.83 25.14 54.92
CA HIS A 462 1.72 24.31 54.34
C HIS A 462 2.21 23.12 53.52
N VAL A 463 3.52 23.01 53.32
CA VAL A 463 4.10 21.88 52.67
C VAL A 463 4.99 21.14 53.66
N ARG A 464 4.53 19.98 54.08
CA ARG A 464 5.22 19.21 55.18
C ARG A 464 5.54 17.80 54.82
N HIS A 465 6.42 17.19 55.60
CA HIS A 465 6.67 15.77 55.43
C HIS A 465 5.44 14.94 55.81
N CYS A 466 5.20 13.87 55.06
CA CYS A 466 4.05 13.00 55.30
C CYS A 466 4.16 12.25 56.63
N GLU A 467 3.00 11.84 57.16
CA GLU A 467 2.89 11.06 58.42
C GLU A 467 3.40 9.62 58.25
N ASP A 468 3.20 9.08 57.07
CA ASP A 468 3.39 7.66 56.82
C ASP A 468 4.68 7.30 56.16
N ILE A 469 5.24 8.27 55.46
CA ILE A 469 6.41 8.11 54.67
C ILE A 469 7.24 9.39 54.89
N SER A 470 8.24 9.24 55.71
CA SER A 470 8.86 10.40 56.30
C SER A 470 9.56 11.34 55.36
N TRP A 471 9.99 10.84 54.20
CA TRP A 471 10.53 11.74 53.20
C TRP A 471 9.56 12.35 52.13
N GLY A 472 8.32 11.96 52.12
CA GLY A 472 7.36 12.42 51.17
C GLY A 472 6.87 13.77 51.60
N LEU A 473 6.11 14.42 50.77
CA LEU A 473 5.58 15.77 51.05
C LEU A 473 4.08 15.71 50.93
N LYS A 474 3.40 16.55 51.71
CA LYS A 474 2.00 16.77 51.54
C LYS A 474 1.54 18.14 51.95
N LEU A 475 0.42 18.55 51.40
CA LEU A 475 -0.13 19.81 51.71
C LEU A 475 -0.96 19.68 52.96
N VAL A 476 -0.72 20.58 53.91
N VAL A 476 -0.85 20.70 53.81
CA VAL A 476 -1.38 20.62 55.23
CA VAL A 476 -1.72 20.88 54.95
C VAL A 476 -1.90 21.98 55.55
C VAL A 476 -2.23 22.34 55.03
N SER B 12 -6.46 3.70 -42.21
CA SER B 12 -6.94 3.66 -40.79
C SER B 12 -6.97 2.29 -40.09
N ASP B 13 -6.94 1.14 -40.79
CA ASP B 13 -6.95 -0.12 -39.98
C ASP B 13 -5.55 -0.49 -39.49
N LYS B 14 -5.27 0.01 -38.29
CA LYS B 14 -3.95 -0.16 -37.70
C LYS B 14 -3.66 -1.61 -37.30
N LEU B 15 -4.69 -2.44 -37.20
CA LEU B 15 -4.56 -3.86 -36.84
C LEU B 15 -4.53 -4.82 -38.02
N LEU B 16 -4.45 -4.26 -39.22
CA LEU B 16 -4.28 -5.05 -40.43
C LEU B 16 -5.35 -6.16 -40.53
N GLY B 17 -6.61 -5.74 -40.39
CA GLY B 17 -7.74 -6.62 -40.50
C GLY B 17 -7.82 -7.69 -39.40
N GLY B 18 -7.17 -7.46 -38.24
CA GLY B 18 -7.15 -8.38 -37.13
C GLY B 18 -5.91 -9.20 -36.90
N LEU B 19 -4.98 -9.11 -37.84
CA LEU B 19 -3.71 -9.72 -37.70
C LEU B 19 -3.07 -9.33 -36.36
N LEU B 20 -3.06 -8.07 -36.10
CA LEU B 20 -2.38 -7.58 -34.95
C LEU B 20 -3.39 -7.41 -33.81
N ALA B 21 -2.87 -7.52 -32.59
CA ALA B 21 -3.63 -7.33 -31.36
C ALA B 21 -3.51 -5.85 -30.95
N SER B 22 -4.59 -5.30 -30.42
CA SER B 22 -4.51 -3.99 -29.80
C SER B 22 -3.93 -4.04 -28.36
N GLY B 23 -3.48 -2.90 -27.92
CA GLY B 23 -3.03 -2.79 -26.56
C GLY B 23 -1.53 -2.66 -26.37
N PHE B 24 -0.73 -2.67 -27.43
CA PHE B 24 0.70 -2.47 -27.23
C PHE B 24 0.91 -0.99 -26.94
N ASP B 25 1.94 -0.67 -26.16
CA ASP B 25 2.33 0.74 -26.00
C ASP B 25 2.78 1.39 -27.35
N GLU B 26 2.13 2.46 -27.76
CA GLU B 26 2.33 3.07 -29.07
C GLU B 26 3.73 3.64 -29.21
N ASP B 27 4.16 4.42 -28.22
CA ASP B 27 5.39 5.25 -28.42
C ASP B 27 6.68 4.45 -28.38
N SER B 28 6.70 3.31 -27.69
CA SER B 28 7.90 2.53 -27.61
C SER B 28 8.15 1.68 -28.90
N CYS B 29 7.10 1.55 -29.70
CA CYS B 29 7.25 0.91 -31.04
C CYS B 29 6.33 1.58 -32.01
N LEU B 30 6.79 2.70 -32.57
CA LEU B 30 5.95 3.54 -33.35
C LEU B 30 5.50 2.85 -34.65
N SER B 31 6.35 2.05 -35.23
CA SER B 31 6.06 1.38 -36.45
C SER B 31 4.87 0.46 -36.39
N ARG B 32 4.59 -0.17 -35.25
CA ARG B 32 3.64 -1.23 -35.20
C ARG B 32 2.29 -0.81 -35.71
N TYR B 33 1.83 0.30 -35.22
CA TYR B 33 0.56 0.80 -35.66
C TYR B 33 0.63 1.98 -36.59
N GLN B 34 1.78 2.61 -36.76
CA GLN B 34 1.93 3.75 -37.67
C GLN B 34 2.33 3.42 -39.07
N SER B 35 2.67 2.20 -39.31
CA SER B 35 3.11 1.86 -40.59
C SER B 35 1.94 1.93 -41.63
N VAL B 36 0.71 1.90 -41.16
CA VAL B 36 -0.43 2.10 -42.11
C VAL B 36 -0.51 3.48 -42.70
N HIS B 37 0.21 4.45 -42.15
CA HIS B 37 0.33 5.75 -42.76
C HIS B 37 1.31 5.81 -43.98
N TYR B 38 2.11 4.78 -44.19
CA TYR B 38 3.08 4.74 -45.29
C TYR B 38 2.79 3.64 -46.32
N ARG B 39 2.08 2.59 -45.86
N ARG B 39 1.90 2.73 -45.94
CA ARG B 39 1.65 1.44 -46.69
CA ARG B 39 1.59 1.50 -46.68
C ARG B 39 0.27 1.63 -47.34
C ARG B 39 0.23 1.58 -47.32
N LYS B 40 0.14 1.27 -48.61
CA LYS B 40 -1.19 1.09 -49.20
C LYS B 40 -1.86 -0.12 -48.41
N PRO B 41 -3.20 -0.09 -48.21
CA PRO B 41 -3.87 -1.25 -47.49
C PRO B 41 -3.70 -2.55 -48.24
N SER B 42 -3.21 -3.60 -47.61
CA SER B 42 -2.97 -4.83 -48.36
C SER B 42 -4.31 -5.40 -48.82
N PRO B 43 -4.41 -5.90 -50.00
CA PRO B 43 -5.69 -6.62 -50.29
C PRO B 43 -5.83 -8.03 -49.74
N TYR B 44 -4.84 -8.54 -49.04
CA TYR B 44 -4.91 -9.86 -48.54
C TYR B 44 -5.25 -9.83 -47.02
N LYS B 45 -6.41 -10.36 -46.69
CA LYS B 45 -6.86 -10.32 -45.33
C LYS B 45 -6.51 -11.64 -44.70
N PRO B 46 -6.04 -11.59 -43.48
CA PRO B 46 -5.88 -12.78 -42.70
C PRO B 46 -7.20 -13.51 -42.44
N SER B 47 -7.21 -14.83 -42.57
CA SER B 47 -8.40 -15.64 -42.32
C SER B 47 -8.79 -15.50 -40.85
N SER B 48 -10.08 -15.67 -40.58
N SER B 48 -10.06 -15.68 -40.54
CA SER B 48 -10.58 -15.78 -39.25
CA SER B 48 -10.48 -15.73 -39.16
C SER B 48 -9.82 -16.85 -38.46
C SER B 48 -9.89 -16.91 -38.40
N TYR B 49 -9.50 -17.96 -39.11
CA TYR B 49 -8.90 -19.10 -38.47
C TYR B 49 -7.48 -18.76 -38.06
N LEU B 50 -6.77 -18.04 -38.93
CA LEU B 50 -5.41 -17.58 -38.57
C LEU B 50 -5.49 -16.57 -37.39
N ILE B 51 -6.37 -15.63 -37.48
CA ILE B 51 -6.52 -14.63 -36.40
C ILE B 51 -6.72 -15.36 -35.06
N SER B 52 -7.62 -16.34 -35.04
CA SER B 52 -7.85 -17.09 -33.85
C SER B 52 -6.57 -17.83 -33.38
N LYS B 53 -5.86 -18.41 -34.34
CA LYS B 53 -4.62 -19.10 -34.02
C LYS B 53 -3.57 -18.17 -33.38
N LEU B 54 -3.47 -16.93 -33.88
CA LEU B 54 -2.49 -15.95 -33.30
C LEU B 54 -2.93 -15.50 -31.92
N ARG B 55 -4.22 -15.24 -31.76
CA ARG B 55 -4.70 -14.88 -30.42
C ARG B 55 -4.48 -16.02 -29.40
N ASN B 56 -4.71 -17.24 -29.83
CA ASN B 56 -4.46 -18.38 -28.95
C ASN B 56 -2.93 -18.63 -28.75
N TYR B 57 -2.14 -18.31 -29.73
CA TYR B 57 -0.70 -18.40 -29.57
C TYR B 57 -0.27 -17.42 -28.47
N GLU B 58 -0.82 -16.23 -28.47
CA GLU B 58 -0.44 -15.21 -27.48
C GLU B 58 -0.83 -15.64 -26.06
N LYS B 59 -1.92 -16.38 -25.91
CA LYS B 59 -2.25 -16.88 -24.59
C LYS B 59 -1.25 -17.96 -24.14
N LEU B 60 -0.84 -18.85 -25.05
CA LEU B 60 0.19 -19.88 -24.72
C LEU B 60 1.50 -19.19 -24.34
N HIS B 61 1.89 -18.20 -25.14
CA HIS B 61 3.16 -17.53 -24.89
C HIS B 61 3.15 -16.82 -23.55
N LYS B 62 2.04 -16.23 -23.22
CA LYS B 62 1.88 -15.56 -21.95
C LYS B 62 1.98 -16.56 -20.78
N ARG B 63 1.51 -17.79 -20.98
CA ARG B 63 1.50 -18.76 -19.94
C ARG B 63 2.90 -19.39 -19.72
N CYS B 64 3.63 -19.62 -20.82
CA CYS B 64 4.78 -20.50 -20.87
C CYS B 64 6.04 -19.75 -21.22
N GLY B 65 5.92 -18.49 -21.53
CA GLY B 65 7.05 -17.73 -22.04
C GLY B 65 8.12 -17.40 -21.03
N PRO B 66 9.13 -16.67 -21.47
CA PRO B 66 10.31 -16.52 -20.61
C PRO B 66 10.07 -15.70 -19.39
N GLY B 67 10.74 -16.15 -18.30
CA GLY B 67 10.62 -15.67 -16.94
C GLY B 67 9.33 -16.05 -16.22
N THR B 68 8.48 -16.86 -16.81
CA THR B 68 7.32 -17.33 -16.15
C THR B 68 7.73 -18.51 -15.29
N GLU B 69 6.82 -18.83 -14.37
N GLU B 69 6.87 -18.85 -14.34
CA GLU B 69 7.01 -19.99 -13.54
CA GLU B 69 7.13 -20.02 -13.50
C GLU B 69 7.12 -21.27 -14.34
C GLU B 69 7.11 -21.31 -14.33
N SER B 70 6.27 -21.37 -15.36
CA SER B 70 6.21 -22.57 -16.22
C SER B 70 7.49 -22.72 -16.97
N TYR B 71 8.01 -21.61 -17.49
CA TYR B 71 9.34 -21.65 -18.16
C TYR B 71 10.45 -22.13 -17.20
N LYS B 72 10.51 -21.60 -15.99
CA LYS B 72 11.59 -21.95 -15.08
C LYS B 72 11.43 -23.44 -14.79
N LYS B 73 10.21 -23.87 -14.56
CA LYS B 73 9.99 -25.31 -14.34
C LYS B 73 10.44 -26.12 -15.54
N ALA B 74 10.08 -25.72 -16.73
CA ALA B 74 10.42 -26.49 -17.89
C ALA B 74 11.90 -26.54 -18.13
N LEU B 75 12.64 -25.50 -17.76
CA LEU B 75 14.09 -25.53 -17.91
C LEU B 75 14.70 -26.67 -17.15
N LYS B 76 14.07 -27.09 -16.07
CA LYS B 76 14.56 -28.26 -15.34
C LYS B 76 14.59 -29.52 -16.11
N GLN B 77 13.74 -29.66 -17.11
CA GLN B 77 13.75 -30.82 -17.93
C GLN B 77 15.03 -31.03 -18.67
N LEU B 78 15.75 -29.97 -19.01
N LEU B 78 15.67 -29.92 -18.97
CA LEU B 78 17.06 -30.16 -19.66
CA LEU B 78 16.97 -29.89 -19.63
C LEU B 78 18.01 -30.95 -18.79
C LEU B 78 18.15 -30.23 -18.68
N ASP B 79 17.88 -30.78 -17.47
CA ASP B 79 18.85 -31.42 -16.56
C ASP B 79 18.47 -32.86 -16.26
N GLN B 80 17.73 -33.40 -17.20
CA GLN B 80 17.85 -34.78 -17.54
C GLN B 80 18.13 -34.77 -19.07
N GLU B 81 18.32 -35.96 -19.62
CA GLU B 81 18.47 -36.18 -21.07
C GLU B 81 17.14 -36.78 -21.56
N HIS B 82 16.42 -37.45 -20.65
CA HIS B 82 15.02 -37.90 -20.83
C HIS B 82 14.12 -37.26 -19.70
N ILE B 83 12.80 -37.19 -19.91
CA ILE B 83 11.84 -36.53 -18.98
C ILE B 83 11.58 -37.25 -17.64
N ASP B 84 10.91 -36.56 -16.74
CA ASP B 84 10.23 -37.19 -15.59
C ASP B 84 8.69 -37.10 -15.82
N GLY B 85 8.21 -37.74 -16.90
CA GLY B 85 6.80 -37.61 -17.33
C GLY B 85 6.37 -36.20 -17.78
N ASP B 86 5.27 -36.17 -18.53
N ASP B 86 5.28 -36.16 -18.55
CA ASP B 86 4.71 -34.95 -19.14
CA ASP B 86 4.71 -34.94 -19.17
C ASP B 86 4.92 -33.59 -18.43
C ASP B 86 4.91 -33.59 -18.43
N GLY B 87 5.21 -32.54 -19.21
CA GLY B 87 5.33 -31.14 -18.69
C GLY B 87 4.14 -30.36 -19.23
N GLU B 88 4.07 -29.06 -18.97
CA GLU B 88 2.91 -28.28 -19.39
C GLU B 88 3.17 -27.42 -20.65
N CYS B 89 4.41 -27.40 -21.11
CA CYS B 89 4.89 -26.31 -22.01
C CYS B 89 5.92 -26.98 -22.88
N LYS B 90 5.91 -26.68 -24.17
CA LYS B 90 6.80 -27.24 -25.14
C LYS B 90 7.34 -26.01 -25.96
N TYR B 91 8.55 -26.10 -26.47
CA TYR B 91 9.24 -24.97 -26.98
C TYR B 91 9.95 -25.27 -28.24
N VAL B 92 10.12 -24.23 -29.04
CA VAL B 92 11.09 -24.28 -30.18
C VAL B 92 11.98 -23.03 -30.11
N VAL B 93 13.31 -23.19 -30.06
CA VAL B 93 14.31 -22.08 -29.88
C VAL B 93 14.96 -21.90 -31.25
N TRP B 94 14.83 -20.73 -31.81
CA TRP B 94 15.49 -20.33 -33.01
C TRP B 94 16.84 -19.71 -32.73
N ILE B 95 17.88 -20.27 -33.31
CA ILE B 95 19.29 -19.80 -33.13
C ILE B 95 19.55 -18.63 -34.11
N SER B 96 20.04 -17.49 -33.63
CA SER B 96 20.42 -16.42 -34.61
C SER B 96 21.60 -16.87 -35.45
N PHE B 97 21.37 -17.01 -36.72
CA PHE B 97 22.34 -17.62 -37.63
C PHE B 97 22.18 -16.99 -39.00
N SER B 98 23.29 -16.61 -39.65
CA SER B 98 23.33 -16.18 -41.04
C SER B 98 22.92 -14.74 -41.17
N GLY B 99 22.82 -14.27 -42.42
CA GLY B 99 22.46 -12.85 -42.70
C GLY B 99 21.03 -12.49 -42.40
N LEU B 100 20.75 -11.19 -42.43
CA LEU B 100 19.49 -10.72 -41.93
C LEU B 100 18.28 -11.25 -42.70
N GLY B 101 18.40 -11.21 -44.00
CA GLY B 101 17.35 -11.75 -44.90
C GLY B 101 17.01 -13.22 -44.55
N ASN B 102 18.04 -14.03 -44.38
CA ASN B 102 17.89 -15.38 -44.00
C ASN B 102 17.28 -15.53 -42.64
N ARG B 103 17.67 -14.67 -41.68
CA ARG B 103 17.13 -14.73 -40.39
C ARG B 103 15.66 -14.45 -40.34
N ILE B 104 15.23 -13.39 -41.00
CA ILE B 104 13.80 -13.00 -40.99
C ILE B 104 12.98 -14.18 -41.54
N LEU B 105 13.40 -14.69 -42.68
CA LEU B 105 12.64 -15.81 -43.35
C LEU B 105 12.64 -17.11 -42.56
N SER B 106 13.74 -17.42 -41.90
CA SER B 106 13.83 -18.63 -41.15
C SER B 106 13.07 -18.57 -39.88
N LEU B 107 13.06 -17.41 -39.26
CA LEU B 107 12.33 -17.20 -38.03
C LEU B 107 10.84 -17.27 -38.32
N ALA B 108 10.39 -16.64 -39.41
CA ALA B 108 9.00 -16.76 -39.76
C ALA B 108 8.56 -18.26 -40.03
N SER B 109 9.53 -19.04 -40.55
CA SER B 109 9.28 -20.45 -40.76
C SER B 109 9.16 -21.21 -39.49
N VAL B 110 10.11 -20.94 -38.59
CA VAL B 110 10.06 -21.57 -37.26
C VAL B 110 8.82 -21.22 -36.44
N PHE B 111 8.31 -19.99 -36.57
CA PHE B 111 7.13 -19.50 -35.90
C PHE B 111 5.93 -20.29 -36.46
N LEU B 112 5.86 -20.44 -37.75
CA LEU B 112 4.83 -21.30 -38.35
C LEU B 112 4.90 -22.73 -37.89
N TYR B 113 6.12 -23.27 -37.72
CA TYR B 113 6.28 -24.58 -37.23
C TYR B 113 5.76 -24.66 -35.74
N ALA B 114 6.10 -23.62 -34.99
CA ALA B 114 5.53 -23.52 -33.67
C ALA B 114 3.99 -23.51 -33.60
N LEU B 115 3.35 -22.68 -34.41
CA LEU B 115 1.92 -22.65 -34.49
C LEU B 115 1.37 -24.08 -34.75
N LEU B 116 1.97 -24.80 -35.66
CA LEU B 116 1.50 -26.12 -36.10
C LEU B 116 1.79 -27.22 -35.09
N THR B 117 2.70 -26.99 -34.12
CA THR B 117 3.03 -28.02 -33.18
C THR B 117 2.69 -27.60 -31.76
N ASP B 118 1.97 -26.50 -31.53
CA ASP B 118 1.64 -26.05 -30.20
C ASP B 118 2.83 -25.79 -29.25
N ARG B 119 3.87 -25.23 -29.82
CA ARG B 119 5.07 -24.87 -29.11
C ARG B 119 5.18 -23.34 -28.96
N VAL B 120 5.87 -22.92 -27.89
CA VAL B 120 6.28 -21.53 -27.71
C VAL B 120 7.58 -21.27 -28.45
N LEU B 121 7.62 -20.20 -29.25
CA LEU B 121 8.80 -19.73 -29.89
C LEU B 121 9.64 -18.91 -28.94
N LEU B 122 10.95 -19.24 -28.86
CA LEU B 122 11.94 -18.40 -28.20
C LEU B 122 13.06 -18.03 -29.18
N VAL B 123 13.46 -16.76 -29.17
CA VAL B 123 14.27 -16.20 -30.19
C VAL B 123 15.64 -15.88 -29.54
N ASP B 124 16.68 -16.59 -29.94
CA ASP B 124 18.05 -16.12 -29.72
C ASP B 124 18.28 -14.72 -30.29
N ARG B 125 18.53 -13.76 -29.45
CA ARG B 125 18.62 -12.41 -29.87
C ARG B 125 19.95 -12.13 -30.64
N GLY B 126 20.93 -13.04 -30.55
CA GLY B 126 22.23 -12.85 -31.18
C GLY B 126 22.78 -11.47 -30.90
N LYS B 127 23.36 -10.83 -31.94
CA LYS B 127 23.99 -9.58 -31.78
C LYS B 127 23.02 -8.43 -31.88
N ASP B 128 21.89 -8.60 -32.50
CA ASP B 128 21.14 -7.42 -32.93
C ASP B 128 19.64 -7.53 -32.93
N MET B 129 19.07 -8.67 -32.58
CA MET B 129 17.62 -8.82 -32.90
C MET B 129 16.82 -7.89 -32.06
N ASP B 130 17.22 -7.71 -30.80
CA ASP B 130 16.46 -6.78 -30.02
C ASP B 130 16.66 -5.31 -30.36
N ASP B 131 17.76 -4.99 -31.05
CA ASP B 131 17.94 -3.64 -31.60
C ASP B 131 17.22 -3.31 -32.90
N LEU B 132 16.84 -4.35 -33.63
CA LEU B 132 16.13 -4.26 -34.89
C LEU B 132 14.60 -4.36 -34.77
N PHE B 133 14.11 -5.22 -33.90
CA PHE B 133 12.72 -5.58 -33.80
C PHE B 133 12.07 -5.20 -32.47
N CYS B 134 10.83 -4.84 -32.55
CA CYS B 134 9.99 -4.73 -31.33
C CYS B 134 9.47 -6.07 -30.86
N GLU B 135 8.77 -6.10 -29.78
CA GLU B 135 8.13 -7.34 -29.35
C GLU B 135 6.87 -7.65 -30.11
N PRO B 136 6.72 -8.87 -30.55
CA PRO B 136 5.47 -9.09 -31.29
C PRO B 136 4.29 -9.74 -30.57
N PHE B 137 4.52 -10.26 -29.38
CA PHE B 137 3.56 -11.05 -28.64
C PHE B 137 3.08 -10.20 -27.45
N LEU B 138 1.79 -9.84 -27.45
CA LEU B 138 1.32 -8.90 -26.46
C LEU B 138 1.50 -9.49 -25.07
N GLY B 139 2.14 -8.72 -24.23
CA GLY B 139 2.21 -9.13 -22.86
C GLY B 139 3.50 -9.77 -22.40
N MET B 140 4.39 -10.18 -23.31
N MET B 140 4.38 -10.19 -23.32
CA MET B 140 5.37 -11.20 -22.97
CA MET B 140 5.67 -10.79 -22.97
C MET B 140 6.44 -11.36 -24.02
C MET B 140 6.74 -10.33 -23.93
N SER B 141 7.69 -11.32 -23.60
N SER B 141 7.91 -10.96 -23.71
CA SER B 141 8.83 -11.19 -24.49
CA SER B 141 9.03 -10.96 -24.64
C SER B 141 9.07 -12.45 -25.33
C SER B 141 9.09 -12.32 -25.33
N TRP B 142 9.44 -12.30 -26.60
CA TRP B 142 9.82 -13.49 -27.40
C TRP B 142 11.31 -13.85 -27.27
N LEU B 143 12.07 -13.08 -26.51
CA LEU B 143 13.52 -13.30 -26.43
C LEU B 143 13.90 -14.43 -25.48
N LEU B 144 14.73 -15.32 -25.95
CA LEU B 144 15.44 -16.31 -25.17
C LEU B 144 16.23 -15.60 -24.10
N PRO B 145 16.00 -15.93 -22.81
CA PRO B 145 16.83 -15.33 -21.78
C PRO B 145 18.30 -15.56 -21.98
N LEU B 146 19.06 -14.52 -21.61
CA LEU B 146 20.49 -14.58 -21.76
C LEU B 146 21.19 -15.61 -20.87
N ASP B 147 20.53 -16.06 -19.83
CA ASP B 147 21.09 -17.20 -19.09
C ASP B 147 20.59 -18.56 -19.46
N PHE B 148 19.93 -18.70 -20.62
CA PHE B 148 19.62 -20.02 -21.07
C PHE B 148 20.86 -20.85 -21.13
N PRO B 149 20.79 -22.04 -20.54
CA PRO B 149 21.99 -22.83 -20.27
C PRO B 149 22.73 -23.36 -21.53
N MET B 150 22.02 -23.52 -22.65
CA MET B 150 22.66 -23.92 -23.88
C MET B 150 23.24 -22.88 -24.90
N THR B 151 23.10 -21.60 -24.65
CA THR B 151 23.43 -20.61 -25.66
C THR B 151 24.88 -20.66 -26.13
N ASP B 152 25.78 -20.84 -25.21
CA ASP B 152 27.17 -20.88 -25.53
C ASP B 152 27.54 -22.12 -26.42
N GLN B 153 26.62 -23.08 -26.52
CA GLN B 153 26.81 -24.25 -27.33
C GLN B 153 26.26 -24.16 -28.75
N PHE B 154 25.48 -23.13 -29.03
CA PHE B 154 24.77 -22.99 -30.28
C PHE B 154 25.65 -22.96 -31.51
N ASP B 155 26.76 -22.20 -31.46
CA ASP B 155 27.77 -22.19 -32.57
C ASP B 155 28.26 -23.57 -32.90
N GLY B 156 28.39 -24.40 -31.88
CA GLY B 156 28.99 -25.70 -31.97
C GLY B 156 28.01 -26.83 -32.33
N LEU B 157 26.71 -26.50 -32.48
CA LEU B 157 25.79 -27.57 -32.82
C LEU B 157 25.94 -27.79 -34.31
N ASN B 158 26.07 -29.07 -34.73
CA ASN B 158 26.26 -29.31 -36.15
C ASN B 158 25.59 -30.68 -36.47
N GLN B 159 25.63 -31.04 -37.77
CA GLN B 159 24.96 -32.26 -38.27
C GLN B 159 25.55 -33.47 -37.70
N GLU B 160 26.70 -33.32 -37.03
CA GLU B 160 27.34 -34.41 -36.44
C GLU B 160 27.25 -34.45 -34.94
N SER B 161 26.57 -33.51 -34.28
CA SER B 161 26.40 -33.57 -32.83
C SER B 161 25.46 -34.68 -32.45
N SER B 162 25.55 -35.12 -31.20
CA SER B 162 24.96 -36.42 -30.71
C SER B 162 23.48 -36.20 -30.55
N ARG B 163 23.21 -34.96 -30.17
CA ARG B 163 21.84 -34.44 -30.00
C ARG B 163 21.04 -34.10 -31.30
N CYS B 164 21.72 -34.13 -32.43
CA CYS B 164 21.16 -33.82 -33.73
C CYS B 164 20.26 -34.94 -34.17
N TYR B 165 19.07 -34.55 -34.60
CA TYR B 165 18.07 -35.54 -35.01
C TYR B 165 18.62 -36.39 -36.19
N GLY B 166 19.26 -35.73 -37.15
CA GLY B 166 19.78 -36.38 -38.32
C GLY B 166 20.84 -37.42 -37.99
N TYR B 167 21.70 -37.04 -37.07
CA TYR B 167 22.68 -37.94 -36.57
C TYR B 167 22.07 -39.18 -35.95
N MET B 168 21.03 -39.01 -35.15
CA MET B 168 20.30 -40.11 -34.54
C MET B 168 19.71 -41.03 -35.57
N VAL B 169 19.07 -40.44 -36.55
CA VAL B 169 18.46 -41.23 -37.65
C VAL B 169 19.53 -42.03 -38.42
N LYS B 170 20.56 -41.30 -38.83
CA LYS B 170 21.65 -41.76 -39.65
C LYS B 170 22.35 -42.94 -39.00
N ASN B 171 22.49 -42.88 -37.71
CA ASN B 171 23.22 -43.92 -37.00
C ASN B 171 22.34 -45.00 -36.42
N GLN B 172 21.04 -44.88 -36.62
CA GLN B 172 20.01 -45.80 -36.09
C GLN B 172 20.15 -45.91 -34.59
N VAL B 173 20.30 -44.77 -34.00
CA VAL B 173 20.45 -44.66 -32.57
C VAL B 173 19.19 -43.92 -31.90
N ILE B 174 18.08 -43.79 -32.66
CA ILE B 174 16.82 -43.28 -32.12
C ILE B 174 16.25 -44.34 -31.17
N ASP B 175 15.92 -43.85 -30.00
CA ASP B 175 15.41 -44.61 -28.89
C ASP B 175 13.90 -44.21 -28.96
N THR B 176 13.13 -44.87 -29.86
CA THR B 176 11.65 -44.54 -30.05
C THR B 176 10.81 -44.97 -28.80
N GLU B 177 11.46 -45.63 -27.83
CA GLU B 177 11.03 -45.62 -26.41
C GLU B 177 10.51 -44.21 -26.07
N GLY B 178 11.43 -43.24 -26.19
CA GLY B 178 11.23 -41.90 -25.70
C GLY B 178 11.72 -41.87 -24.25
N THR B 179 11.77 -40.69 -23.64
CA THR B 179 11.45 -39.42 -24.32
C THR B 179 12.55 -38.42 -23.96
N LEU B 180 13.32 -37.97 -24.97
CA LEU B 180 14.43 -37.01 -24.89
C LEU B 180 13.95 -35.70 -24.32
N SER B 181 14.77 -35.00 -23.56
CA SER B 181 14.33 -33.72 -23.07
C SER B 181 14.52 -32.61 -24.15
N HIS B 182 15.54 -32.76 -25.01
CA HIS B 182 15.74 -31.89 -26.11
C HIS B 182 16.36 -32.54 -27.34
N LEU B 183 16.18 -31.87 -28.46
CA LEU B 183 16.73 -32.29 -29.67
C LEU B 183 17.18 -31.09 -30.56
N TYR B 184 18.32 -31.26 -31.24
CA TYR B 184 18.83 -30.28 -32.16
C TYR B 184 18.39 -30.69 -33.61
N LEU B 185 17.78 -29.73 -34.32
CA LEU B 185 17.42 -29.83 -35.70
C LEU B 185 18.27 -28.99 -36.57
N HIS B 186 19.09 -29.69 -37.36
CA HIS B 186 20.02 -29.04 -38.30
C HIS B 186 19.26 -28.80 -39.58
N LEU B 187 18.83 -27.61 -39.87
CA LEU B 187 18.05 -27.27 -41.02
C LEU B 187 18.75 -26.22 -41.83
N VAL B 188 20.05 -26.16 -41.71
CA VAL B 188 20.90 -25.29 -42.50
C VAL B 188 21.07 -25.83 -43.92
N HIS B 189 21.44 -24.97 -44.87
CA HIS B 189 21.43 -25.35 -46.32
C HIS B 189 22.27 -26.61 -46.62
N ASP B 190 23.34 -26.84 -45.83
CA ASP B 190 24.25 -27.98 -46.01
C ASP B 190 23.74 -29.29 -45.45
N TYR B 191 22.51 -29.30 -44.99
CA TYR B 191 21.97 -30.51 -44.38
C TYR B 191 21.78 -31.69 -45.36
N GLY B 192 21.79 -32.89 -44.78
CA GLY B 192 21.74 -34.10 -45.52
C GLY B 192 20.39 -34.78 -45.52
N ASP B 193 20.36 -35.94 -46.20
CA ASP B 193 19.12 -36.64 -46.35
C ASP B 193 18.50 -37.04 -45.01
N HIS B 194 19.34 -37.26 -43.97
CA HIS B 194 18.80 -37.61 -42.68
C HIS B 194 18.22 -36.43 -41.93
N ASP B 195 18.87 -35.27 -42.04
CA ASP B 195 18.32 -34.04 -41.46
C ASP B 195 16.97 -33.75 -42.12
N LYS B 196 16.92 -34.03 -43.43
CA LYS B 196 15.68 -33.73 -44.18
C LYS B 196 14.51 -34.58 -43.79
N MET B 197 14.75 -35.66 -43.06
CA MET B 197 13.67 -36.44 -42.52
C MET B 197 12.73 -35.69 -41.57
N PHE B 198 13.15 -34.55 -41.06
CA PHE B 198 12.26 -33.58 -40.42
C PHE B 198 10.99 -33.38 -41.22
N PHE B 199 11.05 -33.46 -42.57
CA PHE B 199 9.92 -33.14 -43.40
C PHE B 199 8.98 -34.37 -43.60
N CYS B 200 9.09 -35.41 -42.76
CA CYS B 200 8.27 -36.62 -42.86
C CYS B 200 7.39 -36.71 -41.67
N GLU B 201 6.18 -37.15 -41.92
CA GLU B 201 5.16 -37.32 -40.85
C GLU B 201 5.58 -38.21 -39.68
N GLY B 202 6.19 -39.37 -39.93
CA GLY B 202 6.62 -40.27 -38.86
C GLY B 202 7.67 -39.61 -37.99
N ASP B 203 8.58 -38.89 -38.62
CA ASP B 203 9.58 -38.12 -37.92
C ASP B 203 8.99 -37.00 -37.06
N GLN B 204 7.94 -36.38 -37.60
CA GLN B 204 7.25 -35.35 -36.82
C GLN B 204 6.59 -35.92 -35.59
N THR B 205 6.11 -37.15 -35.68
CA THR B 205 5.49 -37.68 -34.46
C THR B 205 6.53 -38.00 -33.37
N PHE B 206 7.71 -38.52 -33.72
CA PHE B 206 8.75 -38.66 -32.73
C PHE B 206 9.14 -37.25 -32.11
N ILE B 207 9.39 -36.25 -32.99
CA ILE B 207 9.86 -34.92 -32.61
C ILE B 207 8.80 -34.27 -31.74
N GLY B 208 7.52 -34.52 -32.06
CA GLY B 208 6.42 -33.96 -31.31
C GLY B 208 6.41 -34.19 -29.81
N LYS B 209 6.99 -35.30 -29.38
N LYS B 209 7.00 -35.29 -29.36
CA LYS B 209 7.04 -35.66 -27.98
CA LYS B 209 7.03 -35.67 -27.97
C LYS B 209 8.00 -34.78 -27.17
C LYS B 209 8.18 -35.06 -27.14
N VAL B 210 9.11 -34.35 -27.80
CA VAL B 210 10.28 -33.79 -27.16
C VAL B 210 9.95 -32.32 -26.71
N PRO B 211 10.09 -32.02 -25.42
CA PRO B 211 9.64 -30.68 -25.03
C PRO B 211 10.46 -29.58 -25.58
N TRP B 212 11.75 -29.76 -25.76
CA TRP B 212 12.55 -28.66 -26.24
C TRP B 212 13.18 -28.98 -27.57
N LEU B 213 12.88 -28.18 -28.56
CA LEU B 213 13.59 -28.28 -29.82
C LEU B 213 14.49 -27.08 -30.02
N ILE B 214 15.67 -27.31 -30.57
CA ILE B 214 16.61 -26.21 -30.89
C ILE B 214 16.87 -26.33 -32.40
N VAL B 215 16.61 -25.25 -33.12
CA VAL B 215 16.66 -25.13 -34.53
C VAL B 215 17.70 -24.14 -35.01
N LYS B 216 18.51 -24.61 -35.92
CA LYS B 216 19.40 -23.78 -36.68
C LYS B 216 19.10 -23.88 -38.18
N THR B 217 18.73 -22.76 -38.78
CA THR B 217 18.35 -22.75 -40.18
C THR B 217 18.59 -21.42 -40.84
N ASP B 218 18.85 -21.44 -42.12
CA ASP B 218 18.94 -20.27 -42.92
C ASP B 218 18.04 -20.35 -44.17
N ASN B 219 17.01 -21.20 -44.12
CA ASN B 219 16.11 -21.34 -45.28
C ASN B 219 14.69 -21.04 -44.83
N TYR B 220 13.95 -20.61 -45.80
CA TYR B 220 12.48 -20.49 -45.69
C TYR B 220 11.88 -21.83 -46.02
N PHE B 221 11.62 -22.64 -45.03
CA PHE B 221 11.23 -24.01 -45.25
C PHE B 221 9.70 -24.29 -45.31
N VAL B 222 8.95 -23.24 -45.21
CA VAL B 222 7.50 -23.25 -45.24
C VAL B 222 6.93 -24.16 -46.30
N PRO B 223 7.39 -24.11 -47.53
CA PRO B 223 6.59 -24.88 -48.59
C PRO B 223 6.59 -26.38 -48.30
N SER B 224 7.69 -26.91 -47.81
CA SER B 224 7.70 -28.35 -47.50
C SER B 224 6.74 -28.76 -46.35
N LEU B 225 6.46 -27.84 -45.48
CA LEU B 225 5.46 -28.11 -44.50
C LEU B 225 4.07 -28.46 -45.07
N TRP B 226 3.71 -27.85 -46.18
CA TRP B 226 2.49 -28.14 -46.82
C TRP B 226 2.34 -29.57 -47.35
N LEU B 227 3.44 -30.29 -47.40
CA LEU B 227 3.41 -31.67 -47.91
C LEU B 227 3.49 -32.71 -46.74
N ILE B 228 3.39 -32.30 -45.48
CA ILE B 228 3.33 -33.20 -44.34
C ILE B 228 1.87 -33.42 -43.97
N PRO B 229 1.45 -34.68 -44.01
CA PRO B 229 0.09 -34.91 -43.60
C PRO B 229 -0.18 -34.49 -42.12
N GLY B 230 -1.36 -33.94 -41.90
CA GLY B 230 -1.67 -33.31 -40.61
C GLY B 230 -1.47 -31.82 -40.74
N PHE B 231 -0.21 -31.46 -41.01
CA PHE B 231 0.09 -30.06 -41.31
C PHE B 231 -0.68 -29.51 -42.45
N ASP B 232 -0.81 -30.31 -43.50
CA ASP B 232 -1.44 -29.86 -44.70
C ASP B 232 -2.90 -29.35 -44.43
N ASP B 233 -3.67 -30.10 -43.66
CA ASP B 233 -5.07 -29.74 -43.40
C ASP B 233 -5.13 -28.44 -42.54
N GLU B 234 -4.24 -28.32 -41.56
CA GLU B 234 -4.20 -27.14 -40.68
C GLU B 234 -3.76 -25.90 -41.54
N LEU B 235 -2.73 -26.06 -42.38
CA LEU B 235 -2.30 -24.99 -43.30
C LEU B 235 -3.34 -24.46 -44.25
N ASN B 236 -4.12 -25.37 -44.80
N ASN B 236 -4.10 -25.40 -44.84
CA ASN B 236 -5.25 -24.98 -45.61
CA ASN B 236 -5.26 -25.08 -45.68
C ASN B 236 -6.26 -24.14 -44.91
C ASN B 236 -6.30 -24.22 -44.96
N LYS B 237 -6.45 -24.42 -43.64
CA LYS B 237 -7.42 -23.60 -42.90
C LYS B 237 -6.82 -22.22 -42.54
N LEU B 238 -5.56 -22.26 -42.21
CA LEU B 238 -4.86 -21.07 -41.81
C LEU B 238 -4.74 -20.06 -42.95
N PHE B 239 -4.44 -20.56 -44.17
CA PHE B 239 -4.17 -19.81 -45.37
C PHE B 239 -5.01 -20.27 -46.58
N PRO B 240 -6.29 -19.83 -46.64
CA PRO B 240 -7.11 -20.15 -47.73
C PRO B 240 -6.47 -19.56 -49.02
N GLN B 241 -5.74 -18.45 -48.89
CA GLN B 241 -4.94 -17.92 -49.99
C GLN B 241 -3.52 -18.36 -49.70
N LYS B 242 -3.10 -19.41 -50.36
CA LYS B 242 -1.98 -20.22 -49.91
C LYS B 242 -0.70 -19.41 -50.08
N ALA B 243 -0.63 -18.45 -50.99
CA ALA B 243 0.59 -17.66 -51.06
C ALA B 243 0.70 -16.39 -50.25
N THR B 244 0.01 -16.39 -49.08
CA THR B 244 0.02 -15.26 -48.21
C THR B 244 0.74 -15.57 -46.89
N VAL B 245 1.44 -16.69 -46.82
CA VAL B 245 1.99 -17.16 -45.53
C VAL B 245 3.00 -16.15 -44.97
N PHE B 246 4.05 -15.89 -45.73
CA PHE B 246 4.99 -14.87 -45.26
C PHE B 246 4.40 -13.48 -45.10
N HIS B 247 3.62 -13.08 -46.06
CA HIS B 247 2.93 -11.82 -46.00
C HIS B 247 2.20 -11.62 -44.63
N HIS B 248 1.51 -12.64 -44.15
CA HIS B 248 0.79 -12.50 -42.89
C HIS B 248 1.73 -12.67 -41.70
N LEU B 249 2.55 -13.68 -41.72
CA LEU B 249 3.38 -13.96 -40.58
C LEU B 249 4.57 -12.95 -40.43
N GLY B 250 5.06 -12.43 -41.53
CA GLY B 250 6.11 -11.42 -41.55
C GLY B 250 5.63 -10.12 -40.99
N ARG B 251 4.45 -9.68 -41.44
CA ARG B 251 3.83 -8.52 -40.87
C ARG B 251 3.47 -8.65 -39.41
N TYR B 252 3.11 -9.85 -38.98
CA TYR B 252 2.71 -10.05 -37.61
C TYR B 252 3.94 -10.06 -36.69
N LEU B 253 5.02 -10.65 -37.13
CA LEU B 253 6.24 -10.79 -36.31
C LEU B 253 7.16 -9.64 -36.28
N PHE B 254 7.32 -8.92 -37.40
CA PHE B 254 8.49 -8.06 -37.57
C PHE B 254 8.12 -6.57 -37.58
N HIS B 255 8.38 -5.84 -36.52
CA HIS B 255 8.11 -4.46 -36.43
C HIS B 255 9.40 -3.75 -36.07
N PRO B 256 9.89 -2.87 -36.96
CA PRO B 256 11.18 -2.19 -36.66
C PRO B 256 11.12 -1.27 -35.41
N THR B 257 12.21 -1.26 -34.62
CA THR B 257 12.37 -0.37 -33.55
C THR B 257 12.33 1.05 -34.04
N ASN B 258 12.14 1.91 -33.11
CA ASN B 258 12.09 3.34 -33.37
C ASN B 258 13.25 3.88 -34.14
N GLN B 259 14.47 3.45 -33.83
N GLN B 259 14.44 3.42 -33.82
CA GLN B 259 15.68 3.88 -34.59
CA GLN B 259 15.61 3.88 -34.50
C GLN B 259 15.58 3.49 -36.04
C GLN B 259 15.59 3.48 -35.96
N VAL B 260 15.23 2.24 -36.29
CA VAL B 260 15.08 1.77 -37.69
C VAL B 260 13.93 2.49 -38.38
N TRP B 261 12.84 2.66 -37.70
CA TRP B 261 11.67 3.24 -38.27
C TRP B 261 11.90 4.68 -38.59
N GLY B 262 12.74 5.40 -37.79
CA GLY B 262 13.11 6.75 -38.17
C GLY B 262 13.87 6.83 -39.51
N LEU B 263 14.73 5.85 -39.76
CA LEU B 263 15.38 5.75 -41.02
C LEU B 263 14.39 5.62 -42.20
N VAL B 264 13.36 4.80 -42.00
CA VAL B 264 12.31 4.54 -43.02
C VAL B 264 11.51 5.80 -43.24
N THR B 265 10.96 6.39 -42.18
CA THR B 265 10.06 7.49 -42.37
C THR B 265 10.76 8.76 -42.89
N ARG B 266 12.00 9.02 -42.44
CA ARG B 266 12.72 10.17 -42.92
C ARG B 266 13.08 10.03 -44.40
N TYR B 267 13.47 8.83 -44.84
CA TYR B 267 13.83 8.65 -46.18
C TYR B 267 12.62 8.76 -47.09
N TYR B 268 11.59 8.06 -46.70
CA TYR B 268 10.32 8.07 -47.45
C TYR B 268 9.80 9.48 -47.67
N GLU B 269 9.76 10.23 -46.59
CA GLU B 269 9.17 11.57 -46.59
C GLU B 269 10.00 12.58 -47.39
N ALA B 270 11.33 12.47 -47.32
CA ALA B 270 12.20 13.36 -48.01
C ALA B 270 12.28 13.06 -49.52
N TYR B 271 12.29 11.82 -49.90
CA TYR B 271 12.62 11.35 -51.24
C TYR B 271 11.54 10.69 -52.03
N LEU B 272 10.61 9.95 -51.41
CA LEU B 272 9.73 9.06 -52.16
C LEU B 272 8.26 9.50 -52.18
N SER B 273 7.89 10.34 -51.26
CA SER B 273 6.53 10.59 -50.92
C SER B 273 5.77 11.35 -52.00
N HIS B 274 6.43 12.17 -52.75
CA HIS B 274 5.72 12.98 -53.73
C HIS B 274 5.43 12.33 -55.05
N ALA B 275 6.08 11.22 -55.37
CA ALA B 275 5.95 10.65 -56.69
C ALA B 275 4.57 10.06 -56.80
N ASP B 276 4.10 9.95 -58.02
CA ASP B 276 2.84 9.31 -58.33
C ASP B 276 2.97 7.79 -58.20
N GLU B 277 4.17 7.28 -58.47
N GLU B 277 4.15 7.29 -58.56
CA GLU B 277 4.41 5.87 -58.55
CA GLU B 277 4.46 5.88 -58.54
C GLU B 277 5.88 5.58 -58.19
C GLU B 277 5.88 5.73 -58.01
N LYS B 278 6.10 4.65 -57.26
CA LYS B 278 7.39 4.28 -56.75
C LYS B 278 7.77 2.92 -57.24
N ILE B 279 8.97 2.81 -57.81
CA ILE B 279 9.53 1.56 -58.26
C ILE B 279 10.69 1.16 -57.48
N GLY B 280 10.69 -0.03 -56.94
CA GLY B 280 11.85 -0.52 -56.20
C GLY B 280 12.71 -1.41 -57.03
N ILE B 281 13.99 -1.24 -56.92
CA ILE B 281 14.93 -2.08 -57.59
C ILE B 281 15.94 -2.59 -56.62
N GLN B 282 15.86 -3.90 -56.34
CA GLN B 282 16.69 -4.48 -55.32
C GLN B 282 17.76 -5.26 -56.01
N VAL B 283 18.98 -4.75 -55.95
CA VAL B 283 20.07 -5.31 -56.68
C VAL B 283 21.06 -6.04 -55.77
N ARG B 284 21.29 -7.28 -56.11
CA ARG B 284 22.29 -8.05 -55.43
C ARG B 284 23.00 -8.82 -56.59
N VAL B 285 24.33 -8.76 -56.65
CA VAL B 285 25.12 -9.37 -57.70
C VAL B 285 25.94 -10.45 -56.94
N PHE B 286 25.73 -11.74 -57.17
CA PHE B 286 26.53 -12.74 -56.45
C PHE B 286 27.88 -12.95 -57.23
N ASP B 287 28.93 -12.24 -56.86
CA ASP B 287 30.21 -12.30 -57.59
C ASP B 287 31.32 -11.91 -56.63
N GLU B 288 32.38 -12.70 -56.61
CA GLU B 288 33.63 -12.27 -55.95
C GLU B 288 34.10 -10.83 -56.38
N ASP B 289 34.35 -10.59 -57.67
CA ASP B 289 34.78 -9.25 -58.14
C ASP B 289 33.77 -8.14 -57.76
N PRO B 290 34.26 -6.95 -57.41
CA PRO B 290 33.38 -5.94 -56.77
C PRO B 290 32.41 -5.22 -57.73
N GLY B 291 32.80 -5.11 -59.00
CA GLY B 291 31.97 -4.48 -60.01
C GLY B 291 32.20 -2.99 -60.00
N PRO B 292 31.17 -2.18 -60.23
CA PRO B 292 29.84 -2.64 -60.71
C PRO B 292 29.92 -3.15 -62.14
N PHE B 293 29.03 -4.04 -62.55
CA PHE B 293 29.12 -4.62 -63.85
C PHE B 293 28.13 -4.08 -64.88
N GLN B 294 28.63 -3.83 -66.08
CA GLN B 294 27.80 -3.37 -67.22
C GLN B 294 26.64 -4.33 -67.63
N HIS B 295 26.91 -5.63 -67.60
CA HIS B 295 25.85 -6.58 -67.98
C HIS B 295 24.63 -6.53 -67.03
N VAL B 296 24.86 -6.18 -65.78
CA VAL B 296 23.79 -5.98 -64.83
C VAL B 296 23.11 -4.65 -65.03
N MET B 297 23.89 -3.58 -65.27
CA MET B 297 23.27 -2.28 -65.66
C MET B 297 22.34 -2.47 -66.85
N ASP B 298 22.84 -3.18 -67.84
CA ASP B 298 22.02 -3.50 -69.02
C ASP B 298 20.76 -4.32 -68.72
N GLN B 299 20.90 -5.33 -67.85
CA GLN B 299 19.79 -6.12 -67.39
C GLN B 299 18.67 -5.29 -66.74
N ILE B 300 19.09 -4.40 -65.86
CA ILE B 300 18.14 -3.53 -65.17
C ILE B 300 17.38 -2.62 -66.07
N SER B 301 18.08 -1.98 -66.98
CA SER B 301 17.49 -1.17 -68.05
C SER B 301 16.52 -1.96 -68.96
N SER B 302 16.99 -3.12 -69.42
N SER B 302 16.98 -3.12 -69.40
CA SER B 302 16.17 -4.02 -70.25
CA SER B 302 16.19 -3.98 -70.26
C SER B 302 14.88 -4.42 -69.51
C SER B 302 14.92 -4.52 -69.56
N CYS B 303 15.06 -4.96 -68.31
CA CYS B 303 13.94 -5.46 -67.50
C CYS B 303 12.93 -4.34 -67.28
N THR B 304 13.36 -3.18 -66.76
CA THR B 304 12.40 -2.20 -66.39
C THR B 304 11.69 -1.62 -67.61
N GLN B 305 12.40 -1.52 -68.71
CA GLN B 305 11.78 -0.95 -69.93
C GLN B 305 10.81 -1.92 -70.64
N LYS B 306 11.18 -3.19 -70.69
CA LYS B 306 10.30 -4.15 -71.35
C LYS B 306 9.05 -4.43 -70.57
N GLU B 307 9.04 -4.28 -69.24
CA GLU B 307 7.83 -4.50 -68.44
C GLU B 307 7.05 -3.20 -68.22
N LYS B 308 7.51 -2.12 -68.84
CA LYS B 308 6.82 -0.85 -68.71
C LYS B 308 6.84 -0.29 -67.29
N LEU B 309 7.83 -0.65 -66.50
CA LEU B 309 7.95 -0.05 -65.18
C LEU B 309 8.58 1.34 -65.29
N LEU B 310 9.57 1.46 -66.19
CA LEU B 310 10.24 2.74 -66.44
C LEU B 310 10.32 2.94 -67.94
N PRO B 311 10.38 4.18 -68.38
CA PRO B 311 10.31 4.50 -69.80
C PRO B 311 11.71 4.45 -70.41
N GLU B 312 11.72 4.21 -71.70
CA GLU B 312 12.87 4.35 -72.58
C GLU B 312 13.23 5.84 -72.65
N VAL B 313 14.51 6.08 -72.89
CA VAL B 313 14.99 7.43 -73.17
C VAL B 313 15.36 7.45 -74.65
N ASP B 314 15.47 8.64 -75.21
CA ASP B 314 15.79 8.79 -76.59
C ASP B 314 16.56 10.09 -76.75
N THR B 315 16.99 10.29 -77.97
CA THR B 315 17.73 11.46 -78.39
C THR B 315 16.91 12.18 -79.50
N LEU B 316 15.64 11.89 -79.69
CA LEU B 316 14.82 12.62 -80.66
C LEU B 316 14.82 14.11 -80.28
N VAL B 317 15.00 14.94 -81.33
CA VAL B 317 14.72 16.37 -81.25
C VAL B 317 13.18 16.57 -81.42
N GLU B 318 12.51 15.77 -82.26
CA GLU B 318 11.02 15.64 -82.22
C GLU B 318 10.48 15.05 -80.87
N THR B 325 -1.65 13.92 -68.51
CA THR B 325 -0.30 14.48 -68.21
C THR B 325 0.67 13.41 -67.68
N PRO B 326 1.93 13.39 -68.18
CA PRO B 326 2.87 12.32 -67.69
C PRO B 326 3.21 12.34 -66.17
N LYS B 327 3.34 11.17 -65.61
N LYS B 327 3.39 11.11 -65.69
CA LYS B 327 3.45 11.10 -64.18
CA LYS B 327 3.61 10.76 -64.28
C LYS B 327 4.92 11.15 -63.74
C LYS B 327 4.98 11.17 -63.75
N HIS B 328 5.08 11.29 -62.44
CA HIS B 328 6.35 11.34 -61.77
C HIS B 328 6.55 10.04 -61.05
N LYS B 329 7.62 9.36 -61.42
CA LYS B 329 7.96 8.10 -60.87
C LYS B 329 9.29 8.27 -60.07
N ALA B 330 9.33 7.79 -58.84
CA ALA B 330 10.52 7.74 -58.02
C ALA B 330 11.03 6.28 -57.97
N VAL B 331 12.28 6.08 -58.31
CA VAL B 331 12.91 4.77 -58.31
C VAL B 331 13.82 4.66 -57.07
N LEU B 332 13.58 3.67 -56.24
CA LEU B 332 14.47 3.38 -55.11
C LEU B 332 15.35 2.22 -55.44
N VAL B 333 16.62 2.41 -55.49
CA VAL B 333 17.55 1.37 -55.84
C VAL B 333 18.30 0.96 -54.61
N THR B 334 18.24 -0.30 -54.20
CA THR B 334 19.16 -0.75 -53.13
C THR B 334 20.27 -1.64 -53.67
N SER B 335 21.50 -1.44 -53.20
N SER B 335 21.50 -1.47 -53.20
CA SER B 335 22.59 -2.33 -53.57
CA SER B 335 22.59 -2.33 -53.65
C SER B 335 23.76 -2.12 -52.61
C SER B 335 23.84 -2.04 -52.80
N LEU B 336 24.71 -3.04 -52.65
CA LEU B 336 26.03 -2.82 -51.97
C LEU B 336 26.93 -1.82 -52.75
N ASN B 337 26.98 -1.92 -54.07
CA ASN B 337 27.76 -0.98 -54.90
C ASN B 337 26.84 0.17 -55.38
N ALA B 338 27.29 1.42 -55.27
CA ALA B 338 26.47 2.62 -55.65
C ALA B 338 26.31 2.80 -57.21
N GLY B 339 27.06 1.98 -57.94
CA GLY B 339 27.18 2.19 -59.40
C GLY B 339 25.89 1.94 -60.20
N TYR B 340 25.02 1.10 -59.70
CA TYR B 340 23.79 0.77 -60.42
C TYR B 340 22.78 1.91 -60.37
N ALA B 341 22.58 2.42 -59.17
CA ALA B 341 21.74 3.64 -58.91
C ALA B 341 22.34 4.78 -59.71
N GLU B 342 23.67 4.90 -59.69
CA GLU B 342 24.35 6.01 -60.41
C GLU B 342 24.18 5.93 -61.91
N ASN B 343 24.25 4.74 -62.44
CA ASN B 343 24.04 4.56 -63.87
C ASN B 343 22.59 4.94 -64.29
N LEU B 344 21.62 4.52 -63.51
CA LEU B 344 20.26 4.81 -63.79
C LEU B 344 19.92 6.28 -63.61
N LYS B 345 20.47 6.82 -62.55
CA LYS B 345 20.26 8.26 -62.28
C LYS B 345 20.83 9.13 -63.41
N SER B 346 22.04 8.81 -63.82
CA SER B 346 22.62 9.51 -64.89
C SER B 346 21.91 9.36 -66.32
N MET B 347 21.45 8.15 -66.63
CA MET B 347 20.64 7.94 -67.77
C MET B 347 19.42 8.90 -67.85
N TYR B 348 18.64 8.97 -66.81
CA TYR B 348 17.47 9.77 -66.73
C TYR B 348 17.76 11.27 -66.57
N TRP B 349 18.97 11.64 -66.12
CA TRP B 349 19.38 13.03 -66.15
C TRP B 349 19.74 13.48 -67.59
N GLU B 350 20.52 12.63 -68.22
CA GLU B 350 21.11 12.92 -69.47
C GLU B 350 20.21 12.87 -70.68
N TYR B 351 19.17 12.10 -70.65
CA TYR B 351 18.27 11.98 -71.77
C TYR B 351 16.82 12.17 -71.41
N PRO B 352 16.05 12.79 -72.31
CA PRO B 352 14.62 12.83 -72.12
C PRO B 352 13.90 11.43 -72.25
N THR B 353 12.78 11.27 -71.57
CA THR B 353 12.01 10.09 -71.61
C THR B 353 11.11 10.11 -72.84
N SER B 354 10.91 8.95 -73.43
CA SER B 354 10.02 8.83 -74.61
C SER B 354 8.57 9.14 -74.29
N THR B 355 8.18 8.95 -73.03
CA THR B 355 6.81 9.16 -72.54
C THR B 355 6.56 10.57 -71.98
N GLY B 356 7.60 11.37 -71.72
CA GLY B 356 7.36 12.60 -70.98
C GLY B 356 7.37 12.43 -69.45
N GLU B 357 7.51 11.19 -68.99
CA GLU B 357 7.52 10.91 -67.56
C GLU B 357 8.80 11.53 -66.95
N ILE B 358 8.61 12.00 -65.71
CA ILE B 358 9.66 12.66 -64.84
C ILE B 358 10.14 11.50 -63.91
N ILE B 359 11.37 11.05 -64.11
CA ILE B 359 11.93 9.95 -63.34
C ILE B 359 13.02 10.51 -62.40
N GLY B 360 12.92 10.25 -61.11
CA GLY B 360 14.00 10.54 -60.15
C GLY B 360 14.50 9.19 -59.62
N VAL B 361 15.81 9.06 -59.49
CA VAL B 361 16.35 7.83 -59.00
C VAL B 361 17.02 8.16 -57.69
N HIS B 362 16.87 7.29 -56.70
CA HIS B 362 17.21 7.59 -55.29
C HIS B 362 17.84 6.35 -54.74
N GLN B 363 18.92 6.50 -53.99
CA GLN B 363 19.47 5.43 -53.19
C GLN B 363 19.91 6.00 -51.76
N PRO B 364 19.68 5.24 -50.71
CA PRO B 364 20.12 5.59 -49.35
C PRO B 364 21.60 5.73 -49.22
N SER B 365 22.05 6.66 -48.39
CA SER B 365 23.50 6.78 -48.05
C SER B 365 24.20 5.44 -47.88
N GLN B 366 25.35 5.25 -48.51
N GLN B 366 25.36 5.32 -48.53
CA GLN B 366 26.05 3.96 -48.39
CA GLN B 366 26.18 4.11 -48.49
C GLN B 366 27.00 3.93 -47.18
C GLN B 366 26.85 3.97 -47.12
N GLU B 367 27.32 5.09 -46.60
CA GLU B 367 28.26 5.13 -45.45
C GLU B 367 27.75 5.92 -44.21
N GLY B 368 28.24 5.49 -43.02
CA GLY B 368 28.00 6.16 -41.72
C GLY B 368 28.31 7.66 -41.70
N TYR B 369 27.37 8.45 -41.22
CA TYR B 369 27.59 9.89 -40.98
C TYR B 369 28.79 10.08 -40.01
N HIS B 377 23.72 0.07 -39.83
CA HIS B 377 24.42 -1.16 -40.43
C HIS B 377 23.34 -2.24 -40.77
N ASN B 378 23.04 -3.16 -39.81
CA ASN B 378 21.87 -4.00 -39.99
C ASN B 378 20.63 -3.13 -39.84
N GLY B 379 20.72 -2.06 -39.07
CA GLY B 379 19.57 -1.09 -38.94
C GLY B 379 19.23 -0.47 -40.32
N LYS B 380 20.24 -0.04 -41.02
CA LYS B 380 20.15 0.44 -42.43
C LYS B 380 19.66 -0.60 -43.34
N ALA B 381 20.14 -1.83 -43.21
CA ALA B 381 19.72 -2.88 -44.08
C ALA B 381 18.21 -3.20 -43.91
N LEU B 382 17.78 -3.25 -42.66
CA LEU B 382 16.40 -3.45 -42.41
C LEU B 382 15.59 -2.30 -42.94
N ALA B 383 16.03 -1.08 -42.71
CA ALA B 383 15.29 0.02 -43.21
C ALA B 383 15.14 -0.01 -44.75
N GLU B 384 16.18 -0.43 -45.44
CA GLU B 384 16.13 -0.52 -46.86
C GLU B 384 15.08 -1.62 -47.28
N MET B 385 15.06 -2.80 -46.63
CA MET B 385 14.00 -3.80 -46.91
C MET B 385 12.63 -3.21 -46.75
N TYR B 386 12.44 -2.45 -45.66
N TYR B 386 12.40 -2.46 -45.67
CA TYR B 386 11.17 -1.79 -45.41
CA TYR B 386 11.12 -1.81 -45.45
C TYR B 386 10.81 -0.78 -46.50
C TYR B 386 10.81 -0.76 -46.53
N LEU B 387 11.79 0.02 -46.90
CA LEU B 387 11.57 1.06 -47.91
C LEU B 387 11.16 0.39 -49.21
N LEU B 388 11.89 -0.63 -49.67
CA LEU B 388 11.48 -1.44 -50.84
C LEU B 388 10.07 -1.96 -50.71
N SER B 389 9.66 -2.41 -49.51
CA SER B 389 8.28 -2.91 -49.28
C SER B 389 7.26 -1.78 -49.46
N LEU B 390 7.65 -0.47 -49.44
CA LEU B 390 6.70 0.61 -49.57
C LEU B 390 6.49 0.95 -51.06
N THR B 391 7.30 0.37 -51.93
CA THR B 391 7.13 0.74 -53.32
C THR B 391 5.89 0.03 -54.02
N ASP B 392 5.47 0.46 -55.22
CA ASP B 392 4.21 0.02 -55.86
C ASP B 392 4.52 -1.17 -56.80
N ASN B 393 5.70 -1.21 -57.38
CA ASN B 393 6.17 -2.31 -58.20
C ASN B 393 7.64 -2.53 -57.81
N LEU B 394 8.05 -3.79 -57.69
CA LEU B 394 9.34 -4.13 -57.16
C LEU B 394 10.03 -5.07 -58.12
N VAL B 395 11.25 -4.74 -58.47
CA VAL B 395 12.16 -5.63 -59.12
C VAL B 395 13.11 -6.19 -58.13
N THR B 396 13.35 -7.51 -58.19
CA THR B 396 14.28 -8.18 -57.21
C THR B 396 15.33 -9.01 -57.89
N SER B 397 16.40 -9.42 -57.17
CA SER B 397 17.47 -10.16 -57.76
C SER B 397 17.26 -11.63 -57.43
N ALA B 398 17.45 -12.47 -58.43
CA ALA B 398 17.42 -13.93 -58.26
C ALA B 398 18.27 -14.38 -57.09
N TRP B 399 17.70 -15.27 -56.30
CA TRP B 399 18.39 -15.89 -55.15
C TRP B 399 18.48 -14.97 -53.90
N SER B 400 18.00 -13.73 -53.92
CA SER B 400 18.23 -12.82 -52.81
C SER B 400 17.14 -12.89 -51.76
N THR B 401 17.46 -13.33 -50.56
CA THR B 401 16.53 -13.33 -49.47
C THR B 401 16.20 -11.97 -49.00
N PHE B 402 17.09 -10.99 -49.23
CA PHE B 402 16.78 -9.56 -48.96
C PHE B 402 15.60 -9.07 -49.78
N GLY B 403 15.54 -9.52 -51.03
CA GLY B 403 14.42 -9.19 -51.89
C GLY B 403 13.18 -9.94 -51.47
N TYR B 404 13.34 -11.21 -51.06
CA TYR B 404 12.14 -11.94 -50.54
C TYR B 404 11.46 -11.27 -49.42
N VAL B 405 12.22 -10.73 -48.46
CA VAL B 405 11.64 -10.11 -47.37
C VAL B 405 10.86 -8.90 -47.81
N ALA B 406 11.47 -8.03 -48.64
CA ALA B 406 10.86 -6.78 -49.02
C ALA B 406 9.52 -7.12 -49.75
N GLN B 407 9.57 -8.05 -50.67
CA GLN B 407 8.36 -8.37 -51.47
C GLN B 407 7.24 -8.88 -50.54
N GLY B 408 7.58 -9.68 -49.57
CA GLY B 408 6.59 -10.25 -48.74
C GLY B 408 5.97 -9.31 -47.75
N LEU B 409 6.77 -8.47 -47.15
CA LEU B 409 6.17 -7.43 -46.29
C LEU B 409 5.29 -6.47 -47.05
N GLY B 410 5.59 -6.23 -48.34
CA GLY B 410 4.85 -5.21 -49.08
C GLY B 410 3.64 -5.88 -49.76
N GLY B 411 3.55 -7.19 -49.78
CA GLY B 411 2.60 -7.86 -50.57
C GLY B 411 2.82 -7.70 -52.05
N LEU B 412 4.07 -7.74 -52.51
CA LEU B 412 4.39 -7.36 -53.86
C LEU B 412 4.79 -8.65 -54.58
N LYS B 413 4.25 -8.84 -55.75
CA LYS B 413 4.70 -9.89 -56.61
C LYS B 413 5.75 -9.30 -57.58
N PRO B 414 7.03 -9.65 -57.38
CA PRO B 414 8.09 -8.89 -58.05
C PRO B 414 8.32 -9.34 -59.48
N TRP B 415 9.11 -8.54 -60.21
CA TRP B 415 9.77 -8.98 -61.43
C TRP B 415 11.18 -9.38 -60.96
N ILE B 416 11.59 -10.59 -61.29
CA ILE B 416 12.87 -11.13 -60.95
C ILE B 416 13.92 -11.00 -62.03
N LEU B 417 15.04 -10.36 -61.66
CA LEU B 417 16.25 -10.31 -62.43
C LEU B 417 16.97 -11.67 -62.34
N TYR B 418 16.96 -12.43 -63.46
CA TYR B 418 17.52 -13.76 -63.48
C TYR B 418 18.99 -13.71 -63.29
N ARG B 419 19.50 -14.76 -62.69
CA ARG B 419 20.91 -14.84 -62.37
C ARG B 419 21.79 -14.94 -63.57
N PRO B 420 22.69 -13.96 -63.78
CA PRO B 420 23.47 -14.07 -64.98
C PRO B 420 24.57 -15.15 -64.90
N GLU B 421 25.05 -15.52 -66.07
CA GLU B 421 26.13 -16.51 -66.20
C GLU B 421 27.25 -15.86 -67.01
N ASN B 422 28.51 -16.08 -66.58
CA ASN B 422 29.70 -15.59 -67.27
C ASN B 422 29.52 -14.13 -67.72
N ARG B 423 28.99 -13.31 -66.83
CA ARG B 423 28.96 -11.91 -67.09
C ARG B 423 28.28 -11.50 -68.39
N THR B 424 27.20 -12.19 -68.73
CA THR B 424 26.37 -11.73 -69.86
C THR B 424 24.91 -11.61 -69.41
N THR B 425 24.30 -10.52 -69.85
CA THR B 425 22.96 -10.19 -69.56
C THR B 425 22.00 -11.31 -69.97
N PRO B 426 21.15 -11.79 -69.07
CA PRO B 426 20.22 -12.82 -69.49
C PRO B 426 19.17 -12.30 -70.43
N ASP B 427 18.66 -13.21 -71.21
CA ASP B 427 17.61 -12.92 -72.14
C ASP B 427 16.55 -14.03 -72.15
N PRO B 428 15.34 -13.75 -71.70
CA PRO B 428 14.97 -12.44 -71.22
C PRO B 428 15.73 -12.04 -69.96
N SER B 429 15.77 -10.74 -69.73
CA SER B 429 16.48 -10.15 -68.61
C SER B 429 15.73 -10.45 -67.29
N CYS B 430 14.40 -10.57 -67.35
CA CYS B 430 13.60 -10.72 -66.11
C CYS B 430 12.29 -11.36 -66.42
N GLY B 431 11.60 -11.79 -65.38
CA GLY B 431 10.21 -12.19 -65.52
C GLY B 431 9.45 -11.98 -64.26
N ARG B 432 8.12 -11.88 -64.40
CA ARG B 432 7.28 -11.83 -63.23
C ARG B 432 7.40 -13.06 -62.36
N ALA B 433 7.50 -12.87 -61.08
CA ALA B 433 7.37 -13.99 -60.17
C ALA B 433 5.99 -14.69 -60.29
N MET B 434 5.90 -15.98 -59.94
CA MET B 434 4.57 -16.68 -59.80
C MET B 434 3.71 -16.14 -58.66
N SER B 435 4.38 -15.70 -57.57
CA SER B 435 3.72 -15.18 -56.42
C SER B 435 4.70 -14.39 -55.55
N MET B 436 4.13 -13.73 -54.55
CA MET B 436 4.89 -12.91 -53.67
C MET B 436 5.71 -13.71 -52.68
N GLU B 437 5.52 -15.00 -52.62
CA GLU B 437 6.14 -15.85 -51.57
C GLU B 437 7.64 -15.91 -51.78
N PRO B 438 8.42 -16.03 -50.69
CA PRO B 438 9.86 -16.37 -50.72
C PRO B 438 10.00 -17.79 -51.25
N CYS B 439 11.18 -18.08 -51.75
CA CYS B 439 11.62 -19.42 -52.16
C CYS B 439 12.42 -20.20 -51.04
N PHE B 440 12.14 -21.50 -50.93
CA PHE B 440 12.87 -22.46 -50.18
C PHE B 440 13.98 -22.96 -51.06
N HIS B 441 15.20 -22.55 -50.76
CA HIS B 441 16.36 -22.91 -51.56
C HIS B 441 16.90 -24.35 -51.47
N SER B 442 16.69 -25.05 -50.39
CA SER B 442 17.15 -26.40 -50.25
C SER B 442 16.15 -27.39 -49.79
N PRO B 443 15.13 -27.68 -50.62
CA PRO B 443 14.11 -28.57 -50.17
C PRO B 443 14.49 -30.03 -50.15
N PRO B 444 13.73 -30.86 -49.45
CA PRO B 444 14.04 -32.30 -49.56
C PRO B 444 13.46 -32.86 -50.90
N PHE B 445 13.80 -34.08 -51.25
N PHE B 445 13.80 -34.10 -51.17
CA PHE B 445 13.34 -34.69 -52.50
CA PHE B 445 13.58 -34.85 -52.44
C PHE B 445 13.08 -36.20 -52.17
C PHE B 445 13.22 -36.28 -52.03
N TYR B 446 12.19 -36.44 -51.21
CA TYR B 446 11.91 -37.73 -50.68
C TYR B 446 10.43 -37.98 -50.43
N ASP B 447 9.95 -39.14 -50.82
CA ASP B 447 8.59 -39.56 -50.57
C ASP B 447 8.59 -40.43 -49.34
N CYS B 448 8.11 -39.88 -48.19
CA CYS B 448 8.26 -40.50 -46.86
C CYS B 448 7.50 -41.83 -46.84
N LYS B 449 6.37 -41.89 -47.53
CA LYS B 449 5.49 -43.05 -47.50
C LYS B 449 5.99 -44.18 -48.35
N ALA B 450 6.30 -43.87 -49.58
CA ALA B 450 6.78 -44.88 -50.51
C ALA B 450 8.30 -45.23 -50.26
N LYS B 451 8.99 -44.41 -49.51
CA LYS B 451 10.43 -44.55 -49.25
C LYS B 451 11.28 -44.58 -50.51
N THR B 452 11.12 -43.52 -51.30
CA THR B 452 11.86 -43.31 -52.52
C THR B 452 12.04 -41.84 -52.74
N GLY B 453 13.02 -41.51 -53.56
CA GLY B 453 13.20 -40.15 -53.98
C GLY B 453 12.06 -39.73 -54.81
N ILE B 454 11.78 -38.42 -54.83
CA ILE B 454 10.72 -37.90 -55.68
C ILE B 454 10.98 -36.37 -55.84
N ASP B 455 10.58 -35.81 -56.94
CA ASP B 455 10.69 -34.36 -57.07
C ASP B 455 9.46 -33.75 -56.35
N THR B 456 9.66 -33.08 -55.23
CA THR B 456 8.48 -32.69 -54.39
C THR B 456 7.84 -31.41 -54.95
N GLY B 457 8.40 -30.88 -56.04
CA GLY B 457 7.83 -29.76 -56.79
C GLY B 457 6.84 -30.20 -57.85
N THR B 458 6.59 -31.51 -57.98
CA THR B 458 5.69 -31.99 -59.00
C THR B 458 4.49 -32.62 -58.39
N LEU B 459 4.28 -32.50 -57.09
CA LEU B 459 3.27 -33.30 -56.43
C LEU B 459 1.93 -32.64 -56.34
N VAL B 460 1.90 -31.33 -56.01
CA VAL B 460 0.69 -30.62 -55.88
C VAL B 460 0.70 -29.28 -56.64
N PRO B 461 -0.46 -28.76 -57.08
CA PRO B 461 -0.37 -27.60 -57.91
C PRO B 461 0.11 -26.33 -57.23
N HIS B 462 -0.05 -26.26 -55.89
CA HIS B 462 0.30 -25.05 -55.17
C HIS B 462 1.72 -25.02 -54.72
N VAL B 463 2.49 -26.07 -54.90
CA VAL B 463 3.92 -26.00 -54.50
C VAL B 463 4.69 -26.32 -55.77
N ARG B 464 5.48 -25.37 -56.21
N ARG B 464 5.45 -25.36 -56.25
CA ARG B 464 6.10 -25.43 -57.54
CA ARG B 464 6.16 -25.53 -57.53
C ARG B 464 7.55 -25.08 -57.42
C ARG B 464 7.58 -25.15 -57.38
N HIS B 465 8.32 -25.42 -58.43
CA HIS B 465 9.71 -24.88 -58.53
C HIS B 465 9.82 -23.42 -58.71
N CYS B 466 10.75 -22.79 -57.95
CA CYS B 466 10.98 -21.37 -58.06
C CYS B 466 11.41 -20.95 -59.44
N GLU B 467 11.08 -19.71 -59.70
CA GLU B 467 11.44 -19.00 -60.95
C GLU B 467 12.92 -18.76 -60.96
N ASP B 468 13.53 -18.44 -59.81
CA ASP B 468 14.95 -17.97 -59.86
C ASP B 468 15.96 -19.05 -59.59
N ILE B 469 15.59 -20.05 -58.81
CA ILE B 469 16.45 -21.13 -58.49
C ILE B 469 15.64 -22.42 -58.74
N SER B 470 16.01 -23.10 -59.82
CA SER B 470 15.11 -24.10 -60.43
C SER B 470 14.83 -25.35 -59.55
N TRP B 471 15.68 -25.65 -58.56
CA TRP B 471 15.40 -26.77 -57.65
C TRP B 471 14.71 -26.33 -56.28
N GLY B 472 14.50 -25.06 -56.10
CA GLY B 472 13.86 -24.54 -54.91
C GLY B 472 12.36 -24.66 -55.01
N LEU B 473 11.63 -24.47 -53.92
CA LEU B 473 10.17 -24.69 -53.98
C LEU B 473 9.51 -23.40 -53.49
N LYS B 474 8.32 -23.08 -54.00
CA LYS B 474 7.62 -21.83 -53.60
C LYS B 474 6.14 -22.19 -53.61
N LEU B 475 5.41 -21.61 -52.69
CA LEU B 475 3.95 -21.65 -52.69
C LEU B 475 3.42 -20.68 -53.72
N VAL B 476 2.38 -21.11 -54.38
N VAL B 476 2.61 -21.15 -54.65
CA VAL B 476 1.55 -20.23 -55.18
CA VAL B 476 2.00 -20.26 -55.66
C VAL B 476 0.03 -20.55 -54.90
C VAL B 476 0.49 -20.25 -55.54
N ASN C 9 -8.57 -2.20 -11.01
CA ASN C 9 -8.01 -3.54 -11.39
C ASN C 9 -7.81 -4.36 -10.13
N ILE C 10 -6.94 -3.89 -9.24
CA ILE C 10 -6.66 -4.56 -7.92
C ILE C 10 -7.18 -3.68 -6.83
N ASN C 11 -7.85 -4.26 -5.86
CA ASN C 11 -8.68 -3.46 -4.98
C ASN C 11 -7.74 -2.69 -3.96
N SER C 12 -8.19 -1.54 -3.42
CA SER C 12 -7.39 -0.80 -2.42
C SER C 12 -6.95 -1.59 -1.19
N ASP C 13 -7.75 -2.56 -0.77
CA ASP C 13 -7.41 -3.33 0.44
C ASP C 13 -6.11 -4.15 0.22
N LYS C 14 -5.61 -4.24 -1.03
CA LYS C 14 -4.34 -4.95 -1.24
C LYS C 14 -3.09 -4.11 -1.30
N LEU C 15 -3.21 -2.81 -1.30
CA LEU C 15 -2.14 -1.95 -1.73
C LEU C 15 -1.33 -1.30 -0.57
N LEU C 16 -1.52 -1.81 0.65
CA LEU C 16 -0.88 -1.28 1.84
C LEU C 16 -0.98 0.24 2.03
N GLY C 17 -2.21 0.79 1.98
CA GLY C 17 -2.41 2.22 2.14
C GLY C 17 -1.95 3.09 1.00
N GLY C 18 -1.72 2.49 -0.18
CA GLY C 18 -1.30 3.23 -1.37
C GLY C 18 0.23 3.14 -1.59
N LEU C 19 0.94 2.45 -0.72
CA LEU C 19 2.38 2.19 -0.97
C LEU C 19 2.55 1.45 -2.29
N LEU C 20 1.80 0.39 -2.49
CA LEU C 20 1.90 -0.39 -3.73
C LEU C 20 1.04 0.19 -4.85
N ALA C 21 1.51 -0.06 -6.08
CA ALA C 21 0.72 0.22 -7.25
C ALA C 21 -0.18 -0.96 -7.63
N SER C 22 -1.35 -0.64 -8.15
CA SER C 22 -2.18 -1.71 -8.71
C SER C 22 -1.71 -1.96 -10.14
N GLY C 23 -2.03 -3.09 -10.70
CA GLY C 23 -1.73 -3.28 -12.12
C GLY C 23 -0.78 -4.38 -12.44
N PHE C 24 -0.14 -4.93 -11.39
CA PHE C 24 0.68 -6.04 -11.55
C PHE C 24 -0.20 -7.30 -11.83
N ASP C 25 0.39 -8.26 -12.51
CA ASP C 25 -0.29 -9.52 -12.75
C ASP C 25 -0.35 -10.25 -11.42
N GLU C 26 -1.52 -10.62 -10.96
CA GLU C 26 -1.61 -11.21 -9.63
C GLU C 26 -0.92 -12.56 -9.48
N ASP C 27 -1.13 -13.44 -10.41
CA ASP C 27 -0.71 -14.84 -10.23
C ASP C 27 0.79 -15.06 -10.40
N SER C 28 1.46 -14.17 -11.12
CA SER C 28 2.95 -14.31 -11.24
C SER C 28 3.77 -13.86 -10.01
N CYS C 29 3.15 -13.13 -9.15
CA CYS C 29 3.70 -12.87 -7.83
C CYS C 29 2.59 -12.82 -6.76
N LEU C 30 2.20 -13.99 -6.27
CA LEU C 30 1.11 -14.13 -5.35
C LEU C 30 1.32 -13.25 -4.16
N SER C 31 2.53 -13.24 -3.61
CA SER C 31 2.82 -12.50 -2.34
C SER C 31 2.45 -11.04 -2.38
N ARG C 32 2.57 -10.45 -3.56
CA ARG C 32 2.46 -8.96 -3.69
C ARG C 32 1.17 -8.47 -3.14
N TYR C 33 0.10 -9.07 -3.59
CA TYR C 33 -1.19 -8.67 -3.10
C TYR C 33 -1.88 -9.64 -2.05
N GLN C 34 -1.29 -10.81 -1.80
N GLN C 34 -1.31 -10.83 -1.83
CA GLN C 34 -1.90 -11.76 -0.87
CA GLN C 34 -1.90 -11.77 -0.88
C GLN C 34 -1.30 -11.68 0.52
C GLN C 34 -1.29 -11.70 0.52
N SER C 35 -0.28 -10.87 0.68
CA SER C 35 0.34 -10.60 1.96
C SER C 35 -0.71 -10.15 2.99
N VAL C 36 -1.73 -9.42 2.57
N VAL C 36 -1.71 -9.43 2.49
CA VAL C 36 -2.77 -8.96 3.50
CA VAL C 36 -2.84 -8.98 3.27
C VAL C 36 -3.60 -10.09 4.17
C VAL C 36 -3.51 -10.07 4.12
N HIS C 37 -3.56 -11.31 3.63
CA HIS C 37 -4.17 -12.42 4.34
C HIS C 37 -3.36 -13.03 5.49
N TYR C 38 -2.10 -12.69 5.56
CA TYR C 38 -1.17 -13.21 6.59
C TYR C 38 -0.68 -12.13 7.56
N ARG C 39 -0.69 -10.90 7.11
N ARG C 39 -0.54 -10.90 7.13
CA ARG C 39 -0.22 -9.78 7.91
CA ARG C 39 0.02 -9.93 8.05
C ARG C 39 -1.27 -9.02 8.61
C ARG C 39 -0.98 -8.88 8.50
N LYS C 40 -0.96 -8.55 9.81
CA LYS C 40 -1.78 -7.43 10.41
C LYS C 40 -1.54 -6.15 9.64
N PRO C 41 -2.53 -5.23 9.61
CA PRO C 41 -2.31 -4.02 8.90
C PRO C 41 -1.29 -3.25 9.76
N SER C 42 -0.32 -2.65 9.08
CA SER C 42 0.64 -1.87 9.78
C SER C 42 -0.03 -0.62 10.37
N PRO C 43 0.30 -0.29 11.63
CA PRO C 43 -0.16 1.06 12.09
C PRO C 43 0.61 2.26 11.49
N TYR C 44 1.64 2.03 10.66
CA TYR C 44 2.44 3.15 10.08
C TYR C 44 2.00 3.39 8.67
N LYS C 45 1.45 4.59 8.45
CA LYS C 45 0.85 4.93 7.16
C LYS C 45 1.91 5.65 6.31
N PRO C 46 2.12 5.25 5.08
CA PRO C 46 3.09 5.96 4.25
C PRO C 46 2.61 7.33 3.95
N SER C 47 3.48 8.32 4.01
CA SER C 47 3.02 9.66 3.71
C SER C 47 2.60 9.84 2.25
N SER C 48 1.72 10.83 2.01
N SER C 48 1.74 10.82 2.03
CA SER C 48 1.30 11.14 0.64
CA SER C 48 1.29 11.13 0.72
C SER C 48 2.49 11.56 -0.23
C SER C 48 2.44 11.62 -0.22
N TYR C 49 3.40 12.33 0.36
CA TYR C 49 4.61 12.70 -0.26
C TYR C 49 5.43 11.47 -0.67
N LEU C 50 5.56 10.47 0.18
CA LEU C 50 6.29 9.29 -0.22
C LEU C 50 5.56 8.58 -1.30
N ILE C 51 4.23 8.48 -1.20
CA ILE C 51 3.48 7.71 -2.21
C ILE C 51 3.69 8.39 -3.60
N SER C 52 3.64 9.70 -3.64
CA SER C 52 3.82 10.39 -4.84
C SER C 52 5.28 10.20 -5.39
N LYS C 53 6.25 10.08 -4.50
CA LYS C 53 7.63 9.87 -4.89
C LYS C 53 7.83 8.48 -5.55
N LEU C 54 7.12 7.51 -5.03
CA LEU C 54 7.20 6.17 -5.55
C LEU C 54 6.52 6.07 -6.90
N ARG C 55 5.36 6.71 -7.03
CA ARG C 55 4.66 6.75 -8.31
C ARG C 55 5.50 7.48 -9.32
N ASN C 56 6.17 8.55 -8.94
CA ASN C 56 7.08 9.24 -9.85
C ASN C 56 8.38 8.46 -10.17
N TYR C 57 8.86 7.72 -9.20
CA TYR C 57 9.95 6.82 -9.46
C TYR C 57 9.54 5.81 -10.55
N GLU C 58 8.36 5.20 -10.44
CA GLU C 58 7.92 4.23 -11.46
C GLU C 58 7.86 4.86 -12.85
N LYS C 59 7.55 6.14 -12.94
CA LYS C 59 7.56 6.87 -14.18
C LYS C 59 8.94 7.03 -14.78
N LEU C 60 9.90 7.39 -13.94
CA LEU C 60 11.29 7.49 -14.31
C LEU C 60 11.87 6.13 -14.76
N HIS C 61 11.51 5.07 -14.04
CA HIS C 61 12.07 3.77 -14.31
C HIS C 61 11.54 3.26 -15.66
N LYS C 62 10.26 3.54 -15.90
CA LYS C 62 9.67 3.25 -17.21
C LYS C 62 10.33 3.96 -18.38
N ARG C 63 10.70 5.17 -18.18
CA ARG C 63 11.35 5.94 -19.20
C ARG C 63 12.79 5.53 -19.47
N CYS C 64 13.54 5.23 -18.41
CA CYS C 64 14.98 5.07 -18.44
C CYS C 64 15.47 3.66 -18.17
N GLY C 65 14.57 2.75 -17.78
CA GLY C 65 14.94 1.37 -17.41
C GLY C 65 15.37 0.39 -18.51
N PRO C 66 15.76 -0.82 -18.12
CA PRO C 66 16.44 -1.74 -18.98
C PRO C 66 15.61 -1.99 -20.19
N GLY C 67 16.24 -1.97 -21.35
CA GLY C 67 15.64 -2.34 -22.65
C GLY C 67 14.99 -1.15 -23.41
N THR C 68 14.88 -0.03 -22.74
CA THR C 68 14.33 1.13 -23.36
C THR C 68 15.35 1.84 -24.27
N GLU C 69 14.80 2.61 -25.18
N GLU C 69 14.88 2.63 -25.21
CA GLU C 69 15.56 3.50 -26.05
CA GLU C 69 15.85 3.29 -26.05
C GLU C 69 16.57 4.34 -25.25
C GLU C 69 16.64 4.41 -25.28
N SER C 70 16.08 4.94 -24.19
CA SER C 70 16.92 5.87 -23.34
C SER C 70 18.04 5.10 -22.63
N TYR C 71 17.77 3.90 -22.12
CA TYR C 71 18.82 3.07 -21.58
C TYR C 71 19.89 2.74 -22.60
N LYS C 72 19.49 2.28 -23.76
CA LYS C 72 20.48 1.98 -24.80
C LYS C 72 21.42 3.12 -25.19
N LYS C 73 20.87 4.32 -25.35
CA LYS C 73 21.66 5.53 -25.53
C LYS C 73 22.52 5.88 -24.27
N ALA C 74 21.97 5.82 -23.07
CA ALA C 74 22.82 6.01 -21.87
C ALA C 74 24.02 5.06 -21.78
N LEU C 75 23.87 3.82 -22.32
CA LEU C 75 24.97 2.86 -22.30
C LEU C 75 26.14 3.33 -23.11
N LYS C 76 25.88 4.04 -24.21
CA LYS C 76 26.93 4.65 -24.96
C LYS C 76 27.85 5.59 -24.15
N GLN C 77 27.41 6.13 -23.01
CA GLN C 77 28.35 6.90 -22.23
C GLN C 77 29.50 6.05 -21.68
N LEU C 78 29.25 4.77 -21.40
CA LEU C 78 30.28 3.91 -20.84
C LEU C 78 31.35 3.51 -21.85
N ASP C 79 31.20 3.79 -23.14
CA ASP C 79 32.31 3.49 -24.09
C ASP C 79 33.52 4.44 -23.99
N GLN C 80 33.33 5.64 -23.45
N GLN C 80 33.28 5.59 -23.36
CA GLN C 80 34.45 6.55 -23.20
CA GLN C 80 34.24 6.65 -23.16
C GLN C 80 34.47 6.98 -21.70
C GLN C 80 34.92 6.52 -21.76
N GLU C 81 35.56 7.58 -21.28
CA GLU C 81 35.86 7.70 -19.84
C GLU C 81 35.22 8.96 -19.24
N HIS C 82 35.06 9.99 -20.07
CA HIS C 82 34.37 11.20 -19.71
C HIS C 82 33.20 11.33 -20.64
N ILE C 83 32.24 12.16 -20.30
CA ILE C 83 31.10 12.38 -21.15
C ILE C 83 31.28 13.71 -21.82
N ASP C 84 30.57 13.84 -22.92
CA ASP C 84 30.42 15.07 -23.67
C ASP C 84 28.91 15.35 -23.68
N GLY C 85 28.50 16.36 -22.92
CA GLY C 85 27.13 16.84 -22.92
C GLY C 85 26.21 16.05 -22.02
N ASP C 86 25.04 16.63 -21.76
CA ASP C 86 24.03 16.05 -20.85
C ASP C 86 23.34 14.84 -21.46
N GLY C 87 23.21 13.76 -20.70
CA GLY C 87 22.29 12.71 -21.07
C GLY C 87 20.93 12.96 -20.44
N GLU C 88 20.00 12.07 -20.69
CA GLU C 88 18.62 12.21 -20.25
C GLU C 88 18.29 11.42 -18.92
N CYS C 89 19.15 10.45 -18.58
CA CYS C 89 18.94 9.41 -17.56
C CYS C 89 20.26 9.24 -16.72
N LYS C 90 20.07 8.98 -15.45
CA LYS C 90 21.18 8.68 -14.58
C LYS C 90 20.84 7.39 -13.77
N TYR C 91 21.87 6.69 -13.38
CA TYR C 91 21.71 5.39 -12.83
C TYR C 91 22.53 5.19 -11.53
N VAL C 92 22.04 4.27 -10.67
CA VAL C 92 22.88 3.60 -9.71
C VAL C 92 22.72 2.09 -9.80
N VAL C 93 23.82 1.35 -9.87
CA VAL C 93 23.81 -0.07 -10.01
C VAL C 93 24.28 -0.67 -8.68
N TRP C 94 23.45 -1.47 -8.08
CA TRP C 94 23.77 -2.21 -6.89
C TRP C 94 24.41 -3.53 -7.24
N ILE C 95 25.64 -3.78 -6.74
CA ILE C 95 26.26 -5.10 -6.95
C ILE C 95 25.84 -6.11 -5.92
N SER C 96 25.46 -7.33 -6.36
CA SER C 96 25.10 -8.41 -5.44
C SER C 96 26.32 -8.85 -4.65
N PHE C 97 26.28 -8.61 -3.36
CA PHE C 97 27.44 -8.81 -2.52
C PHE C 97 26.89 -9.14 -1.14
N SER C 98 27.47 -10.14 -0.53
CA SER C 98 27.38 -10.42 0.91
C SER C 98 26.16 -11.29 1.13
N GLY C 99 25.84 -11.56 2.37
CA GLY C 99 24.70 -12.40 2.68
C GLY C 99 23.36 -11.72 2.53
N LEU C 100 22.30 -12.54 2.71
CA LEU C 100 21.02 -12.16 2.27
C LEU C 100 20.52 -10.96 3.04
N GLY C 101 20.64 -11.00 4.35
CA GLY C 101 20.18 -9.89 5.21
C GLY C 101 20.84 -8.57 4.76
N ASN C 102 22.15 -8.62 4.60
CA ASN C 102 22.91 -7.48 4.19
C ASN C 102 22.45 -6.96 2.84
N ARG C 103 22.18 -7.89 1.93
CA ARG C 103 21.68 -7.50 0.61
C ARG C 103 20.40 -6.80 0.66
N ILE C 104 19.43 -7.29 1.44
CA ILE C 104 18.17 -6.66 1.52
C ILE C 104 18.28 -5.22 2.09
N LEU C 105 19.03 -5.06 3.18
CA LEU C 105 19.20 -3.76 3.82
C LEU C 105 19.97 -2.77 2.94
N SER C 106 21.00 -3.27 2.30
CA SER C 106 21.79 -2.44 1.47
C SER C 106 21.13 -1.99 0.19
N LEU C 107 20.27 -2.86 -0.35
CA LEU C 107 19.57 -2.49 -1.55
C LEU C 107 18.52 -1.48 -1.22
N ALA C 108 17.77 -1.68 -0.16
CA ALA C 108 16.87 -0.66 0.31
C ALA C 108 17.57 0.74 0.48
N SER C 109 18.75 0.73 1.06
CA SER C 109 19.51 1.97 1.22
C SER C 109 19.86 2.59 -0.16
N VAL C 110 20.33 1.79 -1.08
CA VAL C 110 20.65 2.24 -2.45
C VAL C 110 19.40 2.77 -3.17
N PHE C 111 18.23 2.12 -2.97
CA PHE C 111 17.00 2.62 -3.51
C PHE C 111 16.63 4.01 -2.96
N LEU C 112 16.73 4.22 -1.66
CA LEU C 112 16.57 5.52 -1.07
C LEU C 112 17.50 6.57 -1.69
N TYR C 113 18.76 6.17 -1.82
CA TYR C 113 19.71 7.05 -2.41
C TYR C 113 19.35 7.43 -3.87
N ALA C 114 18.83 6.46 -4.59
CA ALA C 114 18.32 6.72 -5.91
C ALA C 114 17.12 7.71 -5.87
N LEU C 115 16.15 7.48 -4.97
CA LEU C 115 15.04 8.46 -4.81
C LEU C 115 15.53 9.92 -4.57
N LEU C 116 16.59 10.06 -3.77
CA LEU C 116 17.08 11.34 -3.36
C LEU C 116 17.88 12.03 -4.45
N THR C 117 18.41 11.28 -5.43
CA THR C 117 19.26 11.79 -6.45
C THR C 117 18.69 11.69 -7.86
N ASP C 118 17.39 11.39 -8.02
CA ASP C 118 16.72 11.22 -9.34
C ASP C 118 17.44 10.25 -10.30
N ARG C 119 17.91 9.17 -9.71
CA ARG C 119 18.55 8.06 -10.43
C ARG C 119 17.61 6.86 -10.52
N VAL C 120 17.88 6.06 -11.52
CA VAL C 120 17.25 4.77 -11.71
C VAL C 120 18.07 3.69 -11.08
N LEU C 121 17.41 2.86 -10.27
CA LEU C 121 18.06 1.70 -9.64
C LEU C 121 18.16 0.53 -10.56
N LEU C 122 19.37 -0.01 -10.73
CA LEU C 122 19.49 -1.27 -11.41
C LEU C 122 20.16 -2.26 -10.51
N VAL C 123 19.69 -3.52 -10.51
CA VAL C 123 20.09 -4.52 -9.56
C VAL C 123 20.86 -5.63 -10.24
N ASP C 124 22.13 -5.82 -9.91
CA ASP C 124 22.87 -7.01 -10.30
C ASP C 124 22.22 -8.31 -9.68
N ARG C 125 21.69 -9.21 -10.51
CA ARG C 125 20.82 -10.23 -9.97
C ARG C 125 21.63 -11.26 -9.24
N GLY C 126 22.94 -11.28 -9.45
CA GLY C 126 23.81 -12.23 -8.77
C GLY C 126 23.43 -13.61 -9.17
N LYS C 127 23.49 -14.53 -8.22
CA LYS C 127 22.99 -15.89 -8.44
C LYS C 127 21.53 -16.15 -8.07
N ASP C 128 20.90 -15.26 -7.31
CA ASP C 128 19.58 -15.63 -6.77
C ASP C 128 18.52 -14.55 -6.68
N MET C 129 18.81 -13.31 -7.06
CA MET C 129 17.89 -12.24 -6.77
C MET C 129 16.61 -12.45 -7.53
N ASP C 130 16.71 -12.91 -8.79
CA ASP C 130 15.50 -13.14 -9.53
C ASP C 130 14.75 -14.40 -9.10
N ASP C 131 15.36 -15.32 -8.43
CA ASP C 131 14.69 -16.48 -7.88
C ASP C 131 13.98 -16.22 -6.55
N LEU C 132 14.50 -15.24 -5.80
CA LEU C 132 13.92 -14.82 -4.55
C LEU C 132 12.82 -13.74 -4.62
N PHE C 133 12.97 -12.74 -5.48
CA PHE C 133 12.12 -11.57 -5.48
C PHE C 133 11.42 -11.36 -6.81
N CYS C 134 10.15 -10.91 -6.73
CA CYS C 134 9.39 -10.37 -7.85
C CYS C 134 9.92 -8.98 -8.25
N GLU C 135 9.44 -8.52 -9.37
CA GLU C 135 9.66 -7.15 -9.87
C GLU C 135 8.89 -6.10 -9.09
N PRO C 136 9.60 -5.09 -8.59
CA PRO C 136 8.89 -4.11 -7.73
C PRO C 136 8.31 -2.86 -8.45
N PHE C 137 8.76 -2.62 -9.67
CA PHE C 137 8.45 -1.41 -10.45
C PHE C 137 7.57 -1.79 -11.65
N LEU C 138 6.36 -1.25 -11.57
CA LEU C 138 5.32 -1.67 -12.46
C LEU C 138 5.70 -1.37 -13.88
N GLY C 139 5.56 -2.40 -14.70
CA GLY C 139 5.84 -2.29 -16.11
C GLY C 139 7.28 -2.49 -16.63
N MET C 140 8.23 -2.88 -15.77
CA MET C 140 9.63 -2.86 -16.11
C MET C 140 10.41 -3.80 -15.21
N SER C 141 11.61 -4.12 -15.63
CA SER C 141 12.45 -4.86 -14.77
C SER C 141 13.41 -3.95 -14.04
N TRP C 142 13.70 -4.34 -12.81
CA TRP C 142 14.78 -3.73 -12.10
C TRP C 142 16.09 -4.40 -12.26
N LEU C 143 16.17 -5.52 -12.95
CA LEU C 143 17.43 -6.21 -13.01
C LEU C 143 18.35 -5.58 -14.04
N LEU C 144 19.61 -5.46 -13.67
CA LEU C 144 20.66 -5.15 -14.60
C LEU C 144 20.66 -6.20 -15.71
N PRO C 145 20.69 -5.73 -16.96
CA PRO C 145 20.73 -6.74 -18.08
C PRO C 145 21.99 -7.52 -18.01
N LEU C 146 21.88 -8.77 -18.36
CA LEU C 146 22.99 -9.65 -18.28
C LEU C 146 24.10 -9.30 -19.21
N ASP C 147 23.84 -8.55 -20.26
CA ASP C 147 24.88 -8.14 -21.18
C ASP C 147 25.45 -6.71 -20.84
N PHE C 148 25.17 -6.23 -19.65
CA PHE C 148 25.81 -4.99 -19.19
C PHE C 148 27.33 -5.12 -19.26
N PRO C 149 28.03 -4.15 -19.90
CA PRO C 149 29.45 -4.46 -20.25
C PRO C 149 30.46 -4.47 -19.09
N MET C 150 30.11 -3.91 -17.96
CA MET C 150 31.00 -3.85 -16.85
C MET C 150 30.77 -4.95 -15.86
N THR C 151 29.81 -5.84 -16.09
CA THR C 151 29.51 -6.85 -15.11
C THR C 151 30.68 -7.70 -14.67
N ASP C 152 31.55 -8.05 -15.60
CA ASP C 152 32.65 -8.90 -15.17
C ASP C 152 33.74 -8.18 -14.40
N GLN C 153 33.70 -6.85 -14.36
CA GLN C 153 34.59 -6.02 -13.50
C GLN C 153 34.15 -5.91 -12.04
N PHE C 154 32.90 -6.25 -11.76
CA PHE C 154 32.28 -6.02 -10.45
C PHE C 154 33.03 -6.60 -9.28
N ASP C 155 33.46 -7.85 -9.45
CA ASP C 155 34.19 -8.54 -8.41
C ASP C 155 35.57 -7.96 -8.11
N GLY C 156 36.26 -7.46 -9.14
CA GLY C 156 37.53 -6.82 -8.95
C GLY C 156 37.47 -5.46 -8.26
N LEU C 157 36.32 -4.79 -8.29
CA LEU C 157 36.25 -3.41 -7.87
C LEU C 157 36.47 -3.35 -6.38
N ASN C 158 37.33 -2.42 -5.97
CA ASN C 158 37.68 -2.30 -4.58
C ASN C 158 38.31 -0.88 -4.31
N GLN C 159 38.84 -0.64 -3.11
CA GLN C 159 39.30 0.72 -2.78
C GLN C 159 40.47 1.18 -3.62
N GLU C 160 41.21 0.24 -4.16
CA GLU C 160 42.30 0.57 -5.07
C GLU C 160 41.94 0.79 -6.50
N SER C 161 40.70 0.52 -6.97
CA SER C 161 40.39 0.81 -8.38
C SER C 161 40.60 2.29 -8.71
N SER C 162 41.05 2.53 -9.93
CA SER C 162 41.16 3.90 -10.43
C SER C 162 39.79 4.64 -10.48
N ARG C 163 38.72 3.86 -10.66
N ARG C 163 38.67 3.94 -10.73
N ARG C 163 38.73 3.84 -10.72
CA ARG C 163 37.38 4.37 -10.77
CA ARG C 163 37.40 4.66 -10.73
CA ARG C 163 37.33 4.25 -10.78
C ARG C 163 36.68 4.58 -9.41
C ARG C 163 36.68 4.69 -9.37
C ARG C 163 36.71 4.62 -9.41
N CYS C 164 37.34 4.20 -8.31
CA CYS C 164 36.78 4.33 -6.95
C CYS C 164 36.84 5.74 -6.43
N TYR C 165 35.72 6.28 -5.95
CA TYR C 165 35.65 7.70 -5.59
C TYR C 165 36.66 7.93 -4.41
N GLY C 166 36.74 6.99 -3.49
CA GLY C 166 37.65 7.08 -2.35
C GLY C 166 39.12 7.09 -2.83
N TYR C 167 39.40 6.32 -3.91
CA TYR C 167 40.74 6.36 -4.49
C TYR C 167 41.04 7.75 -5.02
N MET C 168 40.10 8.29 -5.78
CA MET C 168 40.25 9.64 -6.35
C MET C 168 40.41 10.73 -5.25
N VAL C 169 39.67 10.58 -4.16
CA VAL C 169 39.72 11.54 -3.04
C VAL C 169 41.12 11.43 -2.35
N LYS C 170 41.59 10.21 -2.15
CA LYS C 170 42.83 9.97 -1.41
C LYS C 170 44.00 10.49 -2.25
N ASN C 171 44.07 10.11 -3.53
CA ASN C 171 45.13 10.55 -4.41
C ASN C 171 45.01 11.99 -4.96
N GLN C 172 43.93 12.70 -4.58
CA GLN C 172 43.67 14.08 -5.06
C GLN C 172 43.84 14.17 -6.60
N VAL C 173 43.25 13.20 -7.28
CA VAL C 173 43.35 13.05 -8.73
C VAL C 173 42.98 14.37 -9.45
N ILE C 174 43.86 14.89 -10.29
CA ILE C 174 43.49 15.97 -11.22
C ILE C 174 42.75 15.41 -12.45
N ASP C 175 41.77 16.15 -12.98
CA ASP C 175 41.04 15.72 -14.20
C ASP C 175 40.44 16.90 -15.00
N THR C 176 41.21 17.38 -15.98
CA THR C 176 40.83 18.56 -16.81
C THR C 176 39.95 18.20 -18.03
N GLU C 177 39.36 17.01 -18.03
CA GLU C 177 38.55 16.49 -19.15
C GLU C 177 37.04 16.42 -18.87
N GLY C 178 36.55 17.16 -17.86
CA GLY C 178 35.11 17.27 -17.66
C GLY C 178 34.52 16.27 -16.67
N THR C 179 33.36 15.68 -17.04
CA THR C 179 32.56 14.87 -16.12
C THR C 179 32.73 13.38 -16.49
N LEU C 180 33.07 12.56 -15.48
CA LEU C 180 33.26 11.11 -15.67
C LEU C 180 31.93 10.41 -16.07
N SER C 181 32.05 9.31 -16.81
CA SER C 181 30.85 8.62 -17.27
C SER C 181 30.41 7.61 -16.21
N HIS C 182 31.35 7.12 -15.43
CA HIS C 182 31.06 6.26 -14.29
C HIS C 182 31.97 6.40 -13.07
N LEU C 183 31.47 6.02 -11.89
CA LEU C 183 32.26 6.07 -10.70
C LEU C 183 31.85 4.87 -9.87
N TYR C 184 32.83 4.18 -9.26
CA TYR C 184 32.61 3.14 -8.26
C TYR C 184 32.54 3.68 -6.83
N LEU C 185 31.51 3.36 -6.08
CA LEU C 185 31.48 3.78 -4.68
C LEU C 185 31.70 2.61 -3.78
N HIS C 186 32.77 2.59 -3.00
CA HIS C 186 33.04 1.43 -2.17
C HIS C 186 32.41 1.77 -0.80
N LEU C 187 31.32 1.08 -0.48
CA LEU C 187 30.57 1.36 0.70
C LEU C 187 30.45 0.07 1.58
N VAL C 188 31.42 -0.80 1.48
CA VAL C 188 31.47 -2.05 2.19
C VAL C 188 32.04 -1.71 3.62
N HIS C 189 31.84 -2.58 4.61
CA HIS C 189 32.10 -2.25 6.03
C HIS C 189 33.58 -1.96 6.22
N ASP C 190 34.44 -2.45 5.31
CA ASP C 190 35.86 -2.21 5.42
C ASP C 190 36.35 -0.89 4.84
N TYR C 191 35.43 -0.04 4.42
CA TYR C 191 35.79 1.16 3.79
C TYR C 191 36.50 2.11 4.72
N GLY C 192 37.26 3.01 4.11
CA GLY C 192 38.12 3.94 4.86
C GLY C 192 37.63 5.38 4.87
N ASP C 193 38.46 6.31 5.34
CA ASP C 193 38.06 7.75 5.59
C ASP C 193 37.73 8.48 4.26
N HIS C 194 38.45 8.12 3.19
CA HIS C 194 38.21 8.72 1.90
C HIS C 194 36.90 8.25 1.21
N ASP C 195 36.62 6.96 1.32
CA ASP C 195 35.37 6.37 0.81
C ASP C 195 34.25 7.00 1.60
N LYS C 196 34.47 7.35 2.88
CA LYS C 196 33.36 7.84 3.76
C LYS C 196 33.01 9.26 3.41
N MET C 197 33.83 9.90 2.55
CA MET C 197 33.47 11.22 2.00
C MET C 197 32.15 11.20 1.17
N PHE C 198 31.67 10.05 0.75
CA PHE C 198 30.38 9.91 0.14
C PHE C 198 29.32 10.63 1.00
N PHE C 199 29.48 10.58 2.29
CA PHE C 199 28.44 11.09 3.21
C PHE C 199 28.57 12.60 3.51
N CYS C 200 29.28 13.31 2.63
CA CYS C 200 29.39 14.74 2.67
C CYS C 200 28.70 15.47 1.56
N GLU C 201 28.12 16.60 1.88
CA GLU C 201 27.41 17.39 0.90
C GLU C 201 28.24 17.71 -0.36
N GLY C 202 29.49 18.17 -0.20
CA GLY C 202 30.26 18.58 -1.41
C GLY C 202 30.54 17.45 -2.37
N ASP C 203 30.87 16.33 -1.75
CA ASP C 203 31.14 15.18 -2.55
C ASP C 203 29.86 14.73 -3.27
N GLN C 204 28.70 14.86 -2.61
CA GLN C 204 27.41 14.49 -3.26
C GLN C 204 27.15 15.34 -4.50
N THR C 205 27.60 16.58 -4.46
CA THR C 205 27.56 17.48 -5.63
C THR C 205 28.43 17.01 -6.80
N PHE C 206 29.63 16.56 -6.51
CA PHE C 206 30.54 16.07 -7.53
C PHE C 206 29.95 14.73 -8.07
N ILE C 207 29.63 13.80 -7.19
CA ILE C 207 29.04 12.50 -7.56
C ILE C 207 27.79 12.70 -8.40
N GLY C 208 27.00 13.72 -8.07
CA GLY C 208 25.72 13.97 -8.64
C GLY C 208 25.71 14.24 -10.15
N LYS C 209 26.87 14.63 -10.70
CA LYS C 209 27.09 14.90 -12.10
C LYS C 209 27.33 13.62 -12.92
N VAL C 210 27.71 12.53 -12.26
CA VAL C 210 28.21 11.36 -13.00
C VAL C 210 26.99 10.50 -13.39
N PRO C 211 26.83 10.16 -14.68
CA PRO C 211 25.55 9.52 -14.98
C PRO C 211 25.43 8.11 -14.45
N TRP C 212 26.53 7.35 -14.42
CA TRP C 212 26.50 5.99 -13.94
C TRP C 212 27.30 5.83 -12.63
N LEU C 213 26.63 5.42 -11.58
CA LEU C 213 27.28 5.04 -10.36
C LEU C 213 27.17 3.55 -10.14
N ILE C 214 28.24 2.94 -9.66
CA ILE C 214 28.27 1.51 -9.39
C ILE C 214 28.60 1.39 -7.88
N VAL C 215 27.77 0.71 -7.11
CA VAL C 215 27.90 0.64 -5.64
C VAL C 215 28.04 -0.73 -5.18
N LYS C 216 28.95 -0.91 -4.25
CA LYS C 216 29.11 -2.21 -3.59
C LYS C 216 29.02 -1.91 -2.10
N THR C 217 28.06 -2.51 -1.44
CA THR C 217 27.85 -2.27 -0.06
C THR C 217 27.19 -3.43 0.68
N ASP C 218 27.43 -3.57 1.96
CA ASP C 218 26.82 -4.54 2.85
C ASP C 218 26.18 -3.93 4.11
N ASN C 219 25.98 -2.64 4.10
CA ASN C 219 25.49 -1.92 5.24
C ASN C 219 24.21 -1.23 4.97
N TYR C 220 23.42 -1.06 6.02
CA TYR C 220 22.23 -0.24 6.00
C TYR C 220 22.62 1.23 6.29
N PHE C 221 22.91 2.00 5.24
CA PHE C 221 23.52 3.33 5.43
C PHE C 221 22.59 4.43 5.50
N VAL C 222 21.32 4.11 5.50
CA VAL C 222 20.28 5.14 5.63
C VAL C 222 20.49 6.27 6.71
N PRO C 223 20.80 5.93 7.95
CA PRO C 223 20.83 7.00 8.95
C PRO C 223 21.73 8.16 8.55
N SER C 224 22.89 7.80 8.01
CA SER C 224 23.82 8.84 7.57
C SER C 224 23.38 9.75 6.43
N LEU C 225 22.34 9.33 5.64
CA LEU C 225 21.79 10.16 4.64
C LEU C 225 21.02 11.36 5.23
N TRP C 226 20.47 11.12 6.42
CA TRP C 226 19.78 12.16 7.13
C TRP C 226 20.69 13.29 7.61
N LEU C 227 21.98 13.03 7.76
CA LEU C 227 22.91 14.03 8.20
C LEU C 227 23.52 14.84 7.04
N ILE C 228 23.12 14.57 5.79
CA ILE C 228 23.60 15.34 4.63
C ILE C 228 22.64 16.48 4.32
N PRO C 229 23.14 17.72 4.35
CA PRO C 229 22.28 18.84 3.92
C PRO C 229 21.70 18.69 2.51
N GLY C 230 20.42 18.97 2.35
CA GLY C 230 19.74 18.78 1.03
C GLY C 230 18.86 17.54 1.13
N PHE C 231 19.50 16.41 1.42
CA PHE C 231 18.74 15.19 1.62
C PHE C 231 17.87 15.32 2.87
N ASP C 232 18.30 16.12 3.84
CA ASP C 232 17.60 16.12 5.09
C ASP C 232 16.21 16.64 4.96
N ASP C 233 16.02 17.71 4.19
CA ASP C 233 14.68 18.29 3.96
C ASP C 233 13.74 17.34 3.23
N GLU C 234 14.28 16.70 2.22
CA GLU C 234 13.49 15.72 1.39
C GLU C 234 13.09 14.51 2.30
N LEU C 235 14.05 13.97 3.06
CA LEU C 235 13.74 12.87 3.97
C LEU C 235 12.67 13.19 4.97
N ASN C 236 12.73 14.40 5.52
N ASN C 236 12.69 14.40 5.51
CA ASN C 236 11.75 14.86 6.48
CA ASN C 236 11.67 14.73 6.48
C ASN C 236 10.35 14.82 5.85
C ASN C 236 10.29 14.83 5.84
N LYS C 237 10.23 15.17 4.55
CA LYS C 237 8.93 15.19 3.82
C LYS C 237 8.49 13.74 3.54
N LEU C 238 9.46 12.93 3.14
CA LEU C 238 9.20 11.54 2.80
C LEU C 238 8.72 10.74 3.99
N PHE C 239 9.45 10.89 5.11
CA PHE C 239 9.17 10.16 6.31
C PHE C 239 8.93 11.02 7.55
N PRO C 240 7.69 11.51 7.72
CA PRO C 240 7.34 12.24 8.95
C PRO C 240 7.51 11.43 10.23
N GLN C 241 7.32 10.13 10.19
CA GLN C 241 7.68 9.30 11.28
C GLN C 241 9.03 8.78 10.83
N LYS C 242 10.08 9.27 11.45
CA LYS C 242 11.39 9.03 10.85
C LYS C 242 11.86 7.56 10.92
N ALA C 243 11.35 6.80 11.85
CA ALA C 243 11.79 5.44 11.99
C ALA C 243 10.96 4.49 11.16
N THR C 244 10.49 4.92 10.00
CA THR C 244 9.70 4.04 9.13
C THR C 244 10.33 3.84 7.78
N VAL C 245 11.61 4.13 7.64
CA VAL C 245 12.22 4.07 6.33
C VAL C 245 12.26 2.69 5.80
N PHE C 246 12.93 1.79 6.52
CA PHE C 246 13.00 0.43 5.99
C PHE C 246 11.59 -0.17 5.98
N HIS C 247 10.83 0.09 7.02
CA HIS C 247 9.43 -0.44 7.01
C HIS C 247 8.69 -0.17 5.69
N HIS C 248 8.72 1.07 5.21
CA HIS C 248 8.04 1.47 3.96
C HIS C 248 8.78 0.98 2.71
N LEU C 249 10.04 1.27 2.63
CA LEU C 249 10.80 0.94 1.49
C LEU C 249 10.95 -0.59 1.34
N GLY C 250 11.13 -1.32 2.41
CA GLY C 250 11.31 -2.77 2.34
C GLY C 250 10.03 -3.45 1.90
N ARG C 251 8.88 -2.93 2.37
CA ARG C 251 7.64 -3.55 1.99
C ARG C 251 7.34 -3.20 0.56
N TYR C 252 7.74 -2.04 0.10
CA TYR C 252 7.59 -1.68 -1.31
C TYR C 252 8.45 -2.47 -2.29
N LEU C 253 9.72 -2.66 -1.93
CA LEU C 253 10.62 -3.32 -2.82
C LEU C 253 10.63 -4.85 -2.85
N PHE C 254 10.43 -5.50 -1.74
CA PHE C 254 10.71 -6.92 -1.59
C PHE C 254 9.46 -7.77 -1.51
N HIS C 255 9.20 -8.49 -2.58
CA HIS C 255 8.03 -9.37 -2.61
C HIS C 255 8.59 -10.74 -2.96
N PRO C 256 8.44 -11.74 -2.12
CA PRO C 256 8.95 -13.06 -2.42
C PRO C 256 8.25 -13.69 -3.61
N THR C 257 9.01 -14.42 -4.43
CA THR C 257 8.48 -15.16 -5.55
C THR C 257 7.54 -16.23 -5.09
N ASN C 258 6.82 -16.81 -6.01
CA ASN C 258 5.84 -17.76 -5.62
C ASN C 258 6.41 -18.99 -4.89
N GLN C 259 7.62 -19.45 -5.28
CA GLN C 259 8.26 -20.60 -4.61
C GLN C 259 8.56 -20.29 -3.18
N VAL C 260 9.04 -19.06 -2.91
CA VAL C 260 9.31 -18.69 -1.54
C VAL C 260 8.04 -18.44 -0.77
N TRP C 261 7.09 -17.74 -1.39
CA TRP C 261 5.84 -17.50 -0.76
C TRP C 261 5.12 -18.77 -0.35
N GLY C 262 5.25 -19.83 -1.12
CA GLY C 262 4.69 -21.13 -0.78
C GLY C 262 5.23 -21.62 0.57
N LEU C 263 6.53 -21.40 0.79
CA LEU C 263 7.12 -21.80 2.04
C LEU C 263 6.50 -21.07 3.21
N VAL C 264 6.27 -19.79 2.97
CA VAL C 264 5.71 -18.93 4.03
C VAL C 264 4.28 -19.37 4.30
N THR C 265 3.46 -19.39 3.29
CA THR C 265 2.06 -19.66 3.52
C THR C 265 1.79 -21.06 4.04
N ARG C 266 2.51 -22.05 3.59
CA ARG C 266 2.28 -23.39 4.04
C ARG C 266 2.69 -23.56 5.51
N TYR C 267 3.81 -22.95 5.92
CA TYR C 267 4.27 -23.03 7.26
C TYR C 267 3.30 -22.28 8.23
N TYR C 268 2.92 -21.02 7.87
CA TYR C 268 1.98 -20.23 8.64
C TYR C 268 0.69 -21.01 8.85
N GLU C 269 0.13 -21.51 7.78
CA GLU C 269 -1.17 -22.13 7.91
C GLU C 269 -1.08 -23.39 8.72
N ALA C 270 -0.04 -24.17 8.54
CA ALA C 270 0.06 -25.47 9.24
C ALA C 270 0.37 -25.38 10.72
N TYR C 271 1.16 -24.40 11.13
CA TYR C 271 1.69 -24.37 12.48
C TYR C 271 1.37 -23.16 13.24
N LEU C 272 1.20 -22.00 12.60
CA LEU C 272 1.09 -20.77 13.33
C LEU C 272 -0.26 -20.11 13.40
N SER C 273 -1.15 -20.47 12.50
N SER C 273 -1.15 -20.46 12.49
CA SER C 273 -2.34 -19.67 12.24
CA SER C 273 -2.35 -19.63 12.25
C SER C 273 -3.34 -19.65 13.42
C SER C 273 -3.46 -19.77 13.29
N HIS C 274 -3.37 -20.75 14.15
CA HIS C 274 -4.41 -20.96 15.16
C HIS C 274 -4.22 -20.26 16.51
N ALA C 275 -2.99 -19.95 16.81
CA ALA C 275 -2.62 -19.48 18.08
C ALA C 275 -3.20 -18.06 18.28
N ASP C 276 -3.51 -17.69 19.53
CA ASP C 276 -4.00 -16.39 19.81
C ASP C 276 -2.90 -15.35 19.69
N GLU C 277 -1.66 -15.73 19.92
CA GLU C 277 -0.59 -14.82 19.89
C GLU C 277 0.68 -15.57 19.41
N LYS C 278 1.49 -14.93 18.54
CA LYS C 278 2.68 -15.57 17.95
C LYS C 278 3.88 -14.78 18.41
N ILE C 279 4.89 -15.48 18.90
CA ILE C 279 6.15 -14.90 19.38
C ILE C 279 7.20 -15.39 18.47
N GLY C 280 8.01 -14.49 17.95
CA GLY C 280 9.13 -14.91 17.16
C GLY C 280 10.44 -14.79 17.91
N ILE C 281 11.29 -15.78 17.75
CA ILE C 281 12.59 -15.72 18.38
C ILE C 281 13.68 -16.06 17.36
N GLN C 282 14.43 -15.03 17.01
CA GLN C 282 15.45 -15.07 15.98
C GLN C 282 16.83 -15.17 16.62
N VAL C 283 17.42 -16.35 16.48
CA VAL C 283 18.57 -16.73 17.13
C VAL C 283 19.71 -16.78 16.13
N ARG C 284 20.70 -15.97 16.40
CA ARG C 284 21.97 -16.03 15.75
C ARG C 284 23.08 -15.88 16.78
N VAL C 285 24.04 -16.83 16.74
CA VAL C 285 25.12 -16.88 17.69
C VAL C 285 26.43 -16.67 16.90
N PHE C 286 27.16 -15.57 17.16
CA PHE C 286 28.40 -15.27 16.43
C PHE C 286 29.53 -15.87 17.19
N ASP C 287 29.88 -17.10 16.87
CA ASP C 287 30.89 -17.81 17.68
C ASP C 287 31.43 -18.86 16.73
N GLU C 288 32.73 -19.04 16.71
CA GLU C 288 33.30 -19.94 15.73
C GLU C 288 32.99 -21.39 16.13
N ASP C 289 32.89 -21.66 17.44
CA ASP C 289 32.74 -23.02 17.95
C ASP C 289 31.28 -23.46 17.74
N PRO C 290 31.05 -24.78 17.61
CA PRO C 290 29.78 -25.31 17.06
C PRO C 290 28.40 -24.81 17.66
N GLY C 291 28.26 -24.85 19.00
CA GLY C 291 26.92 -24.77 19.63
C GLY C 291 26.28 -26.14 19.86
N PRO C 292 25.04 -26.19 20.35
CA PRO C 292 24.35 -25.06 20.97
C PRO C 292 25.01 -24.64 22.28
N PHE C 293 24.61 -23.51 22.83
CA PHE C 293 25.23 -22.96 24.06
C PHE C 293 24.20 -22.74 25.14
N GLN C 294 24.47 -23.34 26.30
CA GLN C 294 23.58 -23.21 27.43
C GLN C 294 23.39 -21.73 27.82
N HIS C 295 24.46 -20.89 27.73
CA HIS C 295 24.31 -19.52 28.14
C HIS C 295 23.31 -18.78 27.24
N VAL C 296 23.16 -19.18 25.99
CA VAL C 296 22.17 -18.60 25.08
C VAL C 296 20.78 -19.17 25.37
N MET C 297 20.67 -20.45 25.64
CA MET C 297 19.40 -21.04 26.08
C MET C 297 18.87 -20.33 27.30
N ASP C 298 19.75 -20.09 28.23
CA ASP C 298 19.33 -19.38 29.49
C ASP C 298 18.95 -17.93 29.21
N GLN C 299 19.65 -17.29 28.29
CA GLN C 299 19.36 -15.95 27.87
C GLN C 299 17.94 -15.86 27.33
N ILE C 300 17.62 -16.83 26.47
CA ILE C 300 16.33 -16.85 25.77
C ILE C 300 15.18 -17.03 26.73
N SER C 301 15.35 -17.93 27.70
CA SER C 301 14.37 -18.13 28.73
C SER C 301 14.25 -16.93 29.58
N SER C 302 15.38 -16.37 30.00
N SER C 302 15.38 -16.36 29.97
CA SER C 302 15.35 -15.22 30.92
CA SER C 302 15.34 -15.23 30.86
C SER C 302 14.64 -14.04 30.24
C SER C 302 14.64 -14.03 30.23
N CYS C 303 14.98 -13.80 28.98
CA CYS C 303 14.39 -12.71 28.27
C CYS C 303 12.91 -12.86 28.08
N THR C 304 12.47 -14.00 27.58
CA THR C 304 11.01 -14.14 27.25
C THR C 304 10.15 -14.12 28.51
N GLN C 305 10.71 -14.63 29.60
CA GLN C 305 9.96 -14.69 30.86
C GLN C 305 9.95 -13.36 31.59
N LYS C 306 11.09 -12.67 31.63
CA LYS C 306 11.07 -11.37 32.35
C LYS C 306 10.20 -10.33 31.62
N GLU C 307 10.08 -10.43 30.29
CA GLU C 307 9.31 -9.46 29.55
C GLU C 307 7.87 -9.90 29.36
N LYS C 308 7.50 -11.05 29.90
CA LYS C 308 6.16 -11.59 29.85
C LYS C 308 5.71 -11.97 28.43
N LEU C 309 6.66 -12.31 27.55
CA LEU C 309 6.39 -12.81 26.21
C LEU C 309 5.99 -14.29 26.30
N LEU C 310 6.66 -15.05 27.18
CA LEU C 310 6.32 -16.43 27.43
C LEU C 310 6.24 -16.64 28.93
N PRO C 311 5.43 -17.59 29.36
CA PRO C 311 5.27 -17.86 30.77
C PRO C 311 6.35 -18.70 31.36
N GLU C 312 6.50 -18.53 32.67
CA GLU C 312 7.29 -19.42 33.47
C GLU C 312 6.61 -20.78 33.54
N VAL C 313 7.41 -21.79 33.81
CA VAL C 313 6.91 -23.09 34.17
C VAL C 313 7.18 -23.35 35.59
N ASP C 314 6.64 -24.46 36.05
CA ASP C 314 6.28 -24.60 37.43
C ASP C 314 6.44 -26.07 37.74
N THR C 315 7.04 -26.37 38.86
CA THR C 315 7.17 -27.74 39.28
C THR C 315 6.22 -28.10 40.44
N LEU C 316 5.37 -27.16 40.85
CA LEU C 316 4.45 -27.38 41.97
C LEU C 316 3.45 -28.52 41.71
N VAL C 317 3.19 -29.37 42.74
CA VAL C 317 2.13 -30.35 42.60
C VAL C 317 0.68 -29.76 42.42
N GLU C 318 0.29 -28.75 43.22
CA GLU C 318 -1.03 -28.06 43.02
C GLU C 318 -1.02 -27.04 41.85
N ARG C 319 -2.06 -27.08 41.01
CA ARG C 319 -2.29 -26.10 39.91
C ARG C 319 -3.33 -25.02 40.35
N THR C 325 -10.65 -19.82 29.92
CA THR C 325 -9.80 -18.66 29.58
C THR C 325 -8.31 -18.95 29.10
N PRO C 326 -7.92 -20.25 28.73
CA PRO C 326 -6.44 -20.50 28.41
C PRO C 326 -5.99 -19.95 27.01
N LYS C 327 -5.11 -18.94 26.92
CA LYS C 327 -4.59 -18.49 25.60
C LYS C 327 -3.60 -19.52 24.99
N HIS C 328 -3.60 -19.70 23.68
N HIS C 328 -3.66 -19.79 23.68
CA HIS C 328 -2.63 -20.50 23.02
CA HIS C 328 -2.63 -20.54 22.98
C HIS C 328 -1.58 -19.56 22.37
C HIS C 328 -1.59 -19.55 22.41
N LYS C 329 -0.32 -19.71 22.77
CA LYS C 329 0.79 -18.98 22.12
C LYS C 329 1.65 -19.89 21.30
N ALA C 330 1.94 -19.49 20.07
CA ALA C 330 2.87 -20.23 19.21
C ALA C 330 4.20 -19.43 19.13
N VAL C 331 5.29 -20.12 19.39
CA VAL C 331 6.62 -19.60 19.34
C VAL C 331 7.36 -20.12 18.08
N LEU C 332 7.69 -19.22 17.16
CA LEU C 332 8.53 -19.45 16.03
C LEU C 332 9.96 -19.16 16.27
N VAL C 333 10.79 -20.16 16.27
CA VAL C 333 12.20 -20.02 16.57
C VAL C 333 12.94 -20.27 15.26
N THR C 334 13.74 -19.31 14.83
CA THR C 334 14.70 -19.50 13.76
C THR C 334 16.12 -19.55 14.19
N SER C 335 16.89 -20.46 13.64
CA SER C 335 18.27 -20.64 14.13
C SER C 335 19.00 -21.56 13.23
N LEU C 336 20.28 -21.39 13.07
CA LEU C 336 21.11 -22.45 12.40
C LEU C 336 21.14 -23.83 13.15
N ASN C 337 21.33 -23.79 14.46
CA ASN C 337 21.35 -24.95 15.28
C ASN C 337 19.97 -25.28 15.80
N ALA C 338 19.55 -26.55 15.76
CA ALA C 338 18.15 -26.92 16.22
C ALA C 338 18.00 -26.91 17.76
N GLY C 339 19.14 -26.74 18.46
CA GLY C 339 19.18 -26.96 19.90
C GLY C 339 18.44 -25.95 20.73
N TYR C 340 18.29 -24.74 20.24
CA TYR C 340 17.55 -23.69 20.99
C TYR C 340 16.03 -23.93 20.99
N ALA C 341 15.47 -24.22 19.80
CA ALA C 341 14.03 -24.58 19.68
C ALA C 341 13.76 -25.82 20.47
N GLU C 342 14.61 -26.79 20.34
CA GLU C 342 14.41 -28.09 21.02
C GLU C 342 14.41 -27.94 22.54
N ASN C 343 15.24 -27.08 23.05
CA ASN C 343 15.28 -26.86 24.47
C ASN C 343 13.97 -26.23 24.94
N LEU C 344 13.52 -25.19 24.27
CA LEU C 344 12.33 -24.54 24.67
C LEU C 344 11.12 -25.47 24.48
N LYS C 345 11.11 -26.18 23.38
CA LYS C 345 10.05 -27.17 23.14
C LYS C 345 9.94 -28.22 24.25
N SER C 346 11.06 -28.78 24.68
N SER C 346 11.07 -28.78 24.68
CA SER C 346 11.06 -29.76 25.72
CA SER C 346 11.10 -29.75 25.77
C SER C 346 10.66 -29.20 27.08
C SER C 346 10.62 -29.17 27.08
N MET C 347 11.06 -27.98 27.39
CA MET C 347 10.66 -27.33 28.59
C MET C 347 9.17 -27.12 28.71
N TYR C 348 8.57 -26.68 27.64
CA TYR C 348 7.12 -26.53 27.65
C TYR C 348 6.34 -27.85 27.46
N TRP C 349 7.05 -28.89 27.03
CA TRP C 349 6.42 -30.24 27.06
C TRP C 349 6.44 -30.82 28.45
N GLU C 350 7.58 -30.67 29.11
CA GLU C 350 7.85 -31.35 30.40
C GLU C 350 7.23 -30.72 31.65
N TYR C 351 6.94 -29.44 31.62
CA TYR C 351 6.37 -28.75 32.75
C TYR C 351 5.18 -27.88 32.40
N PRO C 352 4.24 -27.81 33.31
CA PRO C 352 3.10 -26.95 33.09
C PRO C 352 3.48 -25.46 33.27
N THR C 353 2.72 -24.61 32.61
CA THR C 353 2.89 -23.14 32.69
C THR C 353 2.28 -22.61 33.96
N SER C 354 2.97 -21.63 34.54
CA SER C 354 2.53 -21.01 35.69
C SER C 354 1.25 -20.24 35.43
N THR C 355 0.98 -19.87 34.19
CA THR C 355 -0.25 -19.13 33.87
C THR C 355 -1.44 -19.98 33.36
N GLY C 356 -1.25 -21.25 33.01
CA GLY C 356 -2.30 -22.02 32.29
C GLY C 356 -2.23 -21.89 30.78
N GLU C 357 -1.42 -20.96 30.29
CA GLU C 357 -1.27 -20.78 28.86
C GLU C 357 -0.72 -22.03 28.11
N ILE C 358 -1.25 -22.22 26.91
CA ILE C 358 -0.89 -23.33 26.08
C ILE C 358 0.24 -22.89 25.16
N ILE C 359 1.41 -23.50 25.29
CA ILE C 359 2.57 -23.08 24.55
C ILE C 359 3.04 -24.14 23.60
N GLY C 360 3.14 -23.77 22.34
CA GLY C 360 3.78 -24.63 21.37
C GLY C 360 4.95 -23.99 20.69
N VAL C 361 6.01 -24.77 20.44
CA VAL C 361 7.24 -24.20 19.92
C VAL C 361 7.45 -24.89 18.60
N HIS C 362 7.78 -24.07 17.61
CA HIS C 362 7.92 -24.48 16.23
C HIS C 362 9.18 -23.97 15.55
N GLN C 363 9.87 -24.82 14.83
N GLN C 363 9.84 -24.86 14.82
CA GLN C 363 11.05 -24.36 14.03
CA GLN C 363 11.00 -24.49 14.02
C GLN C 363 10.99 -24.98 12.64
C GLN C 363 10.71 -24.92 12.59
N PRO C 364 11.25 -24.20 11.61
CA PRO C 364 11.19 -24.80 10.26
C PRO C 364 12.18 -25.94 10.02
N SER C 365 11.82 -26.83 9.13
CA SER C 365 12.68 -27.98 8.76
C SER C 365 14.12 -27.49 8.53
N GLN C 366 15.07 -28.14 9.19
CA GLN C 366 16.44 -27.66 9.21
C GLN C 366 17.30 -28.24 8.04
N GLU C 367 17.08 -29.50 7.66
CA GLU C 367 17.73 -30.07 6.46
C GLU C 367 16.72 -30.15 5.30
N GLY C 368 17.24 -30.09 4.08
CA GLY C 368 16.43 -30.18 2.86
C GLY C 368 15.65 -31.48 2.73
N TYR C 369 14.66 -31.45 1.85
CA TYR C 369 13.90 -32.63 1.46
C TYR C 369 14.64 -33.43 0.33
N GLN C 370 15.07 -32.72 -0.75
CA GLN C 370 15.83 -33.29 -1.92
C GLN C 370 15.50 -34.75 -2.26
N MET C 376 17.48 -21.75 -2.80
CA MET C 376 17.22 -23.08 -2.19
C MET C 376 17.48 -23.02 -0.61
N HIS C 377 18.78 -22.96 -0.23
CA HIS C 377 19.20 -22.38 1.08
C HIS C 377 18.67 -20.92 1.21
N ASN C 378 18.90 -20.05 0.19
CA ASN C 378 18.39 -18.67 0.34
C ASN C 378 16.93 -18.60 0.33
N GLY C 379 16.21 -19.46 -0.40
CA GLY C 379 14.70 -19.39 -0.35
C GLY C 379 14.12 -19.65 1.03
N LYS C 380 14.58 -20.73 1.68
CA LYS C 380 14.23 -21.03 3.09
C LYS C 380 14.61 -19.88 4.05
N ALA C 381 15.81 -19.31 3.83
CA ALA C 381 16.20 -18.19 4.72
C ALA C 381 15.26 -17.01 4.50
N LEU C 382 14.88 -16.70 3.25
CA LEU C 382 13.97 -15.60 3.06
C LEU C 382 12.56 -15.87 3.66
N ALA C 383 12.09 -17.08 3.50
CA ALA C 383 10.82 -17.52 4.05
C ALA C 383 10.83 -17.39 5.56
N GLU C 384 11.97 -17.73 6.19
CA GLU C 384 12.10 -17.59 7.62
C GLU C 384 12.06 -16.10 8.11
N MET C 385 12.67 -15.21 7.34
CA MET C 385 12.54 -13.82 7.66
C MET C 385 11.09 -13.34 7.59
N TYR C 386 10.42 -13.72 6.52
CA TYR C 386 9.04 -13.32 6.35
C TYR C 386 8.20 -13.96 7.47
N LEU C 387 8.42 -15.24 7.78
CA LEU C 387 7.66 -15.84 8.86
C LEU C 387 7.85 -15.06 10.20
N LEU C 388 9.08 -14.68 10.51
CA LEU C 388 9.30 -13.93 11.76
C LEU C 388 8.51 -12.60 11.69
N SER C 389 8.44 -12.05 10.45
CA SER C 389 7.80 -10.77 10.29
C SER C 389 6.31 -10.88 10.53
N LEU C 390 5.77 -12.11 10.45
CA LEU C 390 4.33 -12.32 10.76
C LEU C 390 3.99 -12.44 12.27
N THR C 391 4.97 -12.43 13.13
CA THR C 391 4.64 -12.73 14.50
C THR C 391 4.16 -11.40 15.19
N ASP C 392 3.70 -11.50 16.43
CA ASP C 392 3.11 -10.41 17.12
C ASP C 392 4.14 -9.63 18.00
N ASN C 393 5.15 -10.35 18.48
CA ASN C 393 6.19 -9.82 19.29
C ASN C 393 7.43 -10.55 18.91
N LEU C 394 8.53 -9.87 18.76
CA LEU C 394 9.68 -10.46 18.20
C LEU C 394 10.90 -10.24 19.09
N VAL C 395 11.65 -11.30 19.32
CA VAL C 395 12.94 -11.24 19.99
C VAL C 395 13.94 -11.48 18.90
N THR C 396 14.98 -10.67 18.88
CA THR C 396 16.02 -10.74 17.87
C THR C 396 17.36 -10.86 18.54
N SER C 397 18.36 -11.21 17.75
CA SER C 397 19.69 -11.30 18.22
C SER C 397 20.53 -10.08 17.86
N ALA C 398 21.33 -9.61 18.85
CA ALA C 398 22.26 -8.54 18.61
C ALA C 398 23.15 -8.75 17.36
N TRP C 399 23.28 -7.70 16.57
N TRP C 399 23.22 -7.70 16.56
CA TRP C 399 24.20 -7.60 15.41
CA TRP C 399 24.16 -7.58 15.43
C TRP C 399 23.60 -8.24 14.12
C TRP C 399 23.73 -8.41 14.21
N SER C 400 22.53 -8.99 14.26
CA SER C 400 21.98 -9.82 13.13
C SER C 400 21.07 -9.06 12.17
N THR C 401 21.57 -8.92 10.96
CA THR C 401 20.83 -8.23 9.90
C THR C 401 19.58 -9.05 9.46
N PHE C 402 19.64 -10.37 9.64
CA PHE C 402 18.46 -11.24 9.46
C PHE C 402 17.36 -10.76 10.37
N GLY C 403 17.68 -10.51 11.65
CA GLY C 403 16.71 -10.04 12.50
C GLY C 403 16.23 -8.66 12.06
N TYR C 404 17.09 -7.74 11.67
CA TYR C 404 16.62 -6.38 11.26
C TYR C 404 15.63 -6.42 10.10
N VAL C 405 15.80 -7.36 9.17
CA VAL C 405 14.93 -7.45 8.00
C VAL C 405 13.58 -7.92 8.52
N ALA C 406 13.57 -8.91 9.41
CA ALA C 406 12.24 -9.38 9.88
C ALA C 406 11.49 -8.37 10.60
N GLN C 407 12.15 -7.61 11.47
CA GLN C 407 11.46 -6.63 12.31
C GLN C 407 10.97 -5.44 11.44
N GLY C 408 11.69 -5.13 10.40
CA GLY C 408 11.31 -4.15 9.45
C GLY C 408 10.12 -4.42 8.61
N LEU C 409 10.10 -5.58 7.99
CA LEU C 409 8.98 -5.97 7.25
C LEU C 409 7.70 -6.03 8.12
N GLY C 410 7.88 -6.47 9.35
CA GLY C 410 6.77 -6.72 10.17
C GLY C 410 6.33 -5.48 10.91
N GLY C 411 7.14 -4.43 10.91
CA GLY C 411 6.76 -3.25 11.71
C GLY C 411 6.92 -3.52 13.22
N LEU C 412 7.81 -4.44 13.55
CA LEU C 412 8.06 -4.87 14.90
C LEU C 412 9.28 -4.18 15.57
N LYS C 413 9.04 -3.69 16.77
CA LYS C 413 10.12 -3.15 17.58
C LYS C 413 10.52 -4.25 18.50
N PRO C 414 11.66 -4.85 18.32
CA PRO C 414 11.96 -6.07 18.91
C PRO C 414 12.49 -5.93 20.33
N TRP C 415 12.61 -7.06 21.05
CA TRP C 415 13.41 -7.17 22.23
C TRP C 415 14.71 -7.77 21.72
N ILE C 416 15.85 -7.20 22.09
CA ILE C 416 17.13 -7.60 21.57
C ILE C 416 17.85 -8.43 22.59
N LEU C 417 18.27 -9.62 22.19
CA LEU C 417 19.17 -10.44 23.02
C LEU C 417 20.58 -9.84 22.87
N TYR C 418 21.10 -9.24 23.89
CA TYR C 418 22.41 -8.63 23.83
C TYR C 418 23.48 -9.64 23.55
N ARG C 419 24.53 -9.16 22.90
N ARG C 419 24.53 -9.18 22.92
CA ARG C 419 25.72 -9.97 22.54
CA ARG C 419 25.62 -10.07 22.50
C ARG C 419 26.39 -10.48 23.82
C ARG C 419 26.45 -10.49 23.69
N PRO C 420 26.47 -11.79 24.01
CA PRO C 420 27.22 -12.27 25.19
C PRO C 420 28.74 -12.09 24.98
N GLU C 421 29.42 -11.86 26.05
CA GLU C 421 30.92 -11.95 26.13
C GLU C 421 31.29 -13.13 26.97
N ASN C 422 32.40 -13.76 26.65
CA ASN C 422 32.97 -14.75 27.51
C ASN C 422 32.01 -15.94 27.82
N ARG C 423 31.16 -16.33 26.87
CA ARG C 423 30.15 -17.40 27.12
C ARG C 423 29.37 -17.24 28.43
N THR C 424 28.98 -16.02 28.73
CA THR C 424 28.20 -15.67 29.93
C THR C 424 26.89 -15.01 29.48
N THR C 425 25.82 -15.45 30.09
CA THR C 425 24.52 -14.87 29.86
C THR C 425 24.51 -13.42 30.29
N PRO C 426 24.17 -12.49 29.37
CA PRO C 426 24.15 -11.06 29.73
C PRO C 426 23.09 -10.82 30.81
N ASP C 427 23.30 -9.77 31.60
CA ASP C 427 22.30 -9.38 32.58
C ASP C 427 22.20 -7.89 32.63
N PRO C 428 21.09 -7.30 32.17
CA PRO C 428 19.93 -8.01 31.64
C PRO C 428 20.21 -8.83 30.39
N SER C 429 19.35 -9.81 30.14
CA SER C 429 19.52 -10.71 29.04
C SER C 429 19.13 -10.02 27.71
N CYS C 430 18.28 -9.00 27.81
CA CYS C 430 17.66 -8.34 26.68
C CYS C 430 17.02 -6.96 27.11
N GLY C 431 16.76 -6.17 26.12
CA GLY C 431 16.07 -4.92 26.30
C GLY C 431 15.33 -4.63 25.01
N ARG C 432 14.23 -3.93 25.15
CA ARG C 432 13.52 -3.39 24.02
C ARG C 432 14.32 -2.45 23.17
N ALA C 433 14.23 -2.60 21.89
CA ALA C 433 14.91 -1.70 21.00
C ALA C 433 14.23 -0.33 21.06
N MET C 434 14.98 0.66 20.60
N MET C 434 14.95 0.69 20.61
CA MET C 434 14.58 2.05 20.60
CA MET C 434 14.47 2.07 20.57
C MET C 434 13.59 2.33 19.48
C MET C 434 13.43 2.24 19.50
N SER C 435 13.64 1.58 18.38
CA SER C 435 12.74 1.68 17.23
C SER C 435 12.87 0.40 16.47
N MET C 436 11.95 0.22 15.53
CA MET C 436 12.04 -0.91 14.66
C MET C 436 13.10 -0.81 13.55
N GLU C 437 13.82 0.29 13.40
CA GLU C 437 14.75 0.42 12.30
C GLU C 437 15.94 -0.49 12.43
N PRO C 438 16.49 -0.91 11.32
CA PRO C 438 17.80 -1.57 11.37
C PRO C 438 18.93 -0.60 11.81
N CYS C 439 20.07 -1.22 12.13
CA CYS C 439 21.22 -0.47 12.52
C CYS C 439 22.24 -0.41 11.39
N PHE C 440 22.90 0.75 11.22
CA PHE C 440 24.03 0.98 10.35
C PHE C 440 25.29 0.60 11.17
N HIS C 441 25.92 -0.50 10.83
CA HIS C 441 27.04 -0.99 11.57
C HIS C 441 28.31 -0.28 11.44
N SER C 442 28.52 0.38 10.33
CA SER C 442 29.85 1.00 10.01
C SER C 442 29.72 2.43 9.49
N PRO C 443 29.21 3.32 10.34
CA PRO C 443 28.95 4.69 9.98
C PRO C 443 30.22 5.53 9.87
N PRO C 444 30.18 6.64 9.16
CA PRO C 444 31.27 7.60 9.19
C PRO C 444 31.19 8.38 10.53
N PHE C 445 32.30 8.96 10.89
CA PHE C 445 32.41 9.75 12.08
C PHE C 445 33.13 11.03 11.69
N TYR C 446 32.59 11.76 10.74
CA TYR C 446 33.27 12.89 10.13
C TYR C 446 32.36 14.11 10.00
N ASP C 447 32.88 15.25 10.42
CA ASP C 447 32.15 16.52 10.31
C ASP C 447 32.66 17.18 9.05
N CYS C 448 31.82 17.29 8.01
CA CYS C 448 32.32 17.64 6.69
C CYS C 448 32.79 19.09 6.57
N LYS C 449 32.17 20.05 7.27
CA LYS C 449 32.62 21.47 7.17
C LYS C 449 33.79 21.72 8.10
N ALA C 450 33.66 21.31 9.37
CA ALA C 450 34.77 21.43 10.32
C ALA C 450 35.96 20.55 9.89
N LYS C 451 35.75 19.66 8.95
CA LYS C 451 36.74 18.69 8.53
C LYS C 451 37.49 18.13 9.68
N THR C 452 36.74 17.46 10.57
CA THR C 452 37.33 16.57 11.56
C THR C 452 36.32 15.53 12.09
N GLY C 453 36.86 14.58 12.86
CA GLY C 453 36.09 13.53 13.54
C GLY C 453 34.99 14.13 14.37
N ILE C 454 33.87 13.43 14.48
CA ILE C 454 32.77 13.84 15.31
C ILE C 454 31.93 12.56 15.68
N ASP C 455 31.31 12.54 16.83
CA ASP C 455 30.39 11.49 17.22
C ASP C 455 29.06 11.79 16.53
N THR C 456 28.83 11.16 15.38
CA THR C 456 27.58 11.37 14.66
C THR C 456 26.25 10.95 15.35
N GLY C 457 26.32 10.24 16.43
CA GLY C 457 25.15 9.84 17.21
C GLY C 457 24.69 10.85 18.23
N THR C 458 25.37 12.02 18.31
CA THR C 458 24.97 13.07 19.20
C THR C 458 24.57 14.33 18.51
N LEU C 459 24.24 14.27 17.22
CA LEU C 459 24.05 15.54 16.46
C LEU C 459 22.58 15.95 16.41
N VAL C 460 21.70 15.01 16.08
CA VAL C 460 20.30 15.27 15.95
C VAL C 460 19.48 14.24 16.77
N PRO C 461 18.27 14.62 17.22
CA PRO C 461 17.55 13.72 18.12
C PRO C 461 17.12 12.42 17.49
N HIS C 462 17.03 12.38 16.14
CA HIS C 462 16.44 11.17 15.51
C HIS C 462 17.54 10.20 15.00
N VAL C 463 18.82 10.53 15.24
CA VAL C 463 19.90 9.57 14.89
C VAL C 463 20.72 9.28 16.13
N ARG C 464 20.56 8.09 16.67
CA ARG C 464 21.23 7.74 17.90
C ARG C 464 22.07 6.49 17.70
N HIS C 465 22.93 6.20 18.67
CA HIS C 465 23.66 4.98 18.67
C HIS C 465 22.71 3.76 18.98
N CYS C 466 22.99 2.61 18.30
CA CYS C 466 22.22 1.38 18.41
C CYS C 466 22.36 0.81 19.77
N GLU C 467 21.38 0.03 20.15
CA GLU C 467 21.28 -0.61 21.50
C GLU C 467 22.21 -1.84 21.49
N ASP C 468 22.32 -2.51 20.34
CA ASP C 468 23.07 -3.74 20.21
C ASP C 468 24.50 -3.56 19.88
N ILE C 469 24.79 -2.57 19.06
CA ILE C 469 26.17 -2.33 18.76
C ILE C 469 26.36 -0.83 18.89
N SER C 470 27.06 -0.48 19.92
CA SER C 470 27.10 0.91 20.38
C SER C 470 27.81 1.83 19.40
N TRP C 471 28.68 1.27 18.57
CA TRP C 471 29.36 1.97 17.52
C TRP C 471 28.32 2.43 16.42
N GLY C 472 27.28 1.68 16.17
CA GLY C 472 26.40 1.89 15.04
C GLY C 472 25.36 3.01 15.22
N LEU C 473 24.75 3.40 14.13
CA LEU C 473 23.68 4.34 14.14
C LEU C 473 22.37 3.81 13.74
N LYS C 474 21.33 4.38 14.33
CA LYS C 474 19.99 4.10 13.83
C LYS C 474 19.05 5.25 13.98
N LEU C 475 18.06 5.27 13.13
CA LEU C 475 16.95 6.26 13.24
C LEU C 475 15.94 5.86 14.30
N VAL C 476 15.55 6.86 15.07
N VAL C 476 15.42 6.82 15.08
CA VAL C 476 14.77 6.70 16.22
CA VAL C 476 14.37 6.55 16.09
C VAL C 476 13.87 7.94 16.26
C VAL C 476 13.13 7.46 15.91
N ASN D 11 -38.41 22.88 9.66
CA ASN D 11 -38.35 22.69 8.20
C ASN D 11 -37.56 23.77 7.39
N SER D 12 -37.00 24.81 8.01
CA SER D 12 -36.32 25.92 7.26
C SER D 12 -35.36 25.41 6.14
N ASP D 13 -34.92 26.33 5.29
CA ASP D 13 -34.00 26.02 4.25
C ASP D 13 -32.65 25.62 4.77
N LYS D 14 -32.18 26.21 5.89
CA LYS D 14 -30.98 25.70 6.61
C LYS D 14 -31.03 24.24 6.92
N LEU D 15 -32.17 23.78 7.35
CA LEU D 15 -32.39 22.39 7.69
C LEU D 15 -32.86 21.52 6.53
N LEU D 16 -32.74 22.04 5.31
CA LEU D 16 -33.16 21.33 4.09
C LEU D 16 -34.56 20.72 4.21
N GLY D 17 -35.55 21.53 4.55
CA GLY D 17 -36.89 21.04 4.72
C GLY D 17 -37.18 20.06 5.86
N GLY D 18 -36.35 20.00 6.88
CA GLY D 18 -36.50 19.02 7.94
C GLY D 18 -35.60 17.81 7.80
N LEU D 19 -34.85 17.74 6.73
CA LEU D 19 -33.88 16.61 6.62
C LEU D 19 -32.86 16.62 7.76
N LEU D 20 -32.32 17.80 8.05
CA LEU D 20 -31.29 18.01 9.08
C LEU D 20 -31.88 18.41 10.42
N ALA D 21 -31.32 17.86 11.48
CA ALA D 21 -31.63 18.19 12.84
C ALA D 21 -30.98 19.56 13.20
N SER D 22 -31.67 20.38 13.97
CA SER D 22 -31.07 21.61 14.55
C SER D 22 -30.25 21.21 15.73
N GLY D 23 -29.37 22.09 16.17
CA GLY D 23 -28.64 21.88 17.42
C GLY D 23 -27.19 21.52 17.33
N PHE D 24 -26.69 21.21 16.13
CA PHE D 24 -25.24 21.11 15.92
C PHE D 24 -24.49 22.41 16.17
N ASP D 25 -23.24 22.30 16.59
CA ASP D 25 -22.46 23.51 16.82
C ASP D 25 -22.16 24.07 15.44
N GLU D 26 -22.46 25.33 15.17
CA GLU D 26 -22.34 25.86 13.80
C GLU D 26 -20.89 26.01 13.25
N ASP D 27 -20.01 26.51 14.11
CA ASP D 27 -18.65 26.88 13.74
C ASP D 27 -17.73 25.69 13.51
N SER D 28 -17.99 24.56 14.15
CA SER D 28 -17.16 23.41 13.96
C SER D 28 -17.53 22.68 12.63
N CYS D 29 -18.67 22.95 12.03
CA CYS D 29 -18.91 22.38 10.67
C CYS D 29 -19.70 23.46 9.96
N LEU D 30 -19.00 24.46 9.46
CA LEU D 30 -19.64 25.57 8.76
C LEU D 30 -20.50 25.10 7.59
N SER D 31 -20.08 24.11 6.83
CA SER D 31 -20.89 23.71 5.68
C SER D 31 -22.32 23.20 6.02
N ARG D 32 -22.57 22.68 7.23
CA ARG D 32 -23.82 21.96 7.51
C ARG D 32 -25.05 22.85 7.31
N TYR D 33 -25.05 23.97 7.94
CA TYR D 33 -26.13 24.88 7.76
C TYR D 33 -25.81 26.10 6.82
N GLN D 34 -24.55 26.29 6.44
N GLN D 34 -24.57 26.29 6.43
CA GLN D 34 -24.12 27.40 5.58
CA GLN D 34 -24.31 27.43 5.60
C GLN D 34 -24.35 27.16 4.13
C GLN D 34 -24.08 27.08 4.17
N SER D 35 -24.59 25.94 3.75
CA SER D 35 -24.49 25.58 2.38
C SER D 35 -25.61 26.14 1.56
N VAL D 36 -26.74 26.40 2.21
CA VAL D 36 -27.89 27.10 1.57
C VAL D 36 -27.62 28.47 0.95
N HIS D 37 -26.63 29.18 1.48
CA HIS D 37 -26.08 30.39 0.88
C HIS D 37 -25.41 30.20 -0.53
N TYR D 38 -24.99 28.96 -0.89
CA TYR D 38 -24.36 28.68 -2.18
C TYR D 38 -25.23 27.77 -3.06
N ARG D 39 -25.82 26.72 -2.49
N ARG D 39 -25.97 26.90 -2.41
CA ARG D 39 -26.74 25.82 -3.28
CA ARG D 39 -26.97 26.07 -3.05
C ARG D 39 -28.14 26.46 -3.35
C ARG D 39 -28.14 26.88 -3.47
N LYS D 40 -28.78 26.41 -4.53
CA LYS D 40 -30.22 26.75 -4.67
C LYS D 40 -31.01 25.75 -3.74
N PRO D 41 -32.05 26.26 -3.03
CA PRO D 41 -32.76 25.33 -2.08
C PRO D 41 -33.42 24.21 -2.93
N SER D 42 -33.26 22.96 -2.55
CA SER D 42 -33.73 21.86 -3.39
C SER D 42 -35.27 21.85 -3.37
N PRO D 43 -35.85 21.74 -4.56
CA PRO D 43 -37.30 21.53 -4.58
C PRO D 43 -37.78 20.12 -4.20
N TYR D 44 -36.86 19.15 -4.05
CA TYR D 44 -37.22 17.85 -3.59
C TYR D 44 -37.27 17.89 -2.09
N LYS D 45 -38.43 17.76 -1.52
CA LYS D 45 -38.53 17.78 -0.05
C LYS D 45 -38.57 16.39 0.49
N PRO D 46 -37.79 16.14 1.53
CA PRO D 46 -37.94 14.87 2.20
C PRO D 46 -39.38 14.59 2.67
N SER D 47 -39.82 13.35 2.66
CA SER D 47 -41.19 13.05 3.11
C SER D 47 -41.16 13.17 4.65
N SER D 48 -42.31 13.41 5.22
CA SER D 48 -42.39 13.42 6.66
C SER D 48 -42.11 12.00 7.29
N TYR D 49 -42.46 10.93 6.59
CA TYR D 49 -42.03 9.59 6.97
C TYR D 49 -40.51 9.42 7.01
N LEU D 50 -39.80 9.88 6.01
CA LEU D 50 -38.31 9.85 6.06
C LEU D 50 -37.79 10.74 7.21
N ILE D 51 -38.36 11.94 7.37
CA ILE D 51 -37.89 12.84 8.40
C ILE D 51 -37.98 12.13 9.74
N SER D 52 -39.11 11.46 9.98
CA SER D 52 -39.25 10.88 11.31
C SER D 52 -38.38 9.61 11.46
N LYS D 53 -38.10 8.91 10.38
CA LYS D 53 -37.20 7.73 10.43
C LYS D 53 -35.76 8.20 10.78
N LEU D 54 -35.40 9.36 10.27
CA LEU D 54 -34.06 9.94 10.57
C LEU D 54 -33.96 10.39 12.00
N ARG D 55 -34.99 11.03 12.51
CA ARG D 55 -34.99 11.46 13.90
C ARG D 55 -34.99 10.20 14.79
N ASN D 56 -35.77 9.19 14.45
CA ASN D 56 -35.71 7.89 15.16
C ASN D 56 -34.36 7.09 15.05
N TYR D 57 -33.70 7.23 13.94
CA TYR D 57 -32.35 6.76 13.73
C TYR D 57 -31.43 7.42 14.74
N GLU D 58 -31.53 8.69 14.87
CA GLU D 58 -30.67 9.42 15.79
C GLU D 58 -30.85 9.01 17.26
N LYS D 59 -32.09 8.73 17.68
CA LYS D 59 -32.35 8.15 18.99
C LYS D 59 -31.72 6.80 19.13
N LEU D 60 -31.80 5.96 18.09
CA LEU D 60 -31.17 4.63 18.18
C LEU D 60 -29.65 4.79 18.29
N HIS D 61 -29.10 5.70 17.47
CA HIS D 61 -27.69 5.94 17.47
C HIS D 61 -27.15 6.43 18.81
N LYS D 62 -27.91 7.32 19.45
CA LYS D 62 -27.57 7.90 20.77
C LYS D 62 -27.55 6.76 21.84
N ARG D 63 -28.44 5.82 21.69
CA ARG D 63 -28.58 4.69 22.66
C ARG D 63 -27.51 3.57 22.47
N CYS D 64 -27.22 3.18 21.21
CA CYS D 64 -26.39 2.03 20.88
C CYS D 64 -25.04 2.37 20.27
N GLY D 65 -24.82 3.64 20.03
CA GLY D 65 -23.61 4.12 19.36
C GLY D 65 -22.28 3.94 20.07
N PRO D 66 -21.18 4.34 19.41
CA PRO D 66 -19.86 4.12 19.91
C PRO D 66 -19.64 4.80 21.20
N GLY D 67 -19.06 4.01 22.10
CA GLY D 67 -18.75 4.47 23.40
C GLY D 67 -19.87 4.35 24.43
N THR D 68 -21.09 4.03 24.03
CA THR D 68 -22.18 3.88 25.03
C THR D 68 -22.09 2.53 25.76
N GLU D 69 -22.80 2.49 26.89
CA GLU D 69 -22.92 1.30 27.67
C GLU D 69 -23.42 0.09 26.81
N SER D 70 -24.47 0.33 26.03
CA SER D 70 -25.03 -0.76 25.20
C SER D 70 -24.04 -1.22 24.13
N TYR D 71 -23.27 -0.30 23.53
CA TYR D 71 -22.23 -0.69 22.59
C TYR D 71 -21.26 -1.65 23.23
N LYS D 72 -20.82 -1.27 24.44
CA LYS D 72 -19.78 -2.04 25.09
C LYS D 72 -20.33 -3.40 25.48
N LYS D 73 -21.57 -3.46 25.86
CA LYS D 73 -22.22 -4.79 26.00
C LYS D 73 -22.32 -5.61 24.69
N ALA D 74 -22.70 -4.98 23.58
CA ALA D 74 -22.79 -5.65 22.31
C ALA D 74 -21.44 -6.18 21.86
N LEU D 75 -20.34 -5.52 22.19
CA LEU D 75 -19.03 -5.97 21.80
C LEU D 75 -18.66 -7.32 22.39
N LYS D 76 -19.13 -7.61 23.61
CA LYS D 76 -18.99 -8.95 24.18
C LYS D 76 -19.48 -10.09 23.29
N GLN D 77 -20.50 -9.88 22.49
CA GLN D 77 -20.94 -10.92 21.57
C GLN D 77 -19.83 -11.40 20.60
N LEU D 78 -18.94 -10.49 20.22
CA LEU D 78 -17.86 -10.87 19.34
C LEU D 78 -16.81 -11.79 20.00
N ASP D 79 -16.79 -11.94 21.34
CA ASP D 79 -15.85 -12.85 21.97
C ASP D 79 -16.09 -14.32 21.66
N GLN D 80 -17.31 -14.63 21.22
N GLN D 80 -17.30 -14.67 21.23
CA GLN D 80 -17.70 -15.99 20.86
CA GLN D 80 -17.60 -16.03 20.84
C GLN D 80 -18.12 -16.03 19.40
C GLN D 80 -18.18 -16.05 19.43
N GLU D 81 -18.15 -17.23 18.83
CA GLU D 81 -18.51 -17.39 17.43
C GLU D 81 -20.06 -17.31 17.25
N HIS D 82 -20.76 -17.66 18.33
CA HIS D 82 -22.22 -17.71 18.37
C HIS D 82 -22.75 -16.94 19.58
N ILE D 83 -23.99 -16.44 19.51
CA ILE D 83 -24.60 -15.73 20.64
C ILE D 83 -25.56 -16.59 21.49
N ASP D 84 -25.75 -16.15 22.73
CA ASP D 84 -26.61 -16.83 23.69
C ASP D 84 -27.78 -15.88 23.96
N GLY D 85 -28.80 -15.93 23.11
CA GLY D 85 -29.95 -15.02 23.20
C GLY D 85 -29.82 -13.61 22.60
N ASP D 86 -30.99 -12.95 22.48
CA ASP D 86 -31.14 -11.62 21.85
C ASP D 86 -30.54 -10.45 22.67
N GLY D 87 -29.67 -9.67 22.01
CA GLY D 87 -29.14 -8.45 22.55
C GLY D 87 -30.13 -7.31 22.36
N GLU D 88 -29.68 -6.11 22.71
CA GLU D 88 -30.48 -4.91 22.68
C GLU D 88 -30.21 -4.02 21.46
N CYS D 89 -29.09 -4.27 20.77
CA CYS D 89 -28.60 -3.38 19.67
C CYS D 89 -28.04 -4.24 18.52
N LYS D 90 -28.23 -3.77 17.30
CA LYS D 90 -27.63 -4.39 16.14
C LYS D 90 -26.97 -3.35 15.26
N TYR D 91 -25.95 -3.82 14.55
CA TYR D 91 -24.93 -3.01 13.86
C TYR D 91 -24.68 -3.45 12.43
N VAL D 92 -24.34 -2.48 11.63
CA VAL D 92 -23.67 -2.66 10.41
C VAL D 92 -22.47 -1.75 10.31
N VAL D 93 -21.32 -2.32 10.02
CA VAL D 93 -20.06 -1.64 9.93
C VAL D 93 -19.66 -1.49 8.43
N TRP D 94 -19.48 -0.27 7.99
CA TRP D 94 -19.00 -0.07 6.62
C TRP D 94 -17.53 0.03 6.65
N ILE D 95 -16.90 -0.75 5.79
CA ILE D 95 -15.45 -0.74 5.68
C ILE D 95 -14.98 0.31 4.66
N SER D 96 -13.96 1.13 4.99
CA SER D 96 -13.45 2.13 4.06
C SER D 96 -12.69 1.44 2.90
N PHE D 97 -13.17 1.55 1.69
CA PHE D 97 -12.68 0.70 0.57
C PHE D 97 -12.92 1.44 -0.76
N SER D 98 -12.00 1.37 -1.69
CA SER D 98 -12.16 2.00 -3.00
C SER D 98 -12.04 3.56 -2.96
N GLY D 99 -12.25 4.16 -4.11
CA GLY D 99 -12.08 5.61 -4.39
C GLY D 99 -13.18 6.36 -3.73
N LEU D 100 -13.00 7.68 -3.75
CA LEU D 100 -13.86 8.54 -2.97
C LEU D 100 -15.35 8.47 -3.38
N GLY D 101 -15.59 8.55 -4.68
CA GLY D 101 -16.96 8.51 -5.21
C GLY D 101 -17.66 7.20 -4.82
N ASN D 102 -16.96 6.08 -4.97
CA ASN D 102 -17.52 4.79 -4.53
C ASN D 102 -17.75 4.72 -3.07
N ARG D 103 -16.87 5.37 -2.27
CA ARG D 103 -17.15 5.38 -0.83
C ARG D 103 -18.44 6.07 -0.50
N ILE D 104 -18.61 7.25 -1.01
CA ILE D 104 -19.72 8.04 -0.67
C ILE D 104 -21.04 7.32 -1.08
N LEU D 105 -21.03 6.79 -2.25
CA LEU D 105 -22.23 6.06 -2.70
C LEU D 105 -22.50 4.75 -1.91
N SER D 106 -21.45 3.99 -1.66
CA SER D 106 -21.69 2.75 -0.96
C SER D 106 -22.02 2.97 0.51
N LEU D 107 -21.50 4.03 1.09
CA LEU D 107 -21.85 4.36 2.48
C LEU D 107 -23.28 4.82 2.52
N ALA D 108 -23.69 5.58 1.52
CA ALA D 108 -25.07 5.98 1.56
C ALA D 108 -26.04 4.70 1.45
N SER D 109 -25.62 3.73 0.64
CA SER D 109 -26.34 2.51 0.45
C SER D 109 -26.42 1.68 1.74
N VAL D 110 -25.29 1.54 2.40
CA VAL D 110 -25.25 0.88 3.74
C VAL D 110 -26.04 1.57 4.78
N PHE D 111 -26.08 2.91 4.74
CA PHE D 111 -26.95 3.66 5.61
C PHE D 111 -28.43 3.27 5.37
N LEU D 112 -28.88 3.37 4.14
CA LEU D 112 -30.28 2.99 3.87
C LEU D 112 -30.53 1.58 4.40
N TYR D 113 -29.63 0.64 4.13
CA TYR D 113 -29.73 -0.69 4.66
C TYR D 113 -29.90 -0.73 6.19
N ALA D 114 -29.10 0.10 6.91
CA ALA D 114 -29.25 0.25 8.32
C ALA D 114 -30.66 0.73 8.65
N LEU D 115 -31.14 1.75 7.97
CA LEU D 115 -32.53 2.20 8.22
C LEU D 115 -33.59 1.10 8.05
N LEU D 116 -33.42 0.28 7.05
CA LEU D 116 -34.39 -0.75 6.73
C LEU D 116 -34.34 -1.91 7.73
N THR D 117 -33.20 -2.11 8.45
CA THR D 117 -33.02 -3.27 9.26
C THR D 117 -32.86 -2.97 10.78
N ASP D 118 -33.19 -1.73 11.17
CA ASP D 118 -33.06 -1.21 12.54
C ASP D 118 -31.66 -1.42 13.15
N ARG D 119 -30.66 -1.25 12.33
CA ARG D 119 -29.27 -1.33 12.78
C ARG D 119 -28.64 0.04 12.92
N VAL D 120 -27.66 0.12 13.79
CA VAL D 120 -26.74 1.29 13.89
C VAL D 120 -25.63 1.16 12.88
N LEU D 121 -25.40 2.21 12.12
CA LEU D 121 -24.25 2.35 11.20
C LEU D 121 -22.95 2.76 11.88
N LEU D 122 -21.88 2.01 11.69
CA LEU D 122 -20.61 2.43 12.09
C LEU D 122 -19.65 2.52 10.92
N VAL D 123 -18.89 3.57 10.87
CA VAL D 123 -18.11 3.88 9.70
C VAL D 123 -16.66 3.69 10.02
N ASP D 124 -16.01 2.73 9.35
CA ASP D 124 -14.54 2.63 9.38
C ASP D 124 -13.95 3.92 8.76
N ARG D 125 -13.23 4.68 9.55
CA ARG D 125 -12.76 6.01 9.11
C ARG D 125 -11.66 5.90 8.03
N GLY D 126 -10.92 4.77 7.97
CA GLY D 126 -9.87 4.60 7.01
C GLY D 126 -8.84 5.70 7.04
N LYS D 127 -8.36 6.19 5.89
CA LYS D 127 -7.28 7.18 5.91
C LYS D 127 -7.90 8.62 6.06
N ASP D 128 -9.11 8.86 5.61
CA ASP D 128 -9.58 10.23 5.52
C ASP D 128 -11.01 10.55 5.87
N MET D 129 -11.84 9.58 6.22
CA MET D 129 -13.30 9.87 6.29
C MET D 129 -13.50 10.99 7.35
N ASP D 130 -12.74 10.95 8.46
CA ASP D 130 -12.94 11.98 9.48
C ASP D 130 -12.25 13.31 9.16
N ASP D 131 -11.33 13.32 8.22
CA ASP D 131 -10.77 14.54 7.69
C ASP D 131 -11.63 15.26 6.65
N LEU D 132 -12.47 14.48 6.00
CA LEU D 132 -13.27 14.97 4.86
C LEU D 132 -14.68 15.38 5.30
N PHE D 133 -15.24 14.69 6.31
CA PHE D 133 -16.65 14.86 6.70
C PHE D 133 -16.84 15.16 8.14
N CYS D 134 -17.88 15.92 8.39
CA CYS D 134 -18.36 16.19 9.71
C CYS D 134 -19.22 15.01 10.24
N GLU D 135 -19.62 15.13 11.49
CA GLU D 135 -20.54 14.12 12.11
C GLU D 135 -21.95 14.35 11.70
N PRO D 136 -22.64 13.34 11.16
CA PRO D 136 -24.00 13.50 10.70
C PRO D 136 -25.11 13.28 11.74
N PHE D 137 -24.78 12.61 12.82
CA PHE D 137 -25.79 12.15 13.82
C PHE D 137 -25.69 13.00 15.08
N LEU D 138 -26.71 13.81 15.31
CA LEU D 138 -26.72 14.72 16.43
C LEU D 138 -26.39 14.03 17.78
N GLY D 139 -25.43 14.56 18.53
CA GLY D 139 -25.12 13.94 19.78
C GLY D 139 -23.98 12.94 19.83
N MET D 140 -23.58 12.34 18.69
CA MET D 140 -22.77 11.11 18.74
C MET D 140 -21.79 11.05 17.55
N SER D 141 -20.94 10.04 17.53
CA SER D 141 -20.01 9.90 16.48
C SER D 141 -20.53 8.72 15.67
N TRP D 142 -20.42 8.83 14.38
CA TRP D 142 -20.63 7.71 13.48
C TRP D 142 -19.41 6.87 13.24
N LEU D 143 -18.29 7.29 13.79
CA LEU D 143 -17.07 6.57 13.50
C LEU D 143 -16.97 5.28 14.32
N LEU D 144 -16.53 4.20 13.63
CA LEU D 144 -16.16 2.95 14.22
C LEU D 144 -14.97 3.21 15.21
N PRO D 145 -15.07 2.76 16.45
CA PRO D 145 -13.90 2.98 17.32
C PRO D 145 -12.64 2.34 16.82
N LEU D 146 -11.52 3.01 17.01
CA LEU D 146 -10.24 2.47 16.54
C LEU D 146 -9.80 1.23 17.30
N ASP D 147 -10.33 0.94 18.49
CA ASP D 147 -10.04 -0.36 19.15
C ASP D 147 -11.09 -1.40 18.85
N PHE D 148 -11.84 -1.24 17.78
CA PHE D 148 -12.82 -2.28 17.48
C PHE D 148 -12.08 -3.57 17.26
N PRO D 149 -12.45 -4.66 17.92
CA PRO D 149 -11.57 -5.86 17.87
C PRO D 149 -11.42 -6.59 16.51
N MET D 150 -12.20 -6.30 15.49
CA MET D 150 -12.01 -6.98 14.17
C MET D 150 -11.35 -6.14 13.10
N THR D 151 -11.02 -4.91 13.45
CA THR D 151 -10.55 -3.99 12.45
C THR D 151 -9.29 -4.51 11.70
N ASP D 152 -8.45 -5.24 12.43
CA ASP D 152 -7.30 -5.74 11.78
C ASP D 152 -7.56 -6.89 10.79
N GLN D 153 -8.80 -7.38 10.72
CA GLN D 153 -9.20 -8.34 9.68
C GLN D 153 -9.79 -7.68 8.46
N PHE D 154 -10.07 -6.39 8.50
CA PHE D 154 -10.82 -5.81 7.42
C PHE D 154 -10.15 -5.90 6.04
N ASP D 155 -8.85 -5.57 5.96
CA ASP D 155 -8.18 -5.52 4.67
C ASP D 155 -8.20 -6.92 4.05
N GLY D 156 -8.07 -7.97 4.87
CA GLY D 156 -8.01 -9.36 4.39
C GLY D 156 -9.37 -10.05 4.14
N LEU D 157 -10.46 -9.43 4.54
CA LEU D 157 -11.73 -10.10 4.41
C LEU D 157 -12.08 -10.15 2.93
N ASN D 158 -12.49 -11.32 2.50
CA ASN D 158 -12.90 -11.48 1.16
C ASN D 158 -13.86 -12.69 1.05
N GLN D 159 -14.07 -13.12 -0.19
CA GLN D 159 -14.95 -14.25 -0.48
C GLN D 159 -14.62 -15.57 0.06
N GLU D 160 -13.37 -15.80 0.33
CA GLU D 160 -12.97 -17.03 0.89
C GLU D 160 -12.89 -16.97 2.43
N SER D 161 -13.22 -15.84 3.03
CA SER D 161 -13.22 -15.80 4.49
C SER D 161 -14.32 -16.70 5.06
N SER D 162 -14.00 -17.39 6.13
CA SER D 162 -14.94 -18.40 6.62
C SER D 162 -16.12 -17.70 7.24
N ARG D 163 -15.98 -16.42 7.56
CA ARG D 163 -17.16 -15.64 7.98
C ARG D 163 -18.00 -14.95 6.90
N CYS D 164 -17.60 -15.14 5.65
CA CYS D 164 -18.21 -14.46 4.55
C CYS D 164 -19.57 -15.21 4.26
N TYR D 165 -20.64 -14.47 4.19
CA TYR D 165 -21.96 -15.04 3.97
C TYR D 165 -22.02 -15.93 2.73
N GLY D 166 -21.50 -15.43 1.62
CA GLY D 166 -21.44 -16.15 0.34
C GLY D 166 -20.65 -17.46 0.48
N TYR D 167 -19.60 -17.46 1.34
CA TYR D 167 -18.77 -18.67 1.53
C TYR D 167 -19.61 -19.70 2.26
N MET D 168 -20.40 -19.20 3.21
CA MET D 168 -21.36 -20.03 3.94
C MET D 168 -22.47 -20.62 3.08
N VAL D 169 -23.03 -19.80 2.21
CA VAL D 169 -24.01 -20.23 1.28
C VAL D 169 -23.40 -21.29 0.33
N LYS D 170 -22.23 -20.98 -0.19
CA LYS D 170 -21.58 -21.80 -1.24
C LYS D 170 -21.22 -23.15 -0.74
N ASN D 171 -20.72 -23.22 0.49
CA ASN D 171 -20.25 -24.47 1.02
C ASN D 171 -21.30 -25.13 1.88
N GLN D 172 -22.51 -24.56 1.87
CA GLN D 172 -23.61 -25.05 2.70
C GLN D 172 -23.13 -25.39 4.10
N VAL D 173 -22.45 -24.44 4.75
CA VAL D 173 -22.02 -24.59 6.14
C VAL D 173 -23.23 -24.98 7.00
N ILE D 174 -23.17 -26.18 7.58
CA ILE D 174 -24.34 -26.81 8.26
C ILE D 174 -24.22 -26.54 9.79
N ASP D 175 -24.74 -25.39 10.25
CA ASP D 175 -24.41 -24.82 11.59
C ASP D 175 -25.39 -25.08 12.76
N THR D 176 -24.80 -25.51 13.87
CA THR D 176 -25.47 -26.28 14.90
C THR D 176 -25.55 -25.63 16.30
N GLU D 177 -24.75 -24.59 16.56
CA GLU D 177 -24.86 -23.85 17.85
C GLU D 177 -25.49 -22.46 17.68
N GLY D 178 -26.64 -22.42 17.03
CA GLY D 178 -27.47 -21.22 16.92
C GLY D 178 -26.92 -20.05 16.09
N THR D 179 -27.16 -18.85 16.59
CA THR D 179 -26.91 -17.64 15.80
C THR D 179 -25.47 -17.17 15.88
N LEU D 180 -25.00 -16.75 14.73
CA LEU D 180 -23.69 -16.18 14.63
C LEU D 180 -23.66 -14.82 15.30
N SER D 181 -22.54 -14.52 15.90
CA SER D 181 -22.34 -13.20 16.42
C SER D 181 -21.97 -12.15 15.33
N HIS D 182 -21.45 -12.58 14.18
N HIS D 182 -21.38 -12.58 14.21
CA HIS D 182 -21.09 -11.65 13.13
CA HIS D 182 -20.97 -11.65 13.17
C HIS D 182 -20.97 -12.35 11.82
C HIS D 182 -20.91 -12.33 11.83
N LEU D 183 -21.13 -11.56 10.77
CA LEU D 183 -21.02 -12.01 9.44
C LEU D 183 -20.35 -10.91 8.59
N TYR D 184 -19.54 -11.35 7.61
CA TYR D 184 -18.95 -10.47 6.63
C TYR D 184 -19.79 -10.61 5.33
N LEU D 185 -20.23 -9.50 4.74
CA LEU D 185 -20.93 -9.47 3.50
C LEU D 185 -20.02 -8.89 2.45
N HIS D 186 -19.66 -9.74 1.49
CA HIS D 186 -18.78 -9.30 0.40
C HIS D 186 -19.70 -8.73 -0.68
N LEU D 187 -19.71 -7.41 -0.81
CA LEU D 187 -20.57 -6.72 -1.75
C LEU D 187 -19.77 -5.91 -2.76
N VAL D 188 -18.56 -6.32 -2.98
CA VAL D 188 -17.69 -5.62 -3.89
C VAL D 188 -18.09 -6.08 -5.31
N HIS D 189 -17.67 -5.33 -6.32
CA HIS D 189 -18.02 -5.57 -7.70
C HIS D 189 -17.66 -6.93 -8.25
N ASP D 190 -16.63 -7.57 -7.69
CA ASP D 190 -16.13 -8.90 -8.10
C ASP D 190 -16.87 -10.05 -7.41
N TYR D 191 -17.91 -9.73 -6.65
CA TYR D 191 -18.69 -10.73 -5.94
C TYR D 191 -19.41 -11.74 -6.85
N GLY D 192 -19.67 -12.92 -6.30
CA GLY D 192 -20.35 -13.95 -7.05
C GLY D 192 -21.83 -14.22 -6.75
N ASP D 193 -22.30 -15.30 -7.32
CA ASP D 193 -23.72 -15.72 -7.15
C ASP D 193 -24.11 -16.02 -5.72
N HIS D 194 -23.18 -16.48 -4.91
CA HIS D 194 -23.52 -16.82 -3.52
C HIS D 194 -23.59 -15.51 -2.71
N ASP D 195 -22.66 -14.63 -2.98
CA ASP D 195 -22.64 -13.31 -2.30
C ASP D 195 -23.89 -12.52 -2.65
N LYS D 196 -24.35 -12.69 -3.90
CA LYS D 196 -25.50 -11.96 -4.32
C LYS D 196 -26.82 -12.37 -3.63
N MET D 197 -26.83 -13.51 -2.94
N MET D 197 -26.83 -13.53 -2.96
CA MET D 197 -28.00 -13.97 -2.18
CA MET D 197 -27.98 -13.99 -2.18
C MET D 197 -28.35 -13.01 -1.06
C MET D 197 -28.36 -13.01 -1.08
N PHE D 198 -27.43 -12.13 -0.69
CA PHE D 198 -27.76 -10.96 0.16
C PHE D 198 -29.06 -10.27 -0.35
N PHE D 199 -29.31 -10.23 -1.66
CA PHE D 199 -30.45 -9.49 -2.21
C PHE D 199 -31.73 -10.29 -2.21
N CYS D 200 -31.81 -11.34 -1.40
CA CYS D 200 -32.98 -12.18 -1.41
C CYS D 200 -33.65 -12.06 -0.07
N GLU D 201 -34.98 -12.17 -0.06
CA GLU D 201 -35.73 -12.05 1.19
C GLU D 201 -35.35 -13.15 2.28
N GLY D 202 -35.26 -14.40 1.85
CA GLY D 202 -34.88 -15.49 2.74
C GLY D 202 -33.58 -15.21 3.49
N ASP D 203 -32.60 -14.81 2.72
CA ASP D 203 -31.29 -14.52 3.28
C ASP D 203 -31.32 -13.30 4.17
N GLN D 204 -32.10 -12.28 3.82
CA GLN D 204 -32.27 -11.15 4.75
C GLN D 204 -32.87 -11.56 6.10
N THR D 205 -33.80 -12.52 6.13
CA THR D 205 -34.30 -13.12 7.37
C THR D 205 -33.21 -13.78 8.22
N PHE D 206 -32.39 -14.59 7.61
CA PHE D 206 -31.24 -15.18 8.26
C PHE D 206 -30.22 -14.11 8.74
N ILE D 207 -29.85 -13.21 7.85
CA ILE D 207 -28.90 -12.12 8.19
C ILE D 207 -29.47 -11.24 9.35
N GLY D 208 -30.76 -10.96 9.34
CA GLY D 208 -31.43 -10.09 10.34
C GLY D 208 -31.19 -10.47 11.80
N LYS D 209 -30.96 -11.77 12.08
CA LYS D 209 -30.75 -12.28 13.44
C LYS D 209 -29.31 -11.97 13.94
N VAL D 210 -28.41 -11.60 13.02
CA VAL D 210 -26.98 -11.55 13.35
C VAL D 210 -26.70 -10.17 13.90
N PRO D 211 -26.17 -10.05 15.13
CA PRO D 211 -26.02 -8.70 15.67
C PRO D 211 -25.00 -7.75 14.99
N TRP D 212 -23.85 -8.28 14.52
CA TRP D 212 -22.84 -7.50 13.89
C TRP D 212 -22.62 -7.90 12.40
N LEU D 213 -22.93 -7.03 11.47
CA LEU D 213 -22.59 -7.24 10.07
C LEU D 213 -21.45 -6.32 9.68
N ILE D 214 -20.48 -6.85 8.94
CA ILE D 214 -19.38 -6.13 8.42
C ILE D 214 -19.51 -6.15 6.89
N VAL D 215 -19.54 -5.00 6.23
CA VAL D 215 -19.79 -4.85 4.81
C VAL D 215 -18.62 -4.25 4.16
N LYS D 216 -18.22 -4.78 3.04
CA LYS D 216 -17.25 -4.18 2.20
C LYS D 216 -17.91 -4.05 0.84
N THR D 217 -17.86 -2.85 0.30
CA THR D 217 -18.58 -2.59 -0.92
C THR D 217 -18.01 -1.37 -1.66
N ASP D 218 -18.12 -1.41 -2.97
CA ASP D 218 -17.79 -0.31 -3.83
C ASP D 218 -18.94 0.07 -4.79
N ASN D 219 -20.15 -0.44 -4.55
CA ASN D 219 -21.28 -0.16 -5.48
C ASN D 219 -22.37 0.60 -4.74
N TYR D 220 -23.19 1.27 -5.53
CA TYR D 220 -24.39 1.86 -5.08
C TYR D 220 -25.49 0.83 -5.23
N PHE D 221 -25.83 0.09 -4.18
CA PHE D 221 -26.68 -1.12 -4.34
C PHE D 221 -28.13 -0.85 -4.08
N VAL D 222 -28.45 0.37 -3.75
CA VAL D 222 -29.78 0.80 -3.46
C VAL D 222 -30.86 0.19 -4.38
N PRO D 223 -30.72 0.28 -5.73
CA PRO D 223 -31.84 -0.19 -6.56
C PRO D 223 -32.29 -1.60 -6.25
N SER D 224 -31.38 -2.49 -5.95
CA SER D 224 -31.76 -3.93 -5.69
C SER D 224 -32.44 -4.09 -4.38
N LEU D 225 -32.34 -3.11 -3.46
CA LEU D 225 -33.10 -3.17 -2.21
C LEU D 225 -34.58 -3.05 -2.47
N TRP D 226 -34.95 -2.30 -3.50
CA TRP D 226 -36.29 -2.08 -3.86
C TRP D 226 -37.01 -3.32 -4.44
N LEU D 227 -36.25 -4.32 -4.83
CA LEU D 227 -36.82 -5.55 -5.35
C LEU D 227 -36.83 -6.67 -4.27
N ILE D 228 -36.59 -6.32 -3.02
CA ILE D 228 -36.74 -7.24 -1.86
C ILE D 228 -38.08 -7.00 -1.15
N PRO D 229 -38.99 -8.00 -1.13
CA PRO D 229 -40.22 -7.87 -0.32
C PRO D 229 -40.02 -7.46 1.15
N GLY D 230 -40.87 -6.60 1.68
CA GLY D 230 -40.71 -6.09 3.01
C GLY D 230 -39.94 -4.80 2.86
N PHE D 231 -38.78 -4.84 2.23
CA PHE D 231 -38.06 -3.58 2.06
C PHE D 231 -38.83 -2.68 1.14
N ASP D 232 -39.43 -3.25 0.06
CA ASP D 232 -40.13 -2.46 -0.94
C ASP D 232 -41.23 -1.57 -0.35
N ASP D 233 -42.02 -2.10 0.54
CA ASP D 233 -43.13 -1.34 1.18
C ASP D 233 -42.56 -0.17 2.05
N GLU D 234 -41.49 -0.41 2.80
CA GLU D 234 -40.92 0.65 3.64
C GLU D 234 -40.25 1.73 2.80
N LEU D 235 -39.54 1.32 1.76
CA LEU D 235 -38.92 2.25 0.79
C LEU D 235 -39.93 3.15 0.10
N ASN D 236 -41.11 2.59 -0.20
CA ASN D 236 -42.12 3.37 -0.81
C ASN D 236 -42.64 4.48 0.04
N LYS D 237 -42.68 4.20 1.34
CA LYS D 237 -43.12 5.27 2.25
C LYS D 237 -42.00 6.34 2.49
N LEU D 238 -40.75 5.89 2.56
CA LEU D 238 -39.62 6.77 2.78
C LEU D 238 -39.42 7.70 1.62
N PHE D 239 -39.48 7.13 0.41
CA PHE D 239 -39.28 7.88 -0.85
C PHE D 239 -40.42 7.81 -1.82
N PRO D 240 -41.46 8.58 -1.54
CA PRO D 240 -42.57 8.71 -2.42
C PRO D 240 -42.10 9.19 -3.80
N GLN D 241 -41.12 10.08 -3.86
CA GLN D 241 -40.47 10.33 -5.12
C GLN D 241 -39.29 9.37 -5.19
N LYS D 242 -39.39 8.40 -6.10
CA LYS D 242 -38.44 7.27 -5.93
C LYS D 242 -36.97 7.59 -6.25
N ALA D 243 -36.74 8.52 -7.14
CA ALA D 243 -35.43 8.85 -7.54
C ALA D 243 -34.78 9.98 -6.73
N THR D 244 -35.11 10.05 -5.46
CA THR D 244 -34.54 11.00 -4.52
C THR D 244 -33.71 10.32 -3.39
N VAL D 245 -33.42 9.01 -3.50
CA VAL D 245 -32.77 8.31 -2.43
C VAL D 245 -31.43 8.92 -2.12
N PHE D 246 -30.54 8.94 -3.09
CA PHE D 246 -29.24 9.47 -2.80
C PHE D 246 -29.29 10.97 -2.55
N HIS D 247 -30.16 11.68 -3.24
CA HIS D 247 -30.27 13.13 -3.00
C HIS D 247 -30.58 13.48 -1.54
N HIS D 248 -31.47 12.74 -0.95
CA HIS D 248 -31.80 12.97 0.44
C HIS D 248 -30.77 12.38 1.37
N LEU D 249 -30.44 11.10 1.16
CA LEU D 249 -29.57 10.46 2.15
C LEU D 249 -28.12 11.07 2.11
N GLY D 250 -27.69 11.39 0.89
CA GLY D 250 -26.41 11.96 0.57
C GLY D 250 -26.27 13.36 1.22
N ARG D 251 -27.32 14.15 1.11
CA ARG D 251 -27.33 15.48 1.80
C ARG D 251 -27.38 15.38 3.29
N TYR D 252 -28.02 14.35 3.79
CA TYR D 252 -28.11 14.13 5.23
C TYR D 252 -26.79 13.70 5.82
N LEU D 253 -26.16 12.73 5.17
CA LEU D 253 -24.91 12.18 5.68
C LEU D 253 -23.65 13.05 5.54
N PHE D 254 -23.42 13.69 4.42
CA PHE D 254 -22.13 14.16 4.02
C PHE D 254 -22.04 15.68 4.08
N HIS D 255 -21.29 16.20 5.00
CA HIS D 255 -21.12 17.63 5.15
C HIS D 255 -19.60 17.82 5.20
N PRO D 256 -19.02 18.51 4.26
CA PRO D 256 -17.51 18.71 4.26
C PRO D 256 -17.04 19.40 5.50
N THR D 257 -15.90 18.98 6.00
CA THR D 257 -15.20 19.72 7.06
C THR D 257 -14.80 21.13 6.62
N ASN D 258 -14.46 21.96 7.59
CA ASN D 258 -14.17 23.34 7.34
C ASN D 258 -13.03 23.47 6.33
N GLN D 259 -12.03 22.57 6.37
N GLN D 259 -12.03 22.57 6.37
CA GLN D 259 -10.92 22.70 5.40
CA GLN D 259 -10.91 22.77 5.44
C GLN D 259 -11.45 22.54 4.01
C GLN D 259 -11.31 22.44 4.03
N VAL D 260 -12.25 21.49 3.80
CA VAL D 260 -12.79 21.24 2.48
C VAL D 260 -13.76 22.35 2.06
N TRP D 261 -14.62 22.79 2.97
CA TRP D 261 -15.58 23.82 2.69
C TRP D 261 -14.88 25.14 2.26
N GLY D 262 -13.73 25.45 2.87
CA GLY D 262 -12.97 26.62 2.42
C GLY D 262 -12.59 26.54 0.97
N LEU D 263 -12.23 25.34 0.49
CA LEU D 263 -11.90 25.17 -0.90
C LEU D 263 -13.07 25.40 -1.82
N VAL D 264 -14.24 25.02 -1.35
CA VAL D 264 -15.50 25.25 -2.09
C VAL D 264 -15.88 26.76 -2.14
N THR D 265 -15.94 27.42 -0.98
CA THR D 265 -16.39 28.78 -0.87
C THR D 265 -15.44 29.72 -1.56
N ARG D 266 -14.15 29.51 -1.44
CA ARG D 266 -13.19 30.40 -2.03
C ARG D 266 -13.24 30.26 -3.55
N TYR D 267 -13.33 29.04 -4.03
CA TYR D 267 -13.36 28.86 -5.46
C TYR D 267 -14.66 29.45 -6.03
N TYR D 268 -15.77 29.18 -5.37
CA TYR D 268 -17.01 29.69 -5.88
C TYR D 268 -17.08 31.21 -5.94
N GLU D 269 -16.72 31.87 -4.86
CA GLU D 269 -16.76 33.29 -4.76
C GLU D 269 -15.82 33.98 -5.75
N ALA D 270 -14.62 33.45 -5.90
CA ALA D 270 -13.60 33.99 -6.85
C ALA D 270 -13.98 33.84 -8.31
N TYR D 271 -14.53 32.69 -8.66
CA TYR D 271 -14.61 32.33 -10.08
C TYR D 271 -16.00 32.12 -10.61
N LEU D 272 -16.99 31.81 -9.77
CA LEU D 272 -18.27 31.24 -10.28
C LEU D 272 -19.46 32.13 -9.92
N SER D 273 -19.38 32.90 -8.84
N SER D 273 -19.30 33.05 -9.00
CA SER D 273 -20.49 33.62 -8.25
CA SER D 273 -20.41 33.66 -8.38
C SER D 273 -21.16 34.65 -9.16
C SER D 273 -20.88 34.95 -9.03
N HIS D 274 -20.31 35.38 -9.81
N HIS D 274 -20.20 35.45 -10.04
CA HIS D 274 -20.68 36.49 -10.64
CA HIS D 274 -20.72 36.56 -10.80
C HIS D 274 -21.42 36.12 -11.95
C HIS D 274 -21.65 36.07 -11.89
N ALA D 275 -21.44 34.85 -12.34
CA ALA D 275 -22.02 34.45 -13.59
C ALA D 275 -23.55 34.35 -13.49
N ASP D 276 -24.23 34.64 -14.59
CA ASP D 276 -25.72 34.49 -14.64
C ASP D 276 -26.09 33.01 -14.61
N GLU D 277 -25.24 32.18 -15.16
CA GLU D 277 -25.50 30.76 -15.28
C GLU D 277 -24.16 29.98 -15.13
N LYS D 278 -24.19 28.86 -14.42
CA LYS D 278 -23.03 28.03 -14.22
C LYS D 278 -23.27 26.65 -14.86
N ILE D 279 -22.31 26.18 -15.61
CA ILE D 279 -22.40 24.91 -16.28
C ILE D 279 -21.23 24.11 -15.70
N GLY D 280 -21.48 22.92 -15.17
CA GLY D 280 -20.49 21.96 -14.85
C GLY D 280 -20.22 20.90 -15.85
N ILE D 281 -18.95 20.61 -16.07
CA ILE D 281 -18.54 19.53 -17.00
C ILE D 281 -17.54 18.68 -16.26
N GLN D 282 -17.98 17.49 -15.92
CA GLN D 282 -17.22 16.44 -15.23
C GLN D 282 -16.71 15.41 -16.19
N VAL D 283 -15.41 15.46 -16.38
CA VAL D 283 -14.75 14.74 -17.40
C VAL D 283 -13.93 13.63 -16.72
N ARG D 284 -14.16 12.40 -17.13
CA ARG D 284 -13.43 11.27 -16.71
C ARG D 284 -13.32 10.39 -17.91
N VAL D 285 -12.10 10.05 -18.29
CA VAL D 285 -11.84 9.23 -19.48
C VAL D 285 -11.29 7.91 -18.96
N PHE D 286 -12.01 6.80 -19.21
CA PHE D 286 -11.51 5.48 -18.83
C PHE D 286 -10.63 4.95 -19.96
N ASP D 287 -9.32 5.14 -19.83
CA ASP D 287 -8.34 4.74 -20.85
C ASP D 287 -6.94 4.53 -20.21
N GLU D 288 -6.16 3.51 -20.62
CA GLU D 288 -4.74 3.37 -20.21
C GLU D 288 -3.87 4.62 -20.48
N ASP D 289 -4.00 5.20 -21.66
CA ASP D 289 -3.20 6.34 -22.04
C ASP D 289 -3.71 7.63 -21.39
N PRO D 290 -2.86 8.65 -21.35
CA PRO D 290 -3.25 9.89 -20.63
C PRO D 290 -4.02 10.91 -21.50
N GLY D 291 -3.95 10.76 -22.81
CA GLY D 291 -4.54 11.73 -23.69
C GLY D 291 -3.82 13.06 -23.56
N PRO D 292 -4.52 14.18 -23.51
CA PRO D 292 -5.96 14.28 -23.69
C PRO D 292 -6.34 13.91 -25.11
N PHE D 293 -7.61 13.61 -25.33
CA PHE D 293 -8.02 12.97 -26.54
C PHE D 293 -8.85 13.92 -27.29
N GLN D 294 -8.51 14.13 -28.54
CA GLN D 294 -9.38 14.91 -29.49
C GLN D 294 -10.85 14.46 -29.56
N HIS D 295 -11.08 13.17 -29.55
CA HIS D 295 -12.44 12.64 -29.67
C HIS D 295 -13.30 13.01 -28.48
N VAL D 296 -12.68 13.25 -27.31
CA VAL D 296 -13.35 13.68 -26.13
C VAL D 296 -13.56 15.20 -26.17
N MET D 297 -12.56 15.96 -26.56
CA MET D 297 -12.74 17.39 -26.76
C MET D 297 -13.93 17.64 -27.70
N ASP D 298 -13.98 16.91 -28.81
CA ASP D 298 -15.08 17.08 -29.78
C ASP D 298 -16.46 16.67 -29.16
N GLN D 299 -16.48 15.58 -28.41
CA GLN D 299 -17.69 15.19 -27.70
C GLN D 299 -18.23 16.28 -26.80
N ILE D 300 -17.33 16.93 -26.03
CA ILE D 300 -17.73 17.94 -25.14
C ILE D 300 -18.33 19.12 -25.89
N SER D 301 -17.67 19.54 -26.95
CA SER D 301 -18.17 20.66 -27.74
C SER D 301 -19.49 20.35 -28.34
N SER D 302 -19.56 19.15 -28.90
N SER D 302 -19.64 19.16 -28.91
CA SER D 302 -20.78 18.64 -29.53
CA SER D 302 -20.94 18.82 -29.55
C SER D 302 -21.97 18.64 -28.59
C SER D 302 -22.05 18.69 -28.55
N CYS D 303 -21.74 18.06 -27.41
CA CYS D 303 -22.75 17.89 -26.42
C CYS D 303 -23.27 19.23 -25.94
N THR D 304 -22.33 20.11 -25.53
CA THR D 304 -22.76 21.31 -24.87
C THR D 304 -23.47 22.23 -25.89
N GLN D 305 -23.05 22.17 -27.16
CA GLN D 305 -23.63 23.08 -28.17
C GLN D 305 -25.02 22.59 -28.62
N LYS D 306 -25.13 21.30 -28.79
CA LYS D 306 -26.37 20.76 -29.33
C LYS D 306 -27.46 20.87 -28.30
N GLU D 307 -27.13 20.76 -27.05
CA GLU D 307 -28.10 20.90 -25.99
C GLU D 307 -28.29 22.32 -25.49
N LYS D 308 -27.68 23.25 -26.20
CA LYS D 308 -27.79 24.69 -25.88
C LYS D 308 -27.39 25.01 -24.49
N LEU D 309 -26.44 24.26 -23.94
CA LEU D 309 -25.83 24.65 -22.68
C LEU D 309 -24.75 25.69 -22.87
N LEU D 310 -24.06 25.61 -24.01
CA LEU D 310 -23.00 26.58 -24.32
C LEU D 310 -23.19 26.95 -25.79
N PRO D 311 -22.83 28.20 -26.16
CA PRO D 311 -22.99 28.70 -27.47
C PRO D 311 -21.99 28.25 -28.45
N GLU D 312 -22.43 28.20 -29.72
CA GLU D 312 -21.53 28.08 -30.82
C GLU D 312 -20.60 29.35 -30.89
N VAL D 313 -19.42 29.12 -31.45
CA VAL D 313 -18.52 30.20 -31.87
C VAL D 313 -18.49 30.27 -33.39
N ASP D 314 -18.15 31.42 -33.92
CA ASP D 314 -18.04 31.55 -35.39
C ASP D 314 -16.89 32.44 -35.78
N THR D 315 -16.44 32.22 -37.00
CA THR D 315 -15.44 33.05 -37.63
C THR D 315 -15.99 34.18 -38.48
N LEU D 316 -17.28 34.45 -38.49
CA LEU D 316 -17.67 35.49 -39.44
C LEU D 316 -17.13 36.82 -39.01
N VAL D 317 -16.79 37.61 -40.03
CA VAL D 317 -16.48 38.99 -39.86
C VAL D 317 -17.67 39.91 -39.49
N GLU D 318 -18.86 39.74 -40.09
CA GLU D 318 -20.01 40.65 -39.77
C GLU D 318 -20.18 41.01 -38.24
N THR D 325 -28.40 43.29 -22.54
CA THR D 325 -27.08 43.02 -21.98
C THR D 325 -26.69 41.54 -22.22
N PRO D 326 -25.37 41.30 -22.40
CA PRO D 326 -24.94 39.90 -22.64
C PRO D 326 -25.03 39.09 -21.38
N LYS D 327 -25.62 37.91 -21.44
CA LYS D 327 -25.46 37.01 -20.26
C LYS D 327 -24.03 36.42 -20.17
N HIS D 328 -23.64 36.17 -18.95
N HIS D 328 -23.54 36.33 -18.94
CA HIS D 328 -22.34 35.70 -18.68
CA HIS D 328 -22.25 35.72 -18.63
C HIS D 328 -22.56 34.29 -18.14
C HIS D 328 -22.57 34.30 -18.18
N LYS D 329 -21.86 33.33 -18.73
CA LYS D 329 -21.91 31.96 -18.27
C LYS D 329 -20.54 31.49 -17.83
N ALA D 330 -20.47 30.84 -16.69
CA ALA D 330 -19.21 30.28 -16.23
C ALA D 330 -19.24 28.74 -16.31
N VAL D 331 -18.18 28.17 -16.87
CA VAL D 331 -18.09 26.73 -17.06
C VAL D 331 -17.04 26.22 -16.13
N LEU D 332 -17.42 25.31 -15.25
CA LEU D 332 -16.54 24.68 -14.32
C LEU D 332 -16.23 23.34 -14.92
N VAL D 333 -14.98 23.04 -15.17
CA VAL D 333 -14.57 21.78 -15.76
C VAL D 333 -13.71 21.04 -14.73
N THR D 334 -14.08 19.80 -14.39
CA THR D 334 -13.22 18.98 -13.57
C THR D 334 -12.68 17.84 -14.36
N SER D 335 -11.38 17.57 -14.21
CA SER D 335 -10.76 16.46 -14.90
C SER D 335 -9.40 16.14 -14.33
N LEU D 336 -8.90 14.92 -14.52
CA LEU D 336 -7.49 14.61 -14.22
C LEU D 336 -6.50 15.28 -15.16
N ASN D 337 -6.82 15.37 -16.46
CA ASN D 337 -5.99 16.01 -17.45
C ASN D 337 -6.47 17.44 -17.69
N ALA D 338 -5.53 18.41 -17.78
CA ALA D 338 -5.88 19.87 -17.94
C ALA D 338 -6.35 20.26 -19.41
N GLY D 339 -6.12 19.31 -20.32
CA GLY D 339 -6.31 19.55 -21.70
C GLY D 339 -7.75 19.86 -22.10
N TYR D 340 -8.73 19.32 -21.38
CA TYR D 340 -10.10 19.46 -21.81
C TYR D 340 -10.53 20.90 -21.47
N ALA D 341 -10.23 21.33 -20.26
CA ALA D 341 -10.54 22.73 -19.88
C ALA D 341 -9.85 23.72 -20.80
N GLU D 342 -8.55 23.45 -21.01
CA GLU D 342 -7.73 24.32 -21.80
C GLU D 342 -8.24 24.44 -23.21
N ASN D 343 -8.61 23.31 -23.80
CA ASN D 343 -9.29 23.37 -25.08
C ASN D 343 -10.51 24.30 -25.17
N LEU D 344 -11.43 24.17 -24.25
N LEU D 344 -11.47 24.17 -24.26
CA LEU D 344 -12.63 24.87 -24.23
CA LEU D 344 -12.65 24.99 -24.25
C LEU D 344 -12.37 26.39 -23.93
C LEU D 344 -12.32 26.45 -23.99
N LYS D 345 -11.42 26.66 -23.04
CA LYS D 345 -11.05 28.01 -22.64
C LYS D 345 -10.43 28.70 -23.85
N SER D 346 -9.49 28.02 -24.54
CA SER D 346 -9.00 28.56 -25.80
C SER D 346 -10.01 28.88 -26.88
N MET D 347 -10.93 27.95 -27.11
CA MET D 347 -11.97 28.19 -28.04
C MET D 347 -12.74 29.43 -27.78
N TYR D 348 -13.15 29.63 -26.53
CA TYR D 348 -13.98 30.81 -26.21
C TYR D 348 -13.10 32.09 -26.10
N TRP D 349 -11.81 31.93 -26.03
CA TRP D 349 -10.88 33.13 -26.10
C TRP D 349 -10.68 33.56 -27.57
N GLU D 350 -10.52 32.56 -28.42
CA GLU D 350 -10.07 32.85 -29.76
C GLU D 350 -11.13 33.27 -30.73
N TYR D 351 -12.39 32.90 -30.46
CA TYR D 351 -13.53 33.17 -31.32
C TYR D 351 -14.69 33.77 -30.58
N PRO D 352 -15.40 34.64 -31.21
CA PRO D 352 -16.57 35.20 -30.59
C PRO D 352 -17.76 34.23 -30.59
N THR D 353 -18.65 34.38 -29.65
CA THR D 353 -19.81 33.50 -29.60
C THR D 353 -20.88 33.96 -30.60
N SER D 354 -21.64 33.00 -31.10
CA SER D 354 -22.67 33.36 -32.06
C SER D 354 -23.81 34.10 -31.40
N THR D 355 -23.95 33.96 -30.09
CA THR D 355 -25.06 34.57 -29.39
C THR D 355 -24.70 35.87 -28.77
N GLY D 356 -23.41 36.19 -28.73
CA GLY D 356 -22.95 37.35 -27.96
C GLY D 356 -22.70 37.04 -26.46
N GLU D 357 -23.09 35.86 -25.95
CA GLU D 357 -22.85 35.48 -24.59
C GLU D 357 -21.33 35.56 -24.21
N ILE D 358 -21.06 35.91 -22.98
CA ILE D 358 -19.73 36.00 -22.45
C ILE D 358 -19.47 34.68 -21.74
N ILE D 359 -18.49 33.90 -22.22
CA ILE D 359 -18.18 32.60 -21.64
C ILE D 359 -16.81 32.60 -20.99
N GLY D 360 -16.78 32.27 -19.72
CA GLY D 360 -15.53 32.04 -19.03
C GLY D 360 -15.40 30.58 -18.61
N VAL D 361 -14.23 29.97 -18.83
CA VAL D 361 -14.00 28.61 -18.50
C VAL D 361 -13.01 28.46 -17.37
N HIS D 362 -13.37 27.68 -16.36
CA HIS D 362 -12.55 27.62 -15.09
C HIS D 362 -12.30 26.19 -14.64
N GLN D 363 -11.07 25.90 -14.20
N GLN D 363 -11.08 25.92 -14.20
CA GLN D 363 -10.73 24.60 -13.66
CA GLN D 363 -10.84 24.69 -13.55
C GLN D 363 -9.81 24.75 -12.43
C GLN D 363 -10.01 24.97 -12.31
N PRO D 364 -10.19 24.12 -11.33
CA PRO D 364 -9.43 24.26 -10.09
C PRO D 364 -7.95 23.89 -10.29
N SER D 365 -7.08 24.51 -9.56
CA SER D 365 -5.62 24.17 -9.59
C SER D 365 -5.33 22.68 -9.65
N GLN D 366 -4.42 22.27 -10.53
N GLN D 366 -4.41 22.29 -10.54
CA GLN D 366 -4.11 20.82 -10.61
CA GLN D 366 -4.06 20.87 -10.70
C GLN D 366 -2.99 20.39 -9.66
C GLN D 366 -3.01 20.41 -9.69
N GLU D 367 -1.95 21.21 -9.54
CA GLU D 367 -0.73 20.83 -8.81
C GLU D 367 -0.92 20.84 -7.32
N GLY D 368 -1.18 22.05 -6.81
CA GLY D 368 -1.14 22.30 -5.39
C GLY D 368 0.03 23.15 -4.97
N TYR D 369 0.02 23.49 -3.69
CA TYR D 369 0.85 24.52 -3.12
C TYR D 369 1.38 23.99 -1.76
N MET D 376 -5.69 18.58 2.54
N MET D 376 -4.33 18.95 -1.04
CA MET D 376 -5.42 17.18 2.95
CA MET D 376 -5.36 18.00 -0.63
C MET D 376 -5.85 16.12 1.87
C MET D 376 -5.96 17.12 -1.72
N HIS D 377 -5.46 14.87 2.07
N HIS D 377 -5.19 16.42 -2.54
CA HIS D 377 -5.75 13.72 1.18
CA HIS D 377 -5.71 15.24 -3.25
C HIS D 377 -7.22 13.65 0.77
C HIS D 377 -7.19 15.01 -2.96
N ASN D 378 -7.46 13.69 -0.55
N ASN D 378 -7.51 14.27 -1.88
CA ASN D 378 -8.83 13.76 -1.18
CA ASN D 378 -8.89 13.94 -1.59
C ASN D 378 -9.72 15.00 -1.00
C ASN D 378 -9.76 15.09 -1.11
N GLY D 379 -9.21 16.01 -0.33
CA GLY D 379 -9.98 17.24 0.02
C GLY D 379 -10.41 17.97 -1.29
N LYS D 380 -9.45 18.08 -2.21
CA LYS D 380 -9.64 18.82 -3.43
C LYS D 380 -10.63 18.04 -4.28
N ALA D 381 -10.53 16.73 -4.26
CA ALA D 381 -11.53 15.93 -5.00
C ALA D 381 -12.91 16.11 -4.43
N LEU D 382 -13.04 16.16 -3.12
CA LEU D 382 -14.36 16.38 -2.57
C LEU D 382 -14.92 17.77 -2.85
N ALA D 383 -14.02 18.73 -2.70
CA ALA D 383 -14.35 20.08 -3.05
C ALA D 383 -14.84 20.24 -4.51
N GLU D 384 -14.20 19.54 -5.46
CA GLU D 384 -14.61 19.57 -6.85
C GLU D 384 -15.97 18.92 -7.06
N MET D 385 -16.25 17.84 -6.35
N MET D 385 -16.25 17.83 -6.34
CA MET D 385 -17.60 17.25 -6.37
CA MET D 385 -17.61 17.23 -6.31
C MET D 385 -18.64 18.25 -5.86
C MET D 385 -18.63 18.27 -5.87
N TYR D 386 -18.35 18.94 -4.76
CA TYR D 386 -19.26 19.93 -4.21
C TYR D 386 -19.43 21.16 -5.18
N LEU D 387 -18.36 21.61 -5.81
CA LEU D 387 -18.45 22.68 -6.71
C LEU D 387 -19.27 22.33 -7.94
N LEU D 388 -19.07 21.12 -8.47
CA LEU D 388 -20.01 20.74 -9.56
C LEU D 388 -21.46 20.72 -9.14
N SER D 389 -21.74 20.28 -7.95
CA SER D 389 -23.05 20.17 -7.35
C SER D 389 -23.70 21.57 -7.24
N LEU D 390 -22.90 22.63 -7.34
CA LEU D 390 -23.43 24.01 -7.25
C LEU D 390 -23.74 24.59 -8.59
N THR D 391 -23.54 23.84 -9.64
CA THR D 391 -23.84 24.39 -10.95
C THR D 391 -25.32 24.27 -11.28
N ASP D 392 -25.74 25.02 -12.28
CA ASP D 392 -27.13 25.01 -12.72
C ASP D 392 -27.49 23.88 -13.70
N ASN D 393 -26.56 23.51 -14.59
CA ASN D 393 -26.77 22.41 -15.54
C ASN D 393 -25.47 21.67 -15.49
N LEU D 394 -25.50 20.34 -15.49
CA LEU D 394 -24.36 19.58 -15.25
C LEU D 394 -24.21 18.52 -16.38
N VAL D 395 -23.02 18.41 -16.94
CA VAL D 395 -22.68 17.37 -17.84
C VAL D 395 -21.74 16.41 -17.13
N THR D 396 -21.98 15.10 -17.22
CA THR D 396 -21.17 14.12 -16.53
C THR D 396 -20.62 13.12 -17.50
N SER D 397 -19.69 12.35 -17.02
CA SER D 397 -19.11 11.29 -17.86
C SER D 397 -19.74 9.96 -17.47
N ALA D 398 -19.99 9.15 -18.52
CA ALA D 398 -20.49 7.75 -18.34
C ALA D 398 -19.60 6.89 -17.50
N TRP D 399 -20.23 6.22 -16.57
CA TRP D 399 -19.63 5.25 -15.68
C TRP D 399 -18.89 5.91 -14.48
N SER D 400 -18.90 7.22 -14.38
CA SER D 400 -18.18 7.94 -13.35
C SER D 400 -18.98 8.16 -12.08
N THR D 401 -18.56 7.48 -11.03
CA THR D 401 -19.17 7.66 -9.67
C THR D 401 -18.91 9.03 -9.04
N PHE D 402 -17.82 9.66 -9.47
CA PHE D 402 -17.55 11.08 -9.13
C PHE D 402 -18.66 11.91 -9.61
N GLY D 403 -19.07 11.66 -10.86
CA GLY D 403 -20.20 12.39 -11.38
C GLY D 403 -21.52 12.11 -10.67
N TYR D 404 -21.79 10.85 -10.36
CA TYR D 404 -22.99 10.53 -9.59
C TYR D 404 -23.12 11.29 -8.31
N VAL D 405 -22.06 11.44 -7.59
CA VAL D 405 -22.09 12.13 -6.29
C VAL D 405 -22.44 13.61 -6.52
N ALA D 406 -21.85 14.25 -7.51
CA ALA D 406 -22.08 15.65 -7.78
C ALA D 406 -23.49 15.94 -8.12
N GLN D 407 -24.00 15.12 -9.05
CA GLN D 407 -25.38 15.21 -9.48
C GLN D 407 -26.38 14.99 -8.37
N GLY D 408 -26.13 14.00 -7.56
CA GLY D 408 -26.89 13.73 -6.43
C GLY D 408 -26.97 14.78 -5.34
N LEU D 409 -25.83 15.33 -4.94
CA LEU D 409 -25.82 16.36 -3.89
C LEU D 409 -26.53 17.57 -4.47
N GLY D 410 -26.39 17.77 -5.76
CA GLY D 410 -26.95 18.96 -6.35
C GLY D 410 -28.39 18.86 -6.80
N GLY D 411 -28.96 17.65 -6.81
CA GLY D 411 -30.27 17.42 -7.30
C GLY D 411 -30.40 17.72 -8.76
N LEU D 412 -29.35 17.43 -9.49
CA LEU D 412 -29.21 17.71 -10.88
C LEU D 412 -29.47 16.46 -11.69
N LYS D 413 -30.24 16.61 -12.72
CA LYS D 413 -30.39 15.54 -13.73
C LYS D 413 -29.39 15.87 -14.83
N PRO D 414 -28.30 15.11 -14.97
CA PRO D 414 -27.22 15.55 -15.83
C PRO D 414 -27.47 15.25 -17.30
N TRP D 415 -26.71 15.84 -18.21
CA TRP D 415 -26.53 15.30 -19.54
C TRP D 415 -25.27 14.36 -19.42
N ILE D 416 -25.34 13.13 -19.92
CA ILE D 416 -24.27 12.17 -19.85
C ILE D 416 -23.47 12.10 -21.16
N LEU D 417 -22.16 12.18 -21.03
CA LEU D 417 -21.27 11.97 -22.10
C LEU D 417 -21.12 10.46 -22.20
N TYR D 418 -21.76 9.90 -23.21
CA TYR D 418 -21.65 8.50 -23.44
C TYR D 418 -20.18 7.99 -23.56
N ARG D 419 -19.95 6.77 -23.08
CA ARG D 419 -18.63 6.24 -23.10
C ARG D 419 -18.17 5.89 -24.51
N PRO D 420 -17.04 6.46 -24.99
CA PRO D 420 -16.64 6.19 -26.34
C PRO D 420 -16.07 4.77 -26.47
N GLU D 421 -16.24 4.23 -27.65
CA GLU D 421 -15.70 2.89 -28.06
C GLU D 421 -14.64 3.19 -29.04
N ASN D 422 -13.50 2.59 -28.85
CA ASN D 422 -12.39 2.71 -29.82
C ASN D 422 -12.00 4.15 -30.19
N ARG D 423 -12.05 5.08 -29.23
CA ARG D 423 -11.54 6.49 -29.45
C ARG D 423 -12.21 7.21 -30.62
N THR D 424 -13.49 6.96 -30.72
CA THR D 424 -14.39 7.53 -31.64
C THR D 424 -15.51 8.29 -30.82
N THR D 425 -15.74 9.52 -31.22
CA THR D 425 -16.76 10.33 -30.59
C THR D 425 -18.11 9.66 -30.85
N PRO D 426 -18.81 9.30 -29.79
CA PRO D 426 -20.13 8.87 -29.94
C PRO D 426 -21.02 9.83 -30.70
N ASP D 427 -22.03 9.21 -31.30
CA ASP D 427 -23.05 9.95 -31.98
C ASP D 427 -24.39 9.29 -31.69
N PRO D 428 -25.30 9.88 -30.89
CA PRO D 428 -25.14 11.21 -30.26
C PRO D 428 -24.03 11.28 -29.25
N SER D 429 -23.55 12.49 -29.00
CA SER D 429 -22.42 12.67 -28.09
C SER D 429 -22.91 12.53 -26.66
N CYS D 430 -24.14 12.91 -26.40
CA CYS D 430 -24.69 12.80 -25.06
C CYS D 430 -26.19 12.72 -25.10
N GLY D 431 -26.76 12.50 -23.93
CA GLY D 431 -28.18 12.53 -23.81
C GLY D 431 -28.49 12.83 -22.39
N ARG D 432 -29.63 13.41 -22.17
CA ARG D 432 -30.13 13.64 -20.86
C ARG D 432 -30.30 12.34 -20.08
N ALA D 433 -29.84 12.31 -18.83
CA ALA D 433 -30.14 11.23 -17.92
C ALA D 433 -31.65 11.07 -17.70
N MET D 434 -32.05 9.86 -17.33
CA MET D 434 -33.47 9.61 -16.95
C MET D 434 -33.81 10.14 -15.56
N SER D 435 -32.82 10.10 -14.67
CA SER D 435 -33.01 10.62 -13.37
C SER D 435 -31.70 11.09 -12.77
N MET D 436 -31.76 11.79 -11.65
CA MET D 436 -30.54 12.23 -10.96
C MET D 436 -29.84 11.10 -10.18
N GLU D 437 -30.49 9.92 -10.06
CA GLU D 437 -29.90 8.86 -9.27
C GLU D 437 -28.56 8.34 -9.78
N PRO D 438 -27.72 7.89 -8.89
CA PRO D 438 -26.61 7.00 -9.32
C PRO D 438 -27.04 5.63 -9.93
N CYS D 439 -26.07 5.02 -10.64
CA CYS D 439 -26.22 3.70 -11.22
C CYS D 439 -25.54 2.68 -10.34
N PHE D 440 -26.21 1.57 -10.14
CA PHE D 440 -25.67 0.32 -9.60
C PHE D 440 -25.00 -0.52 -10.66
N HIS D 441 -23.66 -0.48 -10.65
CA HIS D 441 -22.95 -1.09 -11.74
C HIS D 441 -22.94 -2.57 -11.77
N SER D 442 -23.06 -3.24 -10.62
CA SER D 442 -22.89 -4.73 -10.57
C SER D 442 -24.04 -5.41 -9.84
N PRO D 443 -25.23 -5.29 -10.38
CA PRO D 443 -26.36 -5.85 -9.68
C PRO D 443 -26.50 -7.34 -9.84
N PRO D 444 -27.33 -7.93 -8.99
CA PRO D 444 -27.69 -9.34 -9.18
C PRO D 444 -28.90 -9.50 -10.13
N PHE D 445 -28.93 -10.64 -10.80
CA PHE D 445 -29.88 -10.94 -11.86
C PHE D 445 -30.50 -12.32 -11.53
N TYR D 446 -31.08 -12.41 -10.34
CA TYR D 446 -31.52 -13.65 -9.80
C TYR D 446 -32.87 -13.55 -9.16
N ASP D 447 -33.77 -14.45 -9.60
CA ASP D 447 -35.11 -14.56 -9.05
C ASP D 447 -35.08 -15.58 -7.88
N CYS D 448 -35.17 -15.02 -6.68
CA CYS D 448 -35.00 -15.74 -5.41
C CYS D 448 -36.13 -16.80 -5.22
N LYS D 449 -37.36 -16.52 -5.62
N LYS D 449 -37.33 -16.48 -5.67
CA LYS D 449 -38.42 -17.50 -5.46
CA LYS D 449 -38.50 -17.34 -5.48
C LYS D 449 -38.38 -18.60 -6.50
C LYS D 449 -38.49 -18.51 -6.48
N ALA D 450 -38.29 -18.23 -7.78
CA ALA D 450 -38.14 -19.27 -8.78
C ALA D 450 -36.74 -19.93 -8.86
N LYS D 451 -35.74 -19.32 -8.23
CA LYS D 451 -34.36 -19.84 -8.28
C LYS D 451 -33.73 -19.92 -9.67
N THR D 452 -33.78 -18.83 -10.43
N THR D 452 -33.91 -18.82 -10.43
CA THR D 452 -33.11 -18.86 -11.72
CA THR D 452 -33.52 -18.73 -11.85
C THR D 452 -32.86 -17.41 -12.11
C THR D 452 -32.90 -17.37 -12.11
N GLY D 453 -32.27 -17.21 -13.26
CA GLY D 453 -31.93 -15.87 -13.76
C GLY D 453 -33.16 -15.07 -14.09
N ILE D 454 -32.98 -13.77 -14.23
CA ILE D 454 -34.02 -12.82 -14.45
C ILE D 454 -33.41 -11.50 -14.89
N ASP D 455 -34.09 -10.70 -15.74
CA ASP D 455 -33.58 -9.41 -16.00
C ASP D 455 -34.26 -8.50 -14.99
N THR D 456 -33.51 -8.15 -13.94
CA THR D 456 -34.08 -7.28 -12.89
C THR D 456 -34.22 -5.82 -13.32
N GLY D 457 -33.85 -5.46 -14.54
CA GLY D 457 -34.20 -4.14 -15.09
C GLY D 457 -35.55 -3.97 -15.82
N THR D 458 -36.27 -5.04 -15.97
CA THR D 458 -37.58 -5.02 -16.62
C THR D 458 -38.57 -5.74 -15.71
N LEU D 459 -38.37 -5.63 -14.39
CA LEU D 459 -39.33 -6.21 -13.40
C LEU D 459 -40.40 -5.27 -12.97
N VAL D 460 -39.99 -4.05 -12.54
CA VAL D 460 -40.87 -2.98 -12.11
C VAL D 460 -40.48 -1.68 -12.78
N PRO D 461 -41.46 -0.75 -12.98
CA PRO D 461 -41.25 0.45 -13.76
C PRO D 461 -40.17 1.44 -13.22
N HIS D 462 -40.02 1.52 -11.89
CA HIS D 462 -39.11 2.48 -11.28
C HIS D 462 -37.65 1.96 -11.24
N VAL D 463 -37.39 0.71 -11.53
CA VAL D 463 -35.97 0.22 -11.58
C VAL D 463 -35.64 -0.23 -13.04
N ARG D 464 -34.83 0.54 -13.74
CA ARG D 464 -34.48 0.35 -15.16
C ARG D 464 -32.99 0.16 -15.31
N HIS D 465 -32.63 -0.31 -16.47
CA HIS D 465 -31.20 -0.25 -16.84
C HIS D 465 -30.69 1.19 -17.03
N CYS D 466 -29.45 1.41 -16.60
CA CYS D 466 -28.83 2.72 -16.70
C CYS D 466 -28.60 3.12 -18.18
N GLU D 467 -28.52 4.41 -18.36
CA GLU D 467 -28.26 5.05 -19.66
C GLU D 467 -26.80 4.87 -20.09
N ASP D 468 -25.90 4.87 -19.14
CA ASP D 468 -24.48 4.96 -19.40
C ASP D 468 -23.86 3.61 -19.48
N ILE D 469 -24.37 2.69 -18.67
CA ILE D 469 -23.83 1.36 -18.56
C ILE D 469 -25.05 0.46 -18.50
N SER D 470 -25.40 -0.04 -19.67
CA SER D 470 -26.52 -0.91 -19.88
C SER D 470 -26.79 -2.04 -18.90
N TRP D 471 -25.72 -2.69 -18.48
CA TRP D 471 -25.82 -3.78 -17.57
C TRP D 471 -26.42 -3.33 -16.17
N GLY D 472 -26.11 -2.11 -15.74
CA GLY D 472 -26.43 -1.67 -14.41
C GLY D 472 -27.86 -1.33 -14.21
N LEU D 473 -28.22 -0.98 -12.98
CA LEU D 473 -29.57 -0.56 -12.65
C LEU D 473 -29.63 0.78 -11.97
N LYS D 474 -30.71 1.53 -12.21
CA LYS D 474 -30.94 2.73 -11.44
C LYS D 474 -32.40 2.96 -11.22
N LEU D 475 -32.67 3.73 -10.15
CA LEU D 475 -34.03 4.12 -9.87
C LEU D 475 -34.43 5.31 -10.65
N VAL D 476 -35.66 5.31 -11.13
CA VAL D 476 -36.16 6.40 -11.97
C VAL D 476 -37.56 6.76 -11.43
C2 BGC E . 6.79 -5.78 43.90
C3 BGC E . 7.64 -4.80 44.73
C4 BGC E . 6.97 -4.32 46.05
C5 BGC E . 6.18 -5.42 46.73
C6 BGC E . 5.33 -4.81 47.84
C1 BGC E . 6.17 -6.79 44.84
O1 BGC E . 5.38 -7.74 44.13
O2 BGC E . 7.62 -6.48 42.94
O3 BGC E . 7.93 -3.63 43.92
O4 BGC E . 8.03 -3.97 46.99
O5 BGC E . 5.33 -6.06 45.75
O6 BGC E . 4.59 -5.89 48.43
C2 BGC E . 8.90 -2.49 48.74
C3 BGC E . 9.25 -1.04 49.08
C4 BGC E . 9.66 -0.21 47.86
C5 BGC E . 8.72 -0.43 46.70
C6 BGC E . 9.17 0.44 45.52
C1 BGC E . 8.09 -2.59 47.42
O2 BGC E . 8.09 -3.00 49.83
O3 BGC E . 10.34 -1.00 50.03
O4 BGC E . 9.55 1.22 48.22
O5 BGC E . 8.73 -1.82 46.37
O6 BGC E . 8.36 0.05 44.41
C2 BGC E . 10.63 3.38 47.95
C3 BGC E . 11.98 4.00 47.93
C4 BGC E . 12.67 3.77 49.27
C5 BGC E . 12.67 2.32 49.68
C6 BGC E . 13.07 2.30 51.14
C1 BGC E . 10.82 1.89 48.22
O2 BGC E . 10.05 3.61 46.66
O3 BGC E . 11.87 5.44 47.66
O4 BGC E . 14.06 4.13 49.13
O5 BGC E . 11.36 1.72 49.56
O6 BGC E . 12.93 0.95 51.57
C2 BGC E . 15.93 5.18 50.10
C3 BGC E . 16.43 6.47 50.84
C4 BGC E . 15.81 7.70 50.17
C5 BGC E . 14.30 7.52 50.08
C6 BGC E . 13.68 8.74 49.43
C1 BGC E . 14.40 5.20 49.96
O2 BGC E . 16.26 3.97 50.84
O3 BGC E . 17.89 6.56 50.72
O4 BGC E . 16.04 8.84 50.96
O5 BGC E . 13.95 6.39 49.29
O6 BGC E . 14.30 8.93 48.15
C1 XYS E . 13.30 8.88 47.01
C2 XYS E . 13.99 9.01 45.66
C3 XYS E . 14.66 10.37 45.55
C4 XYS E . 13.63 11.49 45.82
C5 XYS E . 12.92 11.25 47.17
O2 XYS E . 15.03 8.02 45.52
O3 XYS E . 15.22 10.52 44.23
O4 XYS E . 14.36 12.77 45.84
O5 XYS E . 12.38 9.93 47.12
C1 XYS E . 13.10 0.82 53.00
C2 XYS E . 13.41 -0.63 53.31
C3 XYS E . 12.13 -1.41 53.01
C4 XYS E . 11.13 -1.10 54.16
C5 XYS E . 11.28 0.37 54.69
O2 XYS E . 14.50 -1.13 52.52
O3 XYS E . 12.40 -2.82 52.89
O4 XYS E . 9.81 -1.32 53.69
O5 XYS E . 11.82 1.24 53.66
C1 XYS E . 8.50 1.05 43.34
C2 XYS E . 7.25 1.12 42.47
C3 XYS E . 7.04 -0.23 41.80
C4 XYS E . 8.22 -0.61 40.98
C5 XYS E . 9.43 -0.60 41.82
O2 XYS E . 6.05 1.37 43.26
O3 XYS E . 5.85 -0.18 40.99
O4 XYS E . 7.99 -1.94 40.62
O5 XYS E . 9.62 0.70 42.51
C1 GAL E . 5.60 2.77 43.22
C2 GAL E . 4.34 2.91 44.06
C3 GAL E . 3.92 4.43 44.10
C4 GAL E . 5.05 5.26 44.74
C5 GAL E . 6.32 5.06 43.93
C6 GAL E . 7.49 5.70 44.66
O2 GAL E . 3.31 2.15 43.47
O3 GAL E . 2.70 4.60 44.82
O4 GAL E . 5.26 4.81 46.08
O5 GAL E . 6.69 3.66 43.81
O6 GAL E . 7.37 7.06 44.28
O1 MES F . 18.00 21.63 27.06
C2 MES F . 16.95 21.70 28.03
C3 MES F . 16.65 23.16 28.37
N4 MES F . 17.88 23.82 28.86
C5 MES F . 18.87 23.79 27.77
C6 MES F . 19.19 22.33 27.44
C7 MES F . 17.63 25.23 29.29
C8 MES F . 16.79 25.33 30.58
S MES F . 16.80 26.93 31.16
O1S MES F . 16.02 26.97 32.40
O2S MES F . 16.33 27.85 30.10
O3S MES F . 18.17 27.29 31.60
O1 MES G . -16.01 8.72 66.91
C2 MES G . -14.86 9.05 67.68
C3 MES G . -14.26 10.40 67.26
N4 MES G . -14.25 10.56 65.80
C5 MES G . -15.63 10.49 65.29
C6 MES G . -16.60 9.89 66.32
C7 MES G . -13.60 11.85 65.46
C8 MES G . -14.48 12.79 64.63
S MES G . -13.66 13.87 63.62
O1S MES G . -13.66 13.32 62.24
O2S MES G . -14.43 15.14 63.57
O3S MES G . -12.29 14.16 64.07
CL CL H . -9.49 26.12 49.15
CL CL I . -19.60 10.08 29.99
CL CL J . -4.06 0.68 43.37
CL CL K . 15.24 28.30 38.26
CL CL L . -10.20 29.36 24.99
CL CL M . -12.99 12.90 58.45
CL CL N . -2.42 -6.27 50.39
CL CL O . 17.49 3.02 27.70
K K P . -16.57 6.12 29.62
K K Q . -17.51 10.31 53.17
C1 EDO R . 18.27 17.56 52.95
O1 EDO R . 18.21 17.18 51.57
C2 EDO R . 17.23 16.74 53.69
O2 EDO R . 16.18 16.45 52.76
CL CL S . 8.31 -3.44 -28.04
CL CL T . 20.52 -10.06 -46.19
CL CL U . -2.55 -21.61 -23.33
CL CL V . 2.53 -6.47 -56.97
K K W . 13.48 -3.92 -29.02
K K X . 3.96 -1.77 -51.24
O1 MES Y . 38.74 13.48 -7.05
C2 MES Y . 39.40 14.56 -6.39
C3 MES Y . 38.54 15.82 -6.28
N4 MES Y . 37.09 15.61 -5.97
C5 MES Y . 36.88 14.22 -5.53
C6 MES Y . 37.44 13.18 -6.50
C7 MES Y . 36.63 16.67 -5.03
C8 MES Y . 35.23 16.54 -4.42
S MES Y . 34.64 18.05 -3.92
O1S MES Y . 34.06 18.65 -5.13
O2S MES Y . 33.57 17.86 -2.88
O3S MES Y . 35.74 18.88 -3.35
O1 MES Z . 3.03 -9.17 26.64
C2 MES Z . 4.30 -8.57 26.96
C3 MES Z . 4.49 -7.19 26.34
N4 MES Z . 3.94 -7.06 24.96
C5 MES Z . 2.58 -7.64 24.85
C6 MES Z . 2.66 -9.11 25.27
C7 MES Z . 3.98 -5.63 24.60
C8 MES Z . 3.43 -5.35 23.21
S MES Z . 3.92 -3.85 22.63
O1S MES Z . 2.75 -2.96 22.45
O2S MES Z . 4.59 -4.01 21.33
O3S MES Z . 4.83 -3.20 23.61
CL CL AA . 7.30 -10.51 -10.90
CL CL BA . 6.13 -4.32 18.24
CL CL CA . 10.32 10.72 -15.84
CL CL DA . 23.93 -19.04 14.62
K K EA . 11.38 -13.10 -10.17
K K FA . 3.82 -8.64 12.47
K K GA . 12.08 -3.06 -24.90
C1 EDO HA . 30.57 12.57 6.93
O1 EDO HA . 30.13 12.09 8.18
C2 EDO HA . 31.09 11.41 6.08
O2 EDO HA . 32.49 11.09 6.10
C1 GOL IA . 5.88 20.05 -2.22
O1 GOL IA . 6.27 19.92 -0.84
C2 GOL IA . 5.34 18.72 -2.74
O2 GOL IA . 3.91 18.66 -2.81
C3 GOL IA . 5.97 18.43 -4.10
O3 GOL IA . 5.21 17.42 -4.79
O1 MES JA . -25.13 -20.70 5.64
C2 MES JA . -25.56 -19.48 5.04
C3 MES JA . -27.05 -19.25 5.32
N4 MES JA . -27.88 -20.41 4.89
C5 MES JA . -27.36 -21.62 5.54
C6 MES JA . -25.89 -21.81 5.16
C7 MES JA . -29.29 -20.23 5.26
C8 MES JA . -29.92 -19.10 4.46
S MES JA . -31.58 -19.26 4.35
O1S MES JA . -32.17 -18.12 3.60
O2S MES JA . -31.84 -20.51 3.60
O3S MES JA . -32.18 -19.28 5.72
CL CL KA . -18.69 17.66 13.27
CL CL LA . -13.80 9.12 -7.34
CL CL MA . -33.97 3.57 20.30
K K NA . -14.52 15.53 11.17
C1 EDO OA . -19.59 37.14 -34.42
C1 EDO OA . -19.73 36.84 -34.45
O1 EDO OA . -18.82 37.01 -35.64
O1 EDO OA . -20.65 36.37 -33.46
C2 EDO OA . -19.86 38.61 -34.08
C2 EDO OA . -19.17 38.20 -34.05
O2 EDO OA . -18.66 39.37 -33.77
O2 EDO OA . -18.55 38.84 -35.18
C1 GOL PA . -20.15 5.00 28.82
O1 GOL PA . -20.46 3.63 29.06
C2 GOL PA . -21.30 5.78 28.20
O2 GOL PA . -22.35 6.00 29.13
C3 GOL PA . -20.77 7.11 27.67
O3 GOL PA . -19.56 6.86 26.94
#